data_8AY0
#
_entry.id   8AY0
#
_cell.length_a   60.855
_cell.length_b   61.310
_cell.length_c   124.073
_cell.angle_alpha   78.088
_cell.angle_beta   82.672
_cell.angle_gamma   61.597
#
_symmetry.space_group_name_H-M   'P 1'
#
loop_
_entity.id
_entity.type
_entity.pdbx_description
1 polymer 'Dipeptide-binding protein DppE'
2 non-polymer 'L-ALA-GAMMA-D-GLU-MESO-DIAMINOPIMELIC ACID'
3 non-polymer 'MAGNESIUM ION'
4 non-polymer 1,2-ETHANEDIOL
5 water water
#
_entity_poly.entity_id   1
_entity_poly.type   'polypeptide(L)'
_entity_poly.pdbx_seq_one_letter_code
;CTANEQAGKEGSHDKAKTSGEKVLYVNNENEPTSFDPPIGFNNVSWQPLNNIMEGLTRLGKDHEPEPAMAEKWSVSKDNK
TYTFTIRENAKWTNGDPVTAGDFEYAWKRMLDPKKGASSAFLGYFIEGGEAYNSGKGKKDDVKVTAKDDRTLEVTLEAPQ
KYFLSVVSNPAYFPVNEKVDKDNPKWFAESDTFVGNGPFKLTEWKHDDSITMEKSDTYWDKDTVKLDKVKWAMVSDRNTD
YQMFQSGELDTAYVPAELSDQLLDQDNVNIVDQAGLYFYRFNVNMEPFQNENIRKAFAMAVDQEEIVKYVTKNNEKPAHA
FVSPGFTQPDGKDFREAGGDLIKPNESKAKQLLEKGMKEENYNKLPAITLTYSTKPEHKKIAEAIQQKLKNSLGVDVKLA
NMEWNVFLEDQKALKFQFSQSSFLPDYADPISFLEAFQTGNSMNRTGWANKEYDQLIKQAKNEADEKTRFSLMHQAEELL
INEAPIIPVYFYNQVHLQNEQVKGIVRHPVGYIDLKWADKN
;
_entity_poly.pdbx_strand_id   A,B,C
#
loop_
_chem_comp.id
_chem_comp.type
_chem_comp.name
_chem_comp.formula
EDO non-polymer 1,2-ETHANEDIOL 'C2 H6 O2'
MG non-polymer 'MAGNESIUM ION' 'Mg 2'
MHI non-polymer 'L-ALA-GAMMA-D-GLU-MESO-DIAMINOPIMELIC ACID' 'C15 H26 N4 O8'
#
# COMPACT_ATOMS: atom_id res chain seq x y z
N GLU A 21 -21.92 -28.04 -18.93
CA GLU A 21 -21.00 -26.88 -18.79
C GLU A 21 -21.46 -26.01 -17.62
N LYS A 22 -20.52 -25.60 -16.76
CA LYS A 22 -20.82 -24.69 -15.65
C LYS A 22 -20.31 -23.31 -16.02
N VAL A 23 -21.23 -22.35 -16.12
CA VAL A 23 -20.91 -20.99 -16.51
C VAL A 23 -21.44 -20.04 -15.43
N LEU A 24 -20.52 -19.29 -14.79
CA LEU A 24 -20.89 -18.28 -13.82
C LEU A 24 -21.15 -16.96 -14.53
N TYR A 25 -22.33 -16.37 -14.25
CA TYR A 25 -22.73 -15.12 -14.86
C TYR A 25 -22.68 -14.01 -13.82
N VAL A 26 -21.74 -13.08 -14.04
CA VAL A 26 -21.58 -11.91 -13.18
C VAL A 26 -21.67 -10.65 -14.01
N ASN A 27 -21.71 -9.50 -13.32
CA ASN A 27 -21.77 -8.17 -13.93
C ASN A 27 -20.61 -7.31 -13.44
N ASN A 28 -19.71 -6.90 -14.37
CA ASN A 28 -18.57 -6.02 -14.06
C ASN A 28 -18.99 -4.56 -14.08
N GLU A 29 -20.23 -4.31 -14.54
CA GLU A 29 -20.89 -3.01 -14.65
C GLU A 29 -20.35 -2.15 -15.77
N ASN A 30 -19.02 -2.16 -16.00
CA ASN A 30 -18.37 -1.21 -16.89
C ASN A 30 -17.09 -1.84 -17.45
N GLU A 31 -16.48 -1.12 -18.41
CA GLU A 31 -15.25 -1.51 -19.07
C GLU A 31 -14.07 -1.34 -18.11
N PRO A 32 -13.22 -2.37 -17.92
CA PRO A 32 -11.93 -2.17 -17.27
C PRO A 32 -11.16 -0.97 -17.81
N THR A 33 -10.53 -0.19 -16.92
CA THR A 33 -9.67 0.93 -17.26
C THR A 33 -8.46 0.44 -18.05
N SER A 34 -7.89 -0.67 -17.59
CA SER A 34 -6.65 -1.22 -18.13
C SER A 34 -6.46 -2.61 -17.57
N PHE A 35 -5.89 -3.49 -18.41
CA PHE A 35 -5.44 -4.80 -17.97
C PHE A 35 -3.92 -4.85 -17.93
N ASP A 36 -3.23 -3.73 -18.15
CA ASP A 36 -1.81 -3.66 -17.83
C ASP A 36 -1.71 -3.66 -16.32
N PRO A 37 -1.20 -4.72 -15.65
CA PRO A 37 -1.53 -4.91 -14.23
C PRO A 37 -1.42 -3.71 -13.30
N PRO A 38 -0.32 -2.93 -13.25
CA PRO A 38 -0.23 -1.81 -12.29
C PRO A 38 -1.07 -0.57 -12.63
N ILE A 39 -1.68 -0.53 -13.82
CA ILE A 39 -2.28 0.70 -14.34
C ILE A 39 -3.73 0.90 -13.85
N GLY A 40 -4.55 -0.14 -13.92
CA GLY A 40 -5.99 -0.05 -13.61
C GLY A 40 -6.23 0.50 -12.20
N PHE A 41 -5.73 -0.23 -11.21
CA PHE A 41 -5.67 0.26 -9.86
C PHE A 41 -7.08 0.62 -9.39
N ASN A 42 -8.03 -0.25 -9.71
CA ASN A 42 -9.43 0.02 -9.37
C ASN A 42 -10.20 -1.29 -9.48
N ASN A 43 -11.38 -1.31 -8.91
CA ASN A 43 -12.23 -2.48 -8.86
C ASN A 43 -12.65 -2.90 -10.26
N VAL A 44 -12.92 -1.95 -11.14
CA VAL A 44 -13.53 -2.31 -12.42
C VAL A 44 -12.51 -3.09 -13.25
N SER A 45 -11.22 -2.72 -13.10
CA SER A 45 -10.13 -3.39 -13.79
C SER A 45 -9.73 -4.67 -13.07
N TRP A 46 -9.59 -4.57 -11.75
CA TRP A 46 -8.90 -5.62 -11.01
C TRP A 46 -9.77 -6.79 -10.57
N GLN A 47 -11.13 -6.65 -10.56
CA GLN A 47 -11.97 -7.80 -10.24
C GLN A 47 -11.73 -8.89 -11.28
N PRO A 48 -11.90 -8.59 -12.59
CA PRO A 48 -11.59 -9.58 -13.60
C PRO A 48 -10.11 -9.93 -13.68
N LEU A 49 -9.21 -8.93 -13.63
CA LEU A 49 -7.79 -9.22 -13.79
C LEU A 49 -7.31 -10.24 -12.77
N ASN A 50 -7.84 -10.18 -11.55
CA ASN A 50 -7.46 -11.06 -10.45
C ASN A 50 -7.73 -12.53 -10.75
N ASN A 51 -8.61 -12.79 -11.74
CA ASN A 51 -8.98 -14.14 -12.09
C ASN A 51 -8.33 -14.63 -13.37
N ILE A 52 -7.57 -13.80 -14.09
CA ILE A 52 -6.79 -14.24 -15.26
C ILE A 52 -5.29 -14.09 -15.06
N MET A 53 -4.90 -13.46 -13.94
CA MET A 53 -3.49 -13.32 -13.58
C MET A 53 -3.32 -13.87 -12.16
N GLU A 54 -2.04 -14.00 -11.74
CA GLU A 54 -1.74 -14.53 -10.43
C GLU A 54 -0.37 -14.01 -9.93
N GLY A 55 -0.34 -13.62 -8.65
CA GLY A 55 0.89 -13.20 -8.02
C GLY A 55 1.62 -14.33 -7.31
N LEU A 56 2.67 -13.96 -6.57
CA LEU A 56 3.40 -14.93 -5.76
C LEU A 56 2.45 -15.61 -4.76
N THR A 57 1.53 -14.82 -4.18
CA THR A 57 0.51 -15.31 -3.27
C THR A 57 -0.88 -14.95 -3.81
N ARG A 58 -1.87 -15.61 -3.23
CA ARG A 58 -3.27 -15.30 -3.45
C ARG A 58 -3.96 -15.40 -2.08
N LEU A 59 -4.92 -14.51 -1.83
CA LEU A 59 -5.62 -14.54 -0.55
C LEU A 59 -6.61 -15.71 -0.59
N GLY A 60 -6.60 -16.54 0.45
CA GLY A 60 -7.43 -17.73 0.57
C GLY A 60 -8.81 -17.43 1.15
N LYS A 61 -9.50 -18.51 1.56
CA LYS A 61 -10.86 -18.50 2.08
CA LYS A 61 -10.88 -18.40 2.01
C LYS A 61 -10.94 -17.66 3.35
N ASP A 62 -9.83 -17.65 4.12
CA ASP A 62 -9.70 -16.92 5.37
C ASP A 62 -8.96 -15.58 5.18
N HIS A 63 -8.74 -15.18 3.91
CA HIS A 63 -8.20 -13.87 3.54
C HIS A 63 -6.74 -13.75 3.89
N GLU A 64 -6.08 -14.89 4.14
CA GLU A 64 -4.65 -14.88 4.39
C GLU A 64 -3.94 -15.25 3.09
N PRO A 65 -2.74 -14.68 2.87
CA PRO A 65 -1.95 -15.00 1.67
C PRO A 65 -1.45 -16.45 1.71
N GLU A 66 -1.72 -17.16 0.62
CA GLU A 66 -1.29 -18.53 0.50
C GLU A 66 -0.41 -18.66 -0.77
N PRO A 67 0.50 -19.66 -0.79
CA PRO A 67 1.30 -19.93 -1.99
C PRO A 67 0.45 -20.00 -3.25
N ALA A 68 0.82 -19.18 -4.24
CA ALA A 68 0.22 -19.16 -5.57
C ALA A 68 1.34 -19.41 -6.59
N MET A 69 1.88 -18.35 -7.24
CA MET A 69 3.03 -18.57 -8.14
C MET A 69 4.27 -19.01 -7.36
N ALA A 70 4.42 -18.53 -6.12
CA ALA A 70 5.46 -19.03 -5.23
C ALA A 70 4.93 -20.26 -4.51
N GLU A 71 5.69 -21.35 -4.55
CA GLU A 71 5.25 -22.52 -3.79
C GLU A 71 5.66 -22.42 -2.31
N LYS A 72 6.70 -21.62 -2.01
CA LYS A 72 7.14 -21.39 -0.65
C LYS A 72 8.07 -20.17 -0.63
N TRP A 73 8.44 -19.76 0.59
CA TRP A 73 9.33 -18.62 0.79
C TRP A 73 10.18 -18.84 2.02
N SER A 74 11.26 -18.05 2.11
CA SER A 74 12.09 -17.98 3.29
C SER A 74 12.26 -16.50 3.61
N VAL A 75 12.27 -16.12 4.88
CA VAL A 75 12.47 -14.75 5.28
C VAL A 75 13.71 -14.70 6.16
N SER A 76 14.59 -13.75 5.88
CA SER A 76 15.81 -13.54 6.65
C SER A 76 15.51 -13.17 8.10
N LYS A 77 16.53 -13.33 8.95
CA LYS A 77 16.38 -13.08 10.38
C LYS A 77 15.97 -11.63 10.68
N ASP A 78 16.46 -10.68 9.89
CA ASP A 78 16.12 -9.27 10.05
C ASP A 78 14.76 -8.95 9.45
N ASN A 79 14.04 -9.93 8.89
CA ASN A 79 12.68 -9.73 8.41
C ASN A 79 12.60 -8.77 7.22
N LYS A 80 13.72 -8.58 6.50
CA LYS A 80 13.71 -7.70 5.34
C LYS A 80 13.90 -8.42 4.02
N THR A 81 14.56 -9.58 3.98
CA THR A 81 14.79 -10.21 2.68
C THR A 81 13.93 -11.47 2.58
N TYR A 82 13.06 -11.46 1.56
CA TYR A 82 12.21 -12.58 1.17
C TYR A 82 12.82 -13.31 -0.03
N THR A 83 12.96 -14.64 0.09
CA THR A 83 13.36 -15.47 -1.02
C THR A 83 12.20 -16.39 -1.37
N PHE A 84 11.64 -16.20 -2.57
CA PHE A 84 10.52 -16.97 -3.08
C PHE A 84 11.01 -18.04 -4.06
N THR A 85 10.48 -19.27 -3.89
CA THR A 85 10.62 -20.33 -4.85
C THR A 85 9.37 -20.42 -5.71
N ILE A 86 9.54 -20.26 -7.02
CA ILE A 86 8.45 -20.31 -7.96
C ILE A 86 8.00 -21.75 -8.18
N ARG A 87 6.68 -21.93 -8.25
CA ARG A 87 6.11 -23.23 -8.52
C ARG A 87 6.69 -23.92 -9.77
N GLU A 88 7.14 -25.17 -9.60
CA GLU A 88 7.44 -26.02 -10.72
C GLU A 88 6.27 -26.03 -11.67
N ASN A 89 6.58 -25.90 -12.94
CA ASN A 89 5.57 -26.12 -13.96
C ASN A 89 4.46 -25.05 -13.92
N ALA A 90 4.73 -23.89 -13.28
CA ALA A 90 3.89 -22.71 -13.50
C ALA A 90 4.13 -22.19 -14.91
N LYS A 91 3.03 -21.99 -15.65
CA LYS A 91 3.10 -21.59 -17.04
C LYS A 91 2.13 -20.46 -17.34
N TRP A 92 2.54 -19.65 -18.32
CA TRP A 92 1.69 -18.70 -19.02
C TRP A 92 0.75 -19.44 -19.98
N THR A 93 -0.30 -18.76 -20.41
CA THR A 93 -1.27 -19.30 -21.36
C THR A 93 -0.62 -19.63 -22.70
N ASN A 94 0.52 -19.02 -23.02
CA ASN A 94 1.22 -19.30 -24.27
C ASN A 94 2.18 -20.49 -24.12
N GLY A 95 2.18 -21.17 -22.97
CA GLY A 95 3.06 -22.30 -22.73
C GLY A 95 4.40 -21.91 -22.13
N ASP A 96 4.80 -20.62 -22.17
CA ASP A 96 6.04 -20.21 -21.54
C ASP A 96 6.00 -20.46 -20.04
N PRO A 97 7.16 -20.82 -19.42
CA PRO A 97 7.29 -20.85 -17.98
C PRO A 97 7.12 -19.47 -17.37
N VAL A 98 6.43 -19.44 -16.22
CA VAL A 98 6.47 -18.30 -15.31
C VAL A 98 7.78 -18.36 -14.54
N THR A 99 8.62 -17.33 -14.71
CA THR A 99 9.94 -17.32 -14.10
C THR A 99 10.02 -16.24 -13.03
N ALA A 100 11.02 -16.38 -12.17
CA ALA A 100 11.40 -15.30 -11.26
C ALA A 100 11.75 -14.05 -12.08
N GLY A 101 12.36 -14.22 -13.26
CA GLY A 101 12.65 -13.06 -14.12
C GLY A 101 11.41 -12.23 -14.48
N ASP A 102 10.27 -12.90 -14.70
CA ASP A 102 9.02 -12.19 -15.02
C ASP A 102 8.56 -11.30 -13.87
N PHE A 103 8.83 -11.71 -12.62
CA PHE A 103 8.49 -10.91 -11.47
C PHE A 103 9.47 -9.73 -11.33
N GLU A 104 10.78 -10.01 -11.39
CA GLU A 104 11.75 -8.93 -11.33
C GLU A 104 11.41 -7.86 -12.38
N TYR A 105 11.13 -8.33 -13.61
CA TYR A 105 10.84 -7.43 -14.70
C TYR A 105 9.59 -6.61 -14.38
N ALA A 106 8.53 -7.32 -13.94
CA ALA A 106 7.25 -6.65 -13.70
C ALA A 106 7.40 -5.58 -12.62
N TRP A 107 8.13 -5.90 -11.55
CA TRP A 107 8.17 -5.00 -10.42
C TRP A 107 9.00 -3.75 -10.75
N LYS A 108 10.11 -3.93 -11.47
CA LYS A 108 10.88 -2.79 -11.93
C LYS A 108 10.09 -1.96 -12.94
N ARG A 109 9.30 -2.65 -13.76
CA ARG A 109 8.40 -2.03 -14.73
C ARG A 109 7.33 -1.15 -14.06
N MET A 110 6.74 -1.66 -12.98
CA MET A 110 5.67 -0.90 -12.35
C MET A 110 6.25 0.35 -11.69
N LEU A 111 7.53 0.32 -11.28
CA LEU A 111 8.19 1.43 -10.61
C LEU A 111 8.78 2.45 -11.59
N ASP A 112 8.81 2.10 -12.88
CA ASP A 112 9.45 2.92 -13.88
C ASP A 112 8.73 4.25 -13.96
N PRO A 113 9.41 5.38 -13.68
CA PRO A 113 8.74 6.69 -13.69
C PRO A 113 8.11 6.97 -15.06
N LYS A 114 8.72 6.47 -16.14
CA LYS A 114 8.21 6.82 -17.47
C LYS A 114 6.81 6.23 -17.66
N LYS A 115 6.50 5.16 -16.93
CA LYS A 115 5.25 4.46 -17.08
C LYS A 115 4.09 5.20 -16.39
N GLY A 116 4.40 5.91 -15.33
CA GLY A 116 3.42 6.72 -14.60
C GLY A 116 2.28 5.91 -13.98
N ALA A 117 2.57 4.69 -13.51
CA ALA A 117 1.54 3.88 -12.89
C ALA A 117 1.10 4.53 -11.57
N SER A 118 -0.21 4.69 -11.38
CA SER A 118 -0.67 5.30 -10.13
C SER A 118 -0.35 4.45 -8.91
N SER A 119 -0.23 3.13 -9.11
CA SER A 119 0.06 2.17 -8.07
C SER A 119 1.56 2.09 -7.72
N ALA A 120 2.42 2.87 -8.38
CA ALA A 120 3.88 2.68 -8.26
C ALA A 120 4.34 2.77 -6.80
N PHE A 121 3.70 3.63 -5.97
CA PHE A 121 4.08 3.75 -4.57
C PHE A 121 4.06 2.39 -3.83
N LEU A 122 3.20 1.43 -4.24
CA LEU A 122 3.15 0.13 -3.61
C LEU A 122 4.50 -0.59 -3.75
N GLY A 123 5.22 -0.26 -4.81
CA GLY A 123 6.57 -0.81 -4.95
C GLY A 123 7.61 -0.19 -4.02
N TYR A 124 7.27 0.89 -3.29
CA TYR A 124 8.22 1.53 -2.40
C TYR A 124 8.53 0.64 -1.19
N PHE A 125 7.79 -0.47 -0.99
CA PHE A 125 8.20 -1.36 0.07
C PHE A 125 9.59 -1.93 -0.24
N ILE A 126 9.90 -2.04 -1.52
CA ILE A 126 11.15 -2.64 -1.96
C ILE A 126 12.28 -1.63 -1.75
N GLU A 127 13.38 -2.07 -1.15
CA GLU A 127 14.56 -1.17 -1.05
C GLU A 127 14.91 -0.61 -2.44
N GLY A 128 15.08 0.72 -2.52
CA GLY A 128 15.47 1.33 -3.78
C GLY A 128 14.30 1.71 -4.68
N GLY A 129 13.09 1.24 -4.31
CA GLY A 129 11.94 1.47 -5.16
C GLY A 129 11.54 2.95 -5.26
N GLU A 130 11.41 3.58 -4.10
CA GLU A 130 11.01 4.99 -4.08
C GLU A 130 12.06 5.82 -4.83
N ALA A 131 13.34 5.54 -4.57
CA ALA A 131 14.43 6.27 -5.25
C ALA A 131 14.34 6.13 -6.76
N TYR A 132 14.09 4.92 -7.26
CA TYR A 132 14.01 4.71 -8.70
C TYR A 132 12.81 5.46 -9.30
N ASN A 133 11.66 5.35 -8.61
CA ASN A 133 10.43 5.92 -9.11
C ASN A 133 10.49 7.46 -9.11
N SER A 134 11.30 8.00 -8.21
CA SER A 134 11.38 9.43 -8.01
C SER A 134 12.55 10.02 -8.80
N GLY A 135 13.31 9.19 -9.53
CA GLY A 135 14.44 9.61 -10.35
C GLY A 135 15.72 9.90 -9.58
N LYS A 136 15.82 9.39 -8.33
CA LYS A 136 16.96 9.64 -7.47
C LYS A 136 17.81 8.38 -7.28
N GLY A 137 17.41 7.30 -7.98
CA GLY A 137 18.06 6.00 -7.83
C GLY A 137 18.01 5.23 -9.15
N LYS A 138 18.92 4.26 -9.28
CA LYS A 138 18.97 3.44 -10.47
C LYS A 138 17.99 2.25 -10.40
N LYS A 139 17.55 1.86 -11.58
CA LYS A 139 16.67 0.72 -11.76
C LYS A 139 17.27 -0.52 -11.10
N ASP A 140 18.59 -0.73 -11.24
CA ASP A 140 19.07 -2.00 -10.71
C ASP A 140 19.56 -1.93 -9.28
N ASP A 141 19.36 -0.79 -8.62
CA ASP A 141 19.45 -0.66 -7.18
C ASP A 141 18.07 -0.86 -6.55
N VAL A 142 17.06 -1.21 -7.36
CA VAL A 142 15.80 -1.72 -6.79
C VAL A 142 16.05 -3.20 -6.42
N LYS A 143 15.89 -3.52 -5.13
CA LYS A 143 16.35 -4.80 -4.60
C LYS A 143 15.32 -5.91 -4.82
N VAL A 144 15.05 -6.19 -6.09
CA VAL A 144 14.38 -7.41 -6.53
C VAL A 144 15.22 -8.01 -7.64
N THR A 145 15.58 -9.29 -7.47
CA THR A 145 16.48 -9.98 -8.39
C THR A 145 16.09 -11.44 -8.52
N ALA A 146 15.97 -11.92 -9.76
CA ALA A 146 15.86 -13.34 -10.04
C ALA A 146 17.26 -13.97 -9.89
N LYS A 147 17.42 -14.81 -8.88
CA LYS A 147 18.68 -15.52 -8.68
C LYS A 147 18.83 -16.65 -9.70
N ASP A 148 17.73 -17.33 -10.04
CA ASP A 148 17.67 -18.27 -11.15
C ASP A 148 16.22 -18.26 -11.62
N ASP A 149 15.83 -19.15 -12.53
CA ASP A 149 14.49 -19.07 -13.08
C ASP A 149 13.42 -19.35 -12.03
N ARG A 150 13.75 -19.97 -10.89
CA ARG A 150 12.71 -20.35 -9.95
CA ARG A 150 12.70 -20.36 -9.95
C ARG A 150 12.91 -19.68 -8.59
N THR A 151 13.83 -18.69 -8.52
CA THR A 151 14.17 -18.09 -7.23
C THR A 151 14.18 -16.58 -7.35
N LEU A 152 13.26 -15.94 -6.61
CA LEU A 152 13.13 -14.48 -6.59
C LEU A 152 13.49 -13.93 -5.21
N GLU A 153 14.49 -13.05 -5.15
CA GLU A 153 14.92 -12.47 -3.89
C GLU A 153 14.51 -11.00 -3.88
N VAL A 154 13.88 -10.55 -2.79
CA VAL A 154 13.47 -9.17 -2.67
C VAL A 154 13.84 -8.70 -1.29
N THR A 155 14.48 -7.51 -1.22
CA THR A 155 14.82 -6.92 0.08
C THR A 155 13.99 -5.65 0.27
N LEU A 156 13.31 -5.56 1.42
CA LEU A 156 12.46 -4.45 1.76
C LEU A 156 13.27 -3.33 2.41
N GLU A 157 12.76 -2.09 2.33
CA GLU A 157 13.32 -0.93 3.04
C GLU A 157 13.28 -1.21 4.55
N ALA A 158 12.19 -1.82 5.03
CA ALA A 158 12.04 -2.16 6.44
C ALA A 158 11.14 -3.37 6.54
N PRO A 159 11.10 -4.07 7.69
CA PRO A 159 10.19 -5.19 7.87
C PRO A 159 8.76 -4.75 7.60
N GLN A 160 7.98 -5.65 6.98
CA GLN A 160 6.58 -5.37 6.64
C GLN A 160 5.74 -6.60 6.84
N LYS A 161 4.94 -6.59 7.91
CA LYS A 161 4.22 -7.81 8.21
C LYS A 161 3.18 -8.13 7.12
N TYR A 162 2.71 -7.14 6.35
CA TYR A 162 1.72 -7.41 5.32
C TYR A 162 2.36 -7.64 3.95
N PHE A 163 3.69 -7.79 3.86
CA PHE A 163 4.28 -7.95 2.54
C PHE A 163 3.73 -9.17 1.79
N LEU A 164 3.56 -10.32 2.44
CA LEU A 164 3.01 -11.49 1.77
C LEU A 164 1.59 -11.22 1.26
N SER A 165 0.83 -10.32 1.91
CA SER A 165 -0.47 -9.91 1.37
C SER A 165 -0.32 -8.97 0.17
N VAL A 166 0.65 -8.07 0.25
CA VAL A 166 0.88 -7.07 -0.79
C VAL A 166 1.22 -7.76 -2.11
N VAL A 167 1.96 -8.89 -2.06
CA VAL A 167 2.32 -9.55 -3.29
C VAL A 167 1.19 -10.38 -3.91
N SER A 168 -0.02 -10.36 -3.32
CA SER A 168 -1.22 -10.83 -4.00
C SER A 168 -1.94 -9.68 -4.72
N ASN A 169 -1.45 -8.45 -4.54
CA ASN A 169 -2.07 -7.28 -5.14
C ASN A 169 -1.78 -7.27 -6.63
N PRO A 170 -2.75 -6.93 -7.51
CA PRO A 170 -2.47 -6.91 -8.95
C PRO A 170 -1.28 -6.06 -9.40
N ALA A 171 -0.93 -5.01 -8.65
CA ALA A 171 0.21 -4.19 -8.98
C ALA A 171 1.48 -5.02 -8.99
N TYR A 172 1.49 -6.09 -8.19
CA TYR A 172 2.66 -6.96 -8.03
C TYR A 172 2.56 -8.18 -8.93
N PHE A 173 1.55 -8.26 -9.82
CA PHE A 173 1.46 -9.39 -10.72
C PHE A 173 2.65 -9.42 -11.67
N PRO A 174 3.06 -10.63 -12.09
CA PRO A 174 4.13 -10.76 -13.10
C PRO A 174 3.60 -10.32 -14.47
N VAL A 175 4.54 -10.04 -15.38
CA VAL A 175 4.22 -9.92 -16.80
C VAL A 175 5.24 -10.79 -17.53
N ASN A 176 4.77 -11.42 -18.63
CA ASN A 176 5.66 -12.25 -19.46
C ASN A 176 6.56 -11.28 -20.20
N GLU A 177 7.84 -11.25 -19.81
CA GLU A 177 8.80 -10.29 -20.31
C GLU A 177 8.97 -10.39 -21.83
N LYS A 178 9.07 -11.64 -22.31
CA LYS A 178 9.18 -11.91 -23.75
C LYS A 178 8.01 -11.29 -24.51
N VAL A 179 6.78 -11.52 -24.01
CA VAL A 179 5.55 -11.03 -24.62
C VAL A 179 5.50 -9.51 -24.55
N ASP A 180 5.87 -8.93 -23.39
CA ASP A 180 5.78 -7.49 -23.21
C ASP A 180 6.71 -6.76 -24.17
N LYS A 181 7.93 -7.27 -24.37
CA LYS A 181 8.85 -6.62 -25.29
C LYS A 181 8.42 -6.81 -26.75
N ASP A 182 7.81 -7.95 -27.08
CA ASP A 182 7.39 -8.23 -28.45
C ASP A 182 6.19 -7.37 -28.84
N ASN A 183 5.29 -7.14 -27.88
CA ASN A 183 4.09 -6.34 -28.10
C ASN A 183 3.72 -5.61 -26.81
N PRO A 184 4.21 -4.36 -26.64
CA PRO A 184 3.95 -3.57 -25.43
C PRO A 184 2.49 -3.25 -25.14
N LYS A 185 1.58 -3.62 -26.05
CA LYS A 185 0.15 -3.40 -25.85
C LYS A 185 -0.59 -4.74 -25.77
N TRP A 186 0.11 -5.81 -25.37
CA TRP A 186 -0.46 -7.15 -25.34
C TRP A 186 -1.74 -7.22 -24.50
N PHE A 187 -1.81 -6.39 -23.45
CA PHE A 187 -2.88 -6.50 -22.46
C PHE A 187 -4.18 -5.84 -22.94
N ALA A 188 -4.13 -5.19 -24.12
CA ALA A 188 -5.23 -4.37 -24.60
C ALA A 188 -6.36 -5.17 -25.25
N GLU A 189 -6.14 -6.46 -25.62
CA GLU A 189 -7.18 -7.28 -26.22
C GLU A 189 -7.05 -8.75 -25.82
N SER A 190 -8.16 -9.50 -25.86
CA SER A 190 -8.12 -10.92 -25.58
C SER A 190 -7.18 -11.65 -26.55
N ASP A 191 -7.19 -11.24 -27.84
CA ASP A 191 -6.41 -11.92 -28.87
C ASP A 191 -4.91 -11.95 -28.56
N THR A 192 -4.38 -10.95 -27.85
CA THR A 192 -2.96 -10.81 -27.61
C THR A 192 -2.59 -11.06 -26.14
N PHE A 193 -3.59 -11.23 -25.28
CA PHE A 193 -3.38 -11.31 -23.84
C PHE A 193 -2.63 -12.60 -23.51
N VAL A 194 -1.69 -12.52 -22.56
CA VAL A 194 -1.01 -13.71 -22.07
C VAL A 194 -1.05 -13.67 -20.55
N GLY A 195 -1.71 -14.66 -19.95
CA GLY A 195 -1.93 -14.67 -18.51
C GLY A 195 -1.47 -15.93 -17.79
N ASN A 196 -1.56 -15.92 -16.46
CA ASN A 196 -1.04 -17.02 -15.65
C ASN A 196 -2.02 -17.46 -14.56
N GLY A 197 -3.27 -16.95 -14.58
CA GLY A 197 -4.19 -17.21 -13.49
C GLY A 197 -5.18 -18.34 -13.76
N PRO A 198 -6.16 -18.55 -12.87
CA PRO A 198 -7.04 -19.74 -12.94
C PRO A 198 -7.95 -19.81 -14.17
N PHE A 199 -8.26 -18.65 -14.75
CA PHE A 199 -9.05 -18.58 -15.97
C PHE A 199 -8.24 -17.93 -17.07
N LYS A 200 -8.59 -18.26 -18.32
CA LYS A 200 -7.99 -17.62 -19.48
C LYS A 200 -8.96 -16.63 -20.11
N LEU A 201 -8.48 -15.42 -20.46
CA LEU A 201 -9.31 -14.45 -21.15
C LEU A 201 -9.58 -14.96 -22.57
N THR A 202 -10.85 -15.29 -22.90
CA THR A 202 -11.12 -15.81 -24.24
C THR A 202 -11.87 -14.81 -25.12
N GLU A 203 -12.55 -13.82 -24.52
CA GLU A 203 -13.23 -12.80 -25.28
C GLU A 203 -13.32 -11.53 -24.44
N TRP A 204 -13.03 -10.41 -25.09
CA TRP A 204 -13.21 -9.08 -24.52
C TRP A 204 -13.80 -8.16 -25.58
N LYS A 205 -15.14 -8.04 -25.52
CA LYS A 205 -15.86 -7.08 -26.34
C LYS A 205 -15.90 -5.78 -25.54
N HIS A 206 -15.07 -4.82 -25.93
CA HIS A 206 -14.90 -3.59 -25.19
C HIS A 206 -16.25 -2.91 -24.98
N ASP A 207 -16.56 -2.59 -23.72
CA ASP A 207 -17.79 -1.89 -23.34
C ASP A 207 -19.03 -2.79 -23.37
N ASP A 208 -18.89 -4.07 -23.75
CA ASP A 208 -20.01 -5.00 -23.76
C ASP A 208 -19.81 -6.12 -22.77
N SER A 209 -18.80 -6.99 -22.97
CA SER A 209 -18.67 -8.17 -22.12
C SER A 209 -17.25 -8.71 -22.09
N ILE A 210 -17.00 -9.55 -21.08
CA ILE A 210 -15.78 -10.32 -20.95
C ILE A 210 -16.14 -11.78 -20.77
N THR A 211 -15.44 -12.66 -21.48
CA THR A 211 -15.56 -14.08 -21.23
C THR A 211 -14.19 -14.66 -20.89
N MET A 212 -14.17 -15.49 -19.87
CA MET A 212 -12.98 -16.26 -19.51
C MET A 212 -13.40 -17.71 -19.32
N GLU A 213 -12.45 -18.60 -19.64
CA GLU A 213 -12.64 -20.04 -19.57
C GLU A 213 -11.62 -20.63 -18.60
N LYS A 214 -11.95 -21.74 -17.95
CA LYS A 214 -10.98 -22.45 -17.14
C LYS A 214 -9.69 -22.68 -17.93
N SER A 215 -8.51 -22.34 -17.35
CA SER A 215 -7.28 -22.28 -18.11
C SER A 215 -6.62 -23.65 -18.11
N ASP A 216 -6.35 -24.23 -19.29
CA ASP A 216 -5.84 -25.59 -19.28
C ASP A 216 -4.32 -25.60 -19.09
N THR A 217 -3.68 -24.41 -18.99
CA THR A 217 -2.25 -24.31 -18.69
C THR A 217 -1.97 -24.01 -17.21
N TYR A 218 -3.02 -23.80 -16.41
CA TYR A 218 -2.88 -23.37 -15.04
C TYR A 218 -2.43 -24.51 -14.15
N TRP A 219 -1.46 -24.22 -13.26
CA TRP A 219 -0.84 -25.19 -12.38
C TRP A 219 -1.84 -25.90 -11.48
N ASP A 220 -2.91 -25.21 -11.08
CA ASP A 220 -3.86 -25.76 -10.13
C ASP A 220 -5.22 -25.97 -10.79
N LYS A 221 -5.22 -26.31 -12.08
CA LYS A 221 -6.43 -26.37 -12.88
C LYS A 221 -7.41 -27.42 -12.33
N ASP A 222 -6.92 -28.45 -11.63
CA ASP A 222 -7.81 -29.49 -11.13
C ASP A 222 -8.68 -28.93 -10.02
N THR A 223 -8.29 -27.80 -9.38
CA THR A 223 -9.09 -27.21 -8.33
C THR A 223 -10.28 -26.44 -8.94
N VAL A 224 -10.13 -25.99 -10.18
CA VAL A 224 -11.05 -25.04 -10.75
C VAL A 224 -12.25 -25.83 -11.28
N LYS A 225 -13.45 -25.56 -10.74
CA LYS A 225 -14.63 -26.36 -11.02
C LYS A 225 -15.50 -25.72 -12.12
N LEU A 226 -15.51 -24.39 -12.23
CA LEU A 226 -16.21 -23.69 -13.30
C LEU A 226 -15.51 -23.86 -14.64
N ASP A 227 -16.33 -23.98 -15.71
CA ASP A 227 -15.84 -24.00 -17.07
C ASP A 227 -15.62 -22.60 -17.61
N LYS A 228 -16.51 -21.66 -17.25
CA LYS A 228 -16.49 -20.32 -17.80
C LYS A 228 -17.03 -19.32 -16.76
N VAL A 229 -16.55 -18.07 -16.88
CA VAL A 229 -17.15 -16.94 -16.21
C VAL A 229 -17.43 -15.88 -17.28
N LYS A 230 -18.67 -15.38 -17.31
CA LYS A 230 -19.05 -14.33 -18.23
C LYS A 230 -19.33 -13.07 -17.43
N TRP A 231 -18.75 -11.95 -17.87
CA TRP A 231 -18.87 -10.67 -17.20
C TRP A 231 -19.62 -9.70 -18.11
N ALA A 232 -20.82 -9.34 -17.67
CA ALA A 232 -21.58 -8.29 -18.35
C ALA A 232 -21.00 -6.93 -17.97
N MET A 233 -21.46 -5.88 -18.65
CA MET A 233 -21.15 -4.50 -18.35
C MET A 233 -22.44 -3.67 -18.35
N VAL A 234 -23.29 -3.96 -17.38
CA VAL A 234 -24.58 -3.28 -17.20
C VAL A 234 -24.46 -2.35 -16.01
N SER A 235 -24.52 -1.04 -16.24
CA SER A 235 -24.17 -0.05 -15.21
C SER A 235 -25.36 0.36 -14.32
N ASP A 236 -26.58 0.01 -14.72
CA ASP A 236 -27.77 0.30 -13.92
C ASP A 236 -28.09 -0.87 -12.99
N ARG A 237 -27.96 -0.65 -11.67
CA ARG A 237 -28.22 -1.68 -10.66
C ARG A 237 -29.69 -2.12 -10.68
N ASN A 238 -30.60 -1.32 -11.27
CA ASN A 238 -31.96 -1.81 -11.47
C ASN A 238 -32.05 -2.90 -12.53
N THR A 239 -31.34 -2.69 -13.65
CA THR A 239 -31.29 -3.66 -14.75
C THR A 239 -30.55 -4.92 -14.29
N ASP A 240 -29.47 -4.75 -13.51
CA ASP A 240 -28.80 -5.82 -12.79
C ASP A 240 -29.80 -6.71 -12.03
N TYR A 241 -30.62 -6.09 -11.16
CA TYR A 241 -31.57 -6.82 -10.35
C TYR A 241 -32.58 -7.54 -11.25
N GLN A 242 -32.98 -6.91 -12.36
CA GLN A 242 -33.90 -7.53 -13.30
C GLN A 242 -33.26 -8.76 -13.93
N MET A 243 -31.97 -8.64 -14.30
CA MET A 243 -31.21 -9.76 -14.84
C MET A 243 -31.08 -10.89 -13.83
N PHE A 244 -30.93 -10.56 -12.55
CA PHE A 244 -30.94 -11.58 -11.51
C PHE A 244 -32.30 -12.28 -11.39
N GLN A 245 -33.41 -11.52 -11.43
CA GLN A 245 -34.74 -12.11 -11.31
C GLN A 245 -35.07 -13.02 -12.50
N SER A 246 -34.55 -12.68 -13.68
CA SER A 246 -34.78 -13.44 -14.91
C SER A 246 -33.85 -14.64 -15.05
N GLY A 247 -32.85 -14.76 -14.16
CA GLY A 247 -31.89 -15.86 -14.23
C GLY A 247 -30.63 -15.55 -15.06
N GLU A 248 -30.49 -14.33 -15.58
CA GLU A 248 -29.38 -13.97 -16.48
C GLU A 248 -28.09 -13.64 -15.71
N LEU A 249 -28.16 -13.49 -14.38
CA LEU A 249 -26.99 -13.28 -13.54
C LEU A 249 -27.06 -14.21 -12.35
N ASP A 250 -25.89 -14.71 -11.90
CA ASP A 250 -25.83 -15.57 -10.73
C ASP A 250 -25.58 -14.74 -9.46
N THR A 251 -25.13 -13.50 -9.65
CA THR A 251 -24.82 -12.61 -8.53
C THR A 251 -25.36 -11.24 -8.91
N ALA A 252 -25.79 -10.45 -7.92
CA ALA A 252 -26.33 -9.14 -8.23
C ALA A 252 -26.35 -8.24 -6.99
N TYR A 253 -26.57 -6.96 -7.26
CA TYR A 253 -26.69 -5.96 -6.21
C TYR A 253 -28.10 -6.02 -5.62
N VAL A 254 -28.24 -5.49 -4.41
CA VAL A 254 -29.55 -5.27 -3.78
C VAL A 254 -30.00 -3.84 -4.07
N PRO A 255 -31.10 -3.59 -4.81
CA PRO A 255 -31.50 -2.22 -5.14
C PRO A 255 -31.91 -1.49 -3.86
N ALA A 256 -31.57 -0.18 -3.80
CA ALA A 256 -31.88 0.64 -2.63
C ALA A 256 -33.38 0.64 -2.36
N GLU A 257 -34.19 0.84 -3.40
CA GLU A 257 -35.61 1.07 -3.21
C GLU A 257 -36.33 -0.26 -2.94
N LEU A 258 -35.58 -1.39 -2.89
CA LEU A 258 -36.13 -2.65 -2.39
C LEU A 258 -35.48 -3.05 -1.07
N SER A 259 -36.14 -3.97 -0.34
CA SER A 259 -35.95 -4.22 1.08
C SER A 259 -37.17 -4.94 1.67
N ASP A 266 -32.50 -15.03 2.91
CA ASP A 266 -31.64 -16.19 2.53
C ASP A 266 -30.92 -15.93 1.22
N ASN A 267 -31.52 -15.06 0.39
CA ASN A 267 -31.01 -14.73 -0.93
C ASN A 267 -29.80 -13.80 -0.81
N VAL A 268 -29.67 -13.12 0.34
CA VAL A 268 -28.84 -11.95 0.52
C VAL A 268 -27.63 -12.30 1.38
N ASN A 269 -26.46 -11.85 0.93
CA ASN A 269 -25.18 -12.16 1.56
C ASN A 269 -24.51 -10.84 1.93
N ILE A 270 -24.27 -10.61 3.22
CA ILE A 270 -23.64 -9.37 3.65
C ILE A 270 -22.21 -9.72 4.06
N VAL A 271 -21.27 -9.01 3.44
CA VAL A 271 -19.87 -9.32 3.58
C VAL A 271 -19.14 -7.97 3.67
N ASP A 272 -18.12 -7.91 4.52
CA ASP A 272 -17.42 -6.65 4.77
C ASP A 272 -16.58 -6.26 3.56
N GLN A 273 -16.36 -4.94 3.43
CA GLN A 273 -15.39 -4.38 2.51
C GLN A 273 -14.86 -3.08 3.11
N ALA A 274 -13.55 -3.03 3.37
CA ALA A 274 -12.89 -1.80 3.83
C ALA A 274 -12.90 -0.75 2.72
N GLY A 275 -12.90 0.52 3.16
CA GLY A 275 -12.75 1.66 2.27
C GLY A 275 -13.95 2.60 2.41
N LEU A 276 -13.96 3.66 1.59
CA LEU A 276 -15.05 4.62 1.69
C LEU A 276 -15.29 5.34 0.38
N TYR A 277 -16.55 5.81 0.34
CA TYR A 277 -17.05 6.81 -0.59
C TYR A 277 -16.82 8.20 0.03
N PHE A 278 -16.24 9.13 -0.73
CA PHE A 278 -15.99 10.47 -0.23
C PHE A 278 -15.99 11.46 -1.40
N TYR A 279 -15.84 12.74 -1.06
CA TYR A 279 -15.62 13.80 -2.04
C TYR A 279 -14.28 14.46 -1.77
N ARG A 280 -13.61 14.88 -2.86
CA ARG A 280 -12.39 15.65 -2.81
C ARG A 280 -12.67 17.10 -3.23
N PHE A 281 -12.05 18.04 -2.53
CA PHE A 281 -11.93 19.39 -3.02
C PHE A 281 -10.61 19.52 -3.75
N ASN A 282 -10.49 20.54 -4.62
CA ASN A 282 -9.19 20.98 -5.08
C ASN A 282 -8.84 22.26 -4.33
N VAL A 283 -7.81 22.21 -3.48
CA VAL A 283 -7.48 23.31 -2.58
C VAL A 283 -6.79 24.46 -3.35
N ASN A 284 -6.52 24.30 -4.65
CA ASN A 284 -5.97 25.38 -5.46
C ASN A 284 -6.99 25.91 -6.47
N MET A 285 -8.28 25.59 -6.30
CA MET A 285 -9.32 26.16 -7.13
C MET A 285 -10.28 26.92 -6.23
N GLU A 286 -10.61 28.16 -6.62
CA GLU A 286 -11.58 28.95 -5.86
C GLU A 286 -12.91 28.21 -5.80
N PRO A 287 -13.68 28.23 -4.66
CA PRO A 287 -13.31 28.87 -3.40
C PRO A 287 -12.62 28.01 -2.33
N PHE A 288 -12.10 26.85 -2.77
CA PHE A 288 -11.62 25.82 -1.86
C PHE A 288 -10.17 26.00 -1.43
N GLN A 289 -9.54 27.11 -1.80
CA GLN A 289 -8.31 27.54 -1.14
C GLN A 289 -8.52 27.93 0.32
N ASN A 290 -9.76 28.26 0.68
CA ASN A 290 -10.03 28.74 2.00
C ASN A 290 -10.52 27.60 2.89
N GLU A 291 -9.78 27.34 3.99
CA GLU A 291 -10.05 26.18 4.84
C GLU A 291 -11.44 26.28 5.48
N ASN A 292 -11.89 27.48 5.90
CA ASN A 292 -13.20 27.63 6.49
C ASN A 292 -14.33 27.27 5.52
N ILE A 293 -14.17 27.63 4.23
CA ILE A 293 -15.17 27.28 3.23
C ILE A 293 -15.24 25.76 3.06
N ARG A 294 -14.07 25.10 2.96
CA ARG A 294 -14.03 23.64 2.90
C ARG A 294 -14.72 23.02 4.12
N LYS A 295 -14.39 23.48 5.33
CA LYS A 295 -14.93 22.95 6.57
C LYS A 295 -16.45 23.14 6.58
N ALA A 296 -16.90 24.32 6.11
CA ALA A 296 -18.33 24.58 6.03
C ALA A 296 -19.03 23.54 5.16
N PHE A 297 -18.50 23.28 3.96
CA PHE A 297 -19.10 22.28 3.08
C PHE A 297 -19.09 20.91 3.74
N ALA A 298 -17.95 20.53 4.36
CA ALA A 298 -17.83 19.23 4.98
C ALA A 298 -18.88 19.07 6.11
N MET A 299 -19.08 20.14 6.91
CA MET A 299 -19.96 20.09 8.07
C MET A 299 -21.44 20.18 7.66
N ALA A 300 -21.72 20.57 6.41
CA ALA A 300 -23.09 20.62 5.91
C ALA A 300 -23.60 19.23 5.56
N VAL A 301 -22.68 18.35 5.14
CA VAL A 301 -23.07 17.03 4.71
C VAL A 301 -23.47 16.15 5.91
N ASP A 302 -24.58 15.42 5.72
CA ASP A 302 -25.12 14.53 6.74
C ASP A 302 -25.06 13.10 6.23
N GLN A 303 -24.04 12.38 6.71
CA GLN A 303 -23.71 11.07 6.19
C GLN A 303 -24.79 10.06 6.56
N GLU A 304 -25.42 10.24 7.72
CA GLU A 304 -26.50 9.36 8.13
C GLU A 304 -27.67 9.46 7.15
N GLU A 305 -27.98 10.66 6.68
CA GLU A 305 -29.07 10.85 5.74
C GLU A 305 -28.76 10.19 4.40
N ILE A 306 -27.48 10.21 4.01
CA ILE A 306 -27.09 9.59 2.75
C ILE A 306 -27.36 8.09 2.85
N VAL A 307 -26.97 7.47 3.96
CA VAL A 307 -27.08 6.01 4.01
C VAL A 307 -28.54 5.62 4.24
N LYS A 308 -29.28 6.46 4.97
CA LYS A 308 -30.66 6.17 5.32
C LYS A 308 -31.59 6.39 4.12
N TYR A 309 -31.35 7.46 3.35
CA TYR A 309 -32.30 7.86 2.32
C TYR A 309 -31.82 7.66 0.88
N VAL A 310 -30.54 7.35 0.66
CA VAL A 310 -30.06 7.20 -0.71
C VAL A 310 -29.53 5.77 -0.91
N THR A 311 -28.48 5.36 -0.19
CA THR A 311 -27.87 4.06 -0.46
C THR A 311 -28.69 2.88 0.04
N LYS A 312 -29.07 2.88 1.33
CA LYS A 312 -30.05 1.96 1.87
C LYS A 312 -29.59 0.50 1.80
N ASN A 313 -28.28 0.27 1.89
CA ASN A 313 -27.74 -1.09 1.97
C ASN A 313 -26.98 -1.31 3.28
N ASN A 314 -27.39 -0.59 4.34
CA ASN A 314 -26.86 -0.70 5.69
C ASN A 314 -25.38 -0.28 5.76
N GLU A 315 -24.94 0.59 4.86
CA GLU A 315 -23.58 1.12 4.92
C GLU A 315 -23.44 1.97 6.17
N LYS A 316 -22.25 1.98 6.77
CA LYS A 316 -21.99 2.82 7.92
C LYS A 316 -21.71 4.24 7.44
N PRO A 317 -22.36 5.27 8.04
CA PRO A 317 -22.01 6.64 7.70
C PRO A 317 -20.57 6.92 8.12
N ALA A 318 -19.85 7.67 7.30
CA ALA A 318 -18.44 7.91 7.51
C ALA A 318 -18.25 9.32 8.08
N HIS A 319 -17.78 9.37 9.32
CA HIS A 319 -17.43 10.60 9.99
C HIS A 319 -15.92 10.73 10.15
N ALA A 320 -15.17 9.98 9.31
CA ALA A 320 -13.72 9.93 9.32
C ALA A 320 -13.28 9.27 8.01
N PHE A 321 -11.96 9.14 7.78
CA PHE A 321 -11.41 8.55 6.56
C PHE A 321 -11.19 7.03 6.67
N VAL A 322 -10.53 6.57 7.75
CA VAL A 322 -10.22 5.17 7.92
C VAL A 322 -11.44 4.40 8.41
N SER A 323 -11.81 3.39 7.63
CA SER A 323 -13.00 2.60 7.86
C SER A 323 -12.85 1.67 9.06
N PRO A 324 -13.97 1.11 9.55
CA PRO A 324 -13.92 -0.06 10.41
C PRO A 324 -13.12 -1.20 9.80
N GLY A 325 -12.61 -2.08 10.68
CA GLY A 325 -12.03 -3.33 10.26
C GLY A 325 -10.58 -3.55 10.69
N PHE A 326 -9.95 -2.55 11.29
CA PHE A 326 -8.52 -2.63 11.63
C PHE A 326 -8.34 -2.70 13.14
N THR A 327 -7.89 -3.85 13.63
CA THR A 327 -7.70 -4.05 15.05
C THR A 327 -6.39 -3.38 15.52
N GLN A 328 -6.47 -2.73 16.67
CA GLN A 328 -5.34 -2.07 17.30
C GLN A 328 -4.63 -3.04 18.22
N PRO A 329 -3.41 -2.65 18.65
CA PRO A 329 -2.68 -3.40 19.67
C PRO A 329 -3.44 -3.67 20.97
N ASP A 330 -4.41 -2.79 21.30
CA ASP A 330 -5.20 -2.93 22.50
C ASP A 330 -6.46 -3.76 22.29
N GLY A 331 -6.69 -4.23 21.05
CA GLY A 331 -7.84 -5.08 20.74
C GLY A 331 -9.06 -4.33 20.21
N LYS A 332 -9.04 -3.00 20.29
CA LYS A 332 -10.16 -2.23 19.79
C LYS A 332 -10.05 -1.98 18.28
N ASP A 333 -11.19 -1.64 17.66
CA ASP A 333 -11.23 -1.21 16.27
C ASP A 333 -10.65 0.20 16.15
N PHE A 334 -9.81 0.45 15.14
CA PHE A 334 -9.21 1.77 14.96
C PHE A 334 -10.26 2.89 14.85
N ARG A 335 -11.23 2.70 13.97
CA ARG A 335 -12.26 3.71 13.73
C ARG A 335 -13.07 3.92 15.03
N GLU A 336 -13.48 2.84 15.70
CA GLU A 336 -14.21 2.98 16.98
C GLU A 336 -13.41 3.79 18.01
N ALA A 337 -12.11 3.50 18.16
CA ALA A 337 -11.23 4.17 19.11
C ALA A 337 -11.00 5.62 18.75
N GLY A 338 -10.83 5.91 17.45
CA GLY A 338 -10.60 7.28 17.00
C GLY A 338 -11.83 8.15 17.18
N GLY A 339 -12.99 7.53 16.95
CA GLY A 339 -14.25 8.23 17.10
C GLY A 339 -14.61 9.05 15.87
N ASP A 340 -15.77 9.68 15.92
CA ASP A 340 -16.20 10.57 14.83
C ASP A 340 -15.32 11.82 14.82
N LEU A 341 -14.83 12.20 13.62
CA LEU A 341 -13.94 13.35 13.48
C LEU A 341 -14.69 14.51 12.81
N ILE A 342 -15.75 14.23 12.05
CA ILE A 342 -16.51 15.20 11.26
C ILE A 342 -17.98 14.73 11.23
N LYS A 343 -18.86 15.57 11.78
CA LYS A 343 -20.29 15.31 11.81
C LYS A 343 -21.05 16.57 11.40
N PRO A 344 -22.27 16.42 10.84
CA PRO A 344 -23.06 17.55 10.42
C PRO A 344 -23.33 18.50 11.60
N ASN A 345 -23.19 19.77 11.28
CA ASN A 345 -23.48 20.85 12.20
C ASN A 345 -23.81 22.05 11.34
N GLU A 346 -25.10 22.21 11.05
CA GLU A 346 -25.56 23.21 10.13
C GLU A 346 -25.22 24.62 10.60
N SER A 347 -25.42 24.91 11.90
CA SER A 347 -25.26 26.28 12.34
C SER A 347 -23.78 26.66 12.29
N LYS A 348 -22.91 25.73 12.67
CA LYS A 348 -21.48 25.95 12.61
C LYS A 348 -21.01 26.07 11.16
N ALA A 349 -21.55 25.21 10.30
CA ALA A 349 -21.22 25.30 8.87
C ALA A 349 -21.50 26.71 8.34
N LYS A 350 -22.69 27.26 8.65
CA LYS A 350 -23.07 28.57 8.17
C LYS A 350 -22.09 29.61 8.69
N GLN A 351 -21.71 29.47 9.96
CA GLN A 351 -20.75 30.39 10.56
C GLN A 351 -19.41 30.36 9.83
N LEU A 352 -18.90 29.16 9.55
CA LEU A 352 -17.59 29.01 8.90
C LEU A 352 -17.63 29.51 7.46
N LEU A 353 -18.75 29.28 6.77
CA LEU A 353 -18.86 29.75 5.40
C LEU A 353 -18.81 31.27 5.39
N GLU A 354 -19.58 31.91 6.29
CA GLU A 354 -19.58 33.37 6.39
C GLU A 354 -18.16 33.88 6.67
N LYS A 355 -17.48 33.24 7.63
CA LYS A 355 -16.15 33.64 8.02
C LYS A 355 -15.18 33.50 6.86
N GLY A 356 -15.25 32.37 6.14
CA GLY A 356 -14.36 32.14 4.99
C GLY A 356 -14.61 33.10 3.83
N MET A 357 -15.88 33.39 3.53
CA MET A 357 -16.23 34.31 2.47
C MET A 357 -15.69 35.71 2.82
N LYS A 358 -15.80 36.12 4.08
CA LYS A 358 -15.22 37.39 4.51
C LYS A 358 -13.69 37.40 4.33
N GLU A 359 -13.02 36.33 4.77
CA GLU A 359 -11.58 36.20 4.57
C GLU A 359 -11.17 36.35 3.11
N GLU A 360 -11.99 35.90 2.15
CA GLU A 360 -11.61 35.92 0.75
C GLU A 360 -12.20 37.12 0.01
N ASN A 361 -12.91 38.01 0.72
CA ASN A 361 -13.58 39.15 0.11
C ASN A 361 -14.63 38.68 -0.92
N TYR A 362 -15.34 37.58 -0.62
CA TYR A 362 -16.43 37.10 -1.43
C TYR A 362 -17.78 37.64 -0.95
N ASN A 363 -18.44 38.45 -1.78
CA ASN A 363 -19.85 38.80 -1.57
C ASN A 363 -20.77 37.66 -1.98
N LYS A 364 -20.34 36.87 -2.97
CA LYS A 364 -21.04 35.69 -3.44
C LYS A 364 -19.96 34.64 -3.68
N LEU A 365 -20.29 33.36 -3.50
CA LEU A 365 -19.32 32.32 -3.84
C LEU A 365 -19.13 32.26 -5.35
N PRO A 366 -17.88 32.05 -5.81
CA PRO A 366 -17.62 31.64 -7.17
C PRO A 366 -18.46 30.40 -7.52
N ALA A 367 -18.72 30.21 -8.81
CA ALA A 367 -19.52 29.09 -9.28
C ALA A 367 -18.79 27.81 -8.86
N ILE A 368 -19.59 26.81 -8.50
CA ILE A 368 -19.04 25.53 -8.09
C ILE A 368 -19.75 24.45 -8.89
N THR A 369 -18.93 23.51 -9.39
CA THR A 369 -19.42 22.34 -10.07
C THR A 369 -18.99 21.13 -9.27
N LEU A 370 -19.93 20.26 -9.02
CA LEU A 370 -19.68 18.96 -8.44
CA LEU A 370 -19.63 18.96 -8.44
C LEU A 370 -19.62 17.96 -9.58
N THR A 371 -18.46 17.33 -9.78
CA THR A 371 -18.32 16.38 -10.89
C THR A 371 -18.31 14.98 -10.32
N TYR A 372 -19.11 14.10 -10.93
CA TYR A 372 -19.18 12.69 -10.51
C TYR A 372 -18.98 11.81 -11.76
N SER A 373 -18.78 10.50 -11.52
CA SER A 373 -18.59 9.60 -12.65
C SER A 373 -19.95 9.07 -13.07
N THR A 374 -20.18 9.02 -14.40
CA THR A 374 -21.48 8.71 -14.92
C THR A 374 -21.95 7.31 -14.52
N LYS A 375 -22.99 7.26 -13.68
CA LYS A 375 -23.56 6.04 -13.13
C LYS A 375 -24.73 6.44 -12.23
N PRO A 376 -25.88 5.72 -12.25
CA PRO A 376 -27.03 6.12 -11.44
C PRO A 376 -26.77 6.33 -9.95
N GLU A 377 -26.02 5.44 -9.27
CA GLU A 377 -25.79 5.65 -7.86
CA GLU A 377 -25.70 5.61 -7.86
C GLU A 377 -25.03 6.95 -7.63
N HIS A 378 -24.04 7.31 -8.49
CA HIS A 378 -23.24 8.50 -8.25
C HIS A 378 -24.07 9.76 -8.47
N LYS A 379 -24.95 9.70 -9.47
CA LYS A 379 -25.83 10.82 -9.73
C LYS A 379 -26.77 11.01 -8.53
N LYS A 380 -27.35 9.93 -8.00
CA LYS A 380 -28.30 10.02 -6.90
C LYS A 380 -27.61 10.57 -5.65
N ILE A 381 -26.33 10.22 -5.41
CA ILE A 381 -25.62 10.76 -4.24
C ILE A 381 -25.23 12.21 -4.51
N ALA A 382 -24.76 12.56 -5.71
CA ALA A 382 -24.42 13.94 -6.04
C ALA A 382 -25.64 14.85 -5.92
N GLU A 383 -26.80 14.34 -6.33
CA GLU A 383 -28.04 15.10 -6.20
C GLU A 383 -28.37 15.34 -4.73
N ALA A 384 -28.20 14.34 -3.87
CA ALA A 384 -28.45 14.50 -2.45
C ALA A 384 -27.51 15.56 -1.85
N ILE A 385 -26.21 15.53 -2.23
CA ILE A 385 -25.23 16.47 -1.74
C ILE A 385 -25.58 17.89 -2.22
N GLN A 386 -25.94 18.01 -3.50
CA GLN A 386 -26.37 19.26 -4.10
C GLN A 386 -27.55 19.85 -3.28
N GLN A 387 -28.56 19.04 -3.01
CA GLN A 387 -29.76 19.50 -2.31
C GLN A 387 -29.39 19.91 -0.88
N LYS A 388 -28.55 19.11 -0.24
CA LYS A 388 -28.16 19.38 1.14
C LYS A 388 -27.37 20.69 1.24
N LEU A 389 -26.43 20.94 0.32
CA LEU A 389 -25.66 22.17 0.32
C LEU A 389 -26.57 23.39 0.09
N LYS A 390 -27.56 23.27 -0.80
CA LYS A 390 -28.53 24.33 -1.02
C LYS A 390 -29.34 24.60 0.26
N ASN A 391 -29.87 23.54 0.86
CA ASN A 391 -30.79 23.64 2.00
C ASN A 391 -30.06 24.14 3.25
N SER A 392 -28.81 23.73 3.45
CA SER A 392 -28.06 24.03 4.67
C SER A 392 -27.27 25.32 4.60
N LEU A 393 -26.69 25.62 3.43
CA LEU A 393 -25.77 26.73 3.27
C LEU A 393 -26.31 27.76 2.26
N GLY A 394 -27.35 27.39 1.47
CA GLY A 394 -27.88 28.26 0.45
C GLY A 394 -26.96 28.33 -0.78
N VAL A 395 -26.11 27.32 -0.94
CA VAL A 395 -25.08 27.29 -1.95
C VAL A 395 -25.61 26.50 -3.14
N ASP A 396 -25.45 27.03 -4.34
CA ASP A 396 -25.84 26.38 -5.58
C ASP A 396 -24.61 25.73 -6.20
N VAL A 397 -24.59 24.40 -6.28
CA VAL A 397 -23.56 23.72 -7.06
C VAL A 397 -24.24 23.15 -8.29
N LYS A 398 -23.51 23.18 -9.42
CA LYS A 398 -23.96 22.56 -10.65
C LYS A 398 -23.28 21.20 -10.76
N LEU A 399 -24.03 20.21 -11.25
CA LEU A 399 -23.51 18.86 -11.46
C LEU A 399 -22.94 18.72 -12.87
N ALA A 400 -21.83 17.97 -12.95
CA ALA A 400 -21.24 17.53 -14.21
C ALA A 400 -20.88 16.05 -14.05
N ASN A 401 -20.75 15.37 -15.18
CA ASN A 401 -20.40 13.96 -15.10
C ASN A 401 -19.57 13.56 -16.33
N MET A 402 -18.77 12.51 -16.14
CA MET A 402 -18.14 11.83 -17.26
C MET A 402 -17.82 10.38 -16.88
N GLU A 403 -17.58 9.52 -17.89
CA GLU A 403 -17.38 8.09 -17.65
C GLU A 403 -16.11 7.92 -16.80
N TRP A 404 -16.12 6.90 -15.96
CA TRP A 404 -15.09 6.65 -14.95
C TRP A 404 -13.69 6.73 -15.53
N ASN A 405 -13.45 6.07 -16.67
CA ASN A 405 -12.10 5.99 -17.19
C ASN A 405 -11.51 7.39 -17.44
N VAL A 406 -12.25 8.32 -18.08
CA VAL A 406 -11.72 9.67 -18.27
C VAL A 406 -11.88 10.50 -16.99
N PHE A 407 -12.93 10.23 -16.21
CA PHE A 407 -13.13 10.92 -14.93
C PHE A 407 -11.89 10.75 -14.07
N LEU A 408 -11.39 9.51 -13.99
CA LEU A 408 -10.19 9.21 -13.21
C LEU A 408 -8.99 9.98 -13.74
N GLU A 409 -8.78 9.98 -15.07
CA GLU A 409 -7.65 10.73 -15.64
C GLU A 409 -7.70 12.22 -15.26
N ASP A 410 -8.89 12.83 -15.38
CA ASP A 410 -9.10 14.25 -15.11
C ASP A 410 -8.94 14.53 -13.62
N GLN A 411 -9.42 13.59 -12.77
CA GLN A 411 -9.26 13.78 -11.33
C GLN A 411 -7.79 13.81 -10.92
N LYS A 412 -7.02 12.82 -11.40
CA LYS A 412 -5.58 12.76 -11.17
C LYS A 412 -4.86 14.02 -11.66
N ALA A 413 -5.36 14.58 -12.75
CA ALA A 413 -4.81 15.80 -13.33
C ALA A 413 -5.27 17.06 -12.59
N LEU A 414 -6.03 16.90 -11.49
CA LEU A 414 -6.43 18.00 -10.62
C LEU A 414 -7.37 18.95 -11.37
N LYS A 415 -8.20 18.42 -12.24
CA LYS A 415 -9.05 19.28 -13.07
C LYS A 415 -10.38 19.62 -12.40
N PHE A 416 -10.72 18.95 -11.28
CA PHE A 416 -12.05 19.15 -10.71
C PHE A 416 -11.99 19.93 -9.40
N GLN A 417 -12.85 20.93 -9.32
CA GLN A 417 -13.05 21.69 -8.08
C GLN A 417 -13.46 20.81 -6.89
N PHE A 418 -14.35 19.85 -7.17
CA PHE A 418 -15.14 19.14 -6.19
C PHE A 418 -15.67 17.88 -6.86
N SER A 419 -15.23 16.70 -6.40
CA SER A 419 -15.45 15.49 -7.18
C SER A 419 -15.65 14.21 -6.35
N GLN A 420 -16.52 13.37 -6.89
CA GLN A 420 -16.81 12.03 -6.40
C GLN A 420 -15.51 11.25 -6.30
N SER A 421 -15.34 10.52 -5.19
CA SER A 421 -14.09 9.83 -4.89
C SER A 421 -14.36 8.51 -4.21
N SER A 422 -13.43 7.56 -4.40
CA SER A 422 -13.53 6.24 -3.79
C SER A 422 -12.13 5.83 -3.33
N PHE A 423 -12.04 5.17 -2.15
CA PHE A 423 -10.79 4.59 -1.68
C PHE A 423 -11.02 3.16 -1.23
N LEU A 424 -10.24 2.22 -1.79
CA LEU A 424 -10.11 0.87 -1.26
C LEU A 424 -8.66 0.70 -0.80
N PRO A 425 -8.40 0.21 0.42
CA PRO A 425 -7.04 -0.01 0.86
C PRO A 425 -6.40 -1.15 0.06
N ASP A 426 -5.05 -1.06 -0.03
CA ASP A 426 -4.26 -2.03 -0.79
C ASP A 426 -3.69 -3.11 0.12
N TYR A 427 -3.71 -2.89 1.42
CA TYR A 427 -3.35 -3.91 2.41
C TYR A 427 -4.03 -3.49 3.70
N ALA A 428 -4.03 -4.38 4.70
CA ALA A 428 -5.00 -4.27 5.78
C ALA A 428 -4.42 -3.49 6.96
N ASP A 429 -4.14 -2.21 6.71
CA ASP A 429 -3.65 -1.35 7.77
C ASP A 429 -4.12 0.08 7.53
N PRO A 430 -4.43 0.83 8.62
CA PRO A 430 -4.79 2.24 8.45
C PRO A 430 -3.77 3.09 7.66
N ILE A 431 -2.48 2.72 7.64
CA ILE A 431 -1.50 3.51 6.91
C ILE A 431 -1.77 3.46 5.40
N SER A 432 -2.42 2.40 4.89
CA SER A 432 -2.81 2.33 3.49
C SER A 432 -3.72 3.51 3.13
N PHE A 433 -4.68 3.81 4.02
CA PHE A 433 -5.53 4.98 3.86
C PHE A 433 -4.71 6.27 4.01
N LEU A 434 -4.00 6.40 5.12
CA LEU A 434 -3.43 7.68 5.47
C LEU A 434 -2.30 8.10 4.52
N GLU A 435 -1.58 7.16 3.90
CA GLU A 435 -0.50 7.58 3.00
C GLU A 435 -1.03 8.33 1.77
N ALA A 436 -2.34 8.19 1.49
CA ALA A 436 -2.96 8.81 0.33
C ALA A 436 -2.79 10.33 0.32
N PHE A 437 -2.77 10.96 1.49
CA PHE A 437 -2.88 12.42 1.55
C PHE A 437 -1.53 13.06 1.83
N GLN A 438 -0.41 12.30 1.67
CA GLN A 438 0.89 12.96 1.61
C GLN A 438 0.91 13.91 0.41
N THR A 439 1.77 14.95 0.51
CA THR A 439 2.01 15.90 -0.58
C THR A 439 2.30 15.16 -1.89
N GLY A 440 1.49 15.42 -2.91
CA GLY A 440 1.69 14.97 -4.28
C GLY A 440 1.47 13.48 -4.51
N ASN A 441 0.94 12.77 -3.51
CA ASN A 441 0.69 11.34 -3.64
C ASN A 441 -0.31 11.09 -4.76
N SER A 442 -0.15 9.98 -5.51
CA SER A 442 -1.06 9.66 -6.59
C SER A 442 -2.51 9.52 -6.10
N MET A 443 -2.70 9.23 -4.81
CA MET A 443 -4.05 9.04 -4.26
C MET A 443 -4.52 10.26 -3.50
N ASN A 444 -3.77 11.37 -3.57
CA ASN A 444 -4.19 12.63 -2.92
C ASN A 444 -5.21 13.35 -3.82
N ARG A 445 -4.72 13.93 -4.93
CA ARG A 445 -5.58 14.51 -5.98
C ARG A 445 -6.37 15.74 -5.50
N THR A 446 -5.96 16.36 -4.41
CA THR A 446 -6.60 17.58 -3.92
C THR A 446 -5.70 18.81 -3.94
N GLY A 447 -4.41 18.62 -4.17
CA GLY A 447 -3.45 19.69 -3.97
C GLY A 447 -3.10 19.97 -2.51
N TRP A 448 -3.74 19.27 -1.57
CA TRP A 448 -3.47 19.46 -0.16
C TRP A 448 -2.04 19.00 0.13
N ALA A 449 -1.30 19.88 0.79
CA ALA A 449 0.13 19.69 0.97
C ALA A 449 0.49 20.17 2.37
N ASN A 450 0.38 19.27 3.36
CA ASN A 450 0.54 19.60 4.76
C ASN A 450 1.84 18.96 5.26
N LYS A 451 2.82 19.83 5.59
CA LYS A 451 4.16 19.38 5.98
C LYS A 451 4.10 18.57 7.28
N GLU A 452 3.22 18.97 8.20
CA GLU A 452 3.07 18.25 9.45
C GLU A 452 2.45 16.86 9.21
N TYR A 453 1.46 16.79 8.32
CA TYR A 453 0.91 15.50 7.96
C TYR A 453 2.00 14.59 7.38
N ASP A 454 2.73 15.13 6.39
CA ASP A 454 3.80 14.39 5.75
C ASP A 454 4.77 13.82 6.77
N GLN A 455 5.10 14.60 7.81
CA GLN A 455 6.04 14.19 8.86
C GLN A 455 5.43 13.07 9.69
N LEU A 456 4.14 13.21 10.07
CA LEU A 456 3.49 12.12 10.80
C LEU A 456 3.49 10.80 10.01
N ILE A 457 3.18 10.83 8.71
CA ILE A 457 3.14 9.64 7.88
C ILE A 457 4.53 9.00 7.82
N LYS A 458 5.56 9.83 7.61
CA LYS A 458 6.93 9.36 7.54
C LYS A 458 7.30 8.68 8.85
N GLN A 459 6.94 9.32 9.97
CA GLN A 459 7.24 8.80 11.29
C GLN A 459 6.53 7.46 11.52
N ALA A 460 5.26 7.38 11.15
CA ALA A 460 4.53 6.13 11.27
C ALA A 460 5.13 5.03 10.42
N LYS A 461 5.63 5.38 9.22
CA LYS A 461 6.18 4.40 8.32
C LYS A 461 7.49 3.86 8.87
N ASN A 462 8.14 4.61 9.77
CA ASN A 462 9.44 4.21 10.30
C ASN A 462 9.29 3.72 11.73
N GLU A 463 8.06 3.55 12.22
CA GLU A 463 7.84 3.27 13.64
C GLU A 463 7.67 1.76 13.88
N ALA A 464 8.60 1.18 14.66
CA ALA A 464 8.60 -0.24 14.97
C ALA A 464 7.66 -0.57 16.13
N ASP A 465 7.46 0.38 17.05
CA ASP A 465 6.54 0.18 18.18
C ASP A 465 5.11 0.38 17.71
N GLU A 466 4.27 -0.65 17.83
CA GLU A 466 2.93 -0.61 17.26
C GLU A 466 2.03 0.36 18.02
N LYS A 467 2.10 0.49 19.34
CA LYS A 467 1.21 1.41 20.02
C LYS A 467 1.50 2.85 19.58
N THR A 468 2.79 3.15 19.48
CA THR A 468 3.22 4.45 19.02
C THR A 468 2.74 4.70 17.58
N ARG A 469 2.90 3.69 16.73
CA ARG A 469 2.56 3.82 15.32
C ARG A 469 1.07 4.14 15.19
N PHE A 470 0.23 3.46 15.96
CA PHE A 470 -1.21 3.71 15.98
C PHE A 470 -1.53 5.12 16.48
N SER A 471 -0.81 5.59 17.50
CA SER A 471 -1.02 6.94 18.00
C SER A 471 -0.72 7.97 16.90
N LEU A 472 0.38 7.79 16.18
CA LEU A 472 0.75 8.68 15.09
C LEU A 472 -0.33 8.67 14.01
N MET A 473 -0.89 7.50 13.71
CA MET A 473 -1.91 7.43 12.69
C MET A 473 -3.18 8.19 13.12
N HIS A 474 -3.61 8.05 14.36
CA HIS A 474 -4.76 8.84 14.84
C HIS A 474 -4.46 10.33 14.78
N GLN A 475 -3.22 10.74 15.15
CA GLN A 475 -2.85 12.14 15.05
C GLN A 475 -2.95 12.66 13.62
N ALA A 476 -2.46 11.89 12.65
CA ALA A 476 -2.53 12.26 11.24
C ALA A 476 -3.99 12.37 10.76
N GLU A 477 -4.81 11.38 11.09
CA GLU A 477 -6.19 11.38 10.59
C GLU A 477 -6.96 12.59 11.12
N GLU A 478 -6.70 12.96 12.39
CA GLU A 478 -7.37 14.11 13.00
C GLU A 478 -7.02 15.39 12.24
N LEU A 479 -5.74 15.58 11.91
CA LEU A 479 -5.27 16.72 11.10
C LEU A 479 -5.91 16.77 9.72
N LEU A 480 -5.93 15.65 8.99
CA LEU A 480 -6.56 15.54 7.67
C LEU A 480 -8.02 16.01 7.72
N ILE A 481 -8.77 15.46 8.66
CA ILE A 481 -10.19 15.76 8.71
C ILE A 481 -10.41 17.22 9.13
N ASN A 482 -9.60 17.69 10.08
CA ASN A 482 -9.64 19.08 10.53
C ASN A 482 -9.46 20.08 9.37
N GLU A 483 -8.60 19.81 8.38
CA GLU A 483 -8.35 20.76 7.31
C GLU A 483 -9.27 20.51 6.13
N ALA A 484 -9.99 19.40 6.16
CA ALA A 484 -11.07 19.13 5.22
C ALA A 484 -10.67 19.37 3.77
N PRO A 485 -9.64 18.68 3.25
CA PRO A 485 -9.48 18.57 1.80
C PRO A 485 -10.45 17.58 1.19
N ILE A 486 -11.17 16.84 2.08
CA ILE A 486 -12.13 15.84 1.70
C ILE A 486 -13.39 15.97 2.55
N ILE A 487 -14.45 15.34 2.08
CA ILE A 487 -15.65 15.07 2.86
C ILE A 487 -15.93 13.57 2.86
N PRO A 488 -15.81 12.86 4.00
CA PRO A 488 -16.19 11.46 4.03
C PRO A 488 -17.71 11.30 3.90
N VAL A 489 -18.15 10.25 3.20
CA VAL A 489 -19.58 10.03 3.02
C VAL A 489 -20.01 8.74 3.69
N TYR A 490 -19.56 7.58 3.17
CA TYR A 490 -19.96 6.33 3.78
C TYR A 490 -18.89 5.26 3.60
N PHE A 491 -18.89 4.30 4.53
CA PHE A 491 -18.01 3.14 4.51
C PHE A 491 -18.67 2.01 3.71
N TYR A 492 -17.84 1.36 2.87
CA TYR A 492 -18.31 0.30 2.00
C TYR A 492 -18.72 -0.95 2.79
N ASN A 493 -19.46 -1.80 2.07
CA ASN A 493 -19.66 -3.21 2.34
C ASN A 493 -19.88 -3.89 0.98
N GLN A 494 -20.08 -5.20 0.97
CA GLN A 494 -20.39 -5.91 -0.26
C GLN A 494 -21.64 -6.73 0.00
N VAL A 495 -22.80 -6.12 -0.18
CA VAL A 495 -24.05 -6.85 -0.08
C VAL A 495 -24.48 -7.28 -1.49
N HIS A 496 -24.83 -8.57 -1.61
CA HIS A 496 -25.14 -9.17 -2.90
C HIS A 496 -26.25 -10.20 -2.74
N LEU A 497 -27.01 -10.37 -3.82
CA LEU A 497 -27.84 -11.54 -4.04
C LEU A 497 -26.99 -12.58 -4.75
N GLN A 498 -27.24 -13.86 -4.47
CA GLN A 498 -26.48 -14.89 -5.15
C GLN A 498 -27.40 -16.10 -5.35
N ASN A 499 -27.42 -16.58 -6.59
CA ASN A 499 -27.98 -17.88 -6.92
C ASN A 499 -27.53 -18.89 -5.87
N GLU A 500 -28.50 -19.53 -5.19
CA GLU A 500 -28.19 -20.49 -4.13
C GLU A 500 -27.47 -21.73 -4.68
N GLN A 501 -27.46 -21.91 -6.01
CA GLN A 501 -26.74 -23.03 -6.61
C GLN A 501 -25.27 -22.68 -6.87
N VAL A 502 -24.86 -21.41 -6.66
CA VAL A 502 -23.45 -21.05 -6.74
C VAL A 502 -22.87 -21.11 -5.34
N LYS A 503 -21.73 -21.78 -5.17
CA LYS A 503 -21.05 -21.82 -3.89
C LYS A 503 -19.58 -21.49 -4.10
N GLY A 504 -18.95 -20.96 -3.04
CA GLY A 504 -17.50 -20.92 -2.90
C GLY A 504 -16.84 -19.72 -3.55
N ILE A 505 -17.64 -18.66 -3.83
CA ILE A 505 -17.09 -17.37 -4.24
C ILE A 505 -16.43 -16.79 -2.99
N VAL A 506 -15.23 -16.24 -3.14
CA VAL A 506 -14.54 -15.65 -1.99
C VAL A 506 -14.37 -14.15 -2.23
N ARG A 507 -15.08 -13.37 -1.40
CA ARG A 507 -15.02 -11.92 -1.45
C ARG A 507 -14.29 -11.44 -0.19
N HIS A 508 -13.21 -10.68 -0.39
CA HIS A 508 -12.32 -10.39 0.70
C HIS A 508 -12.62 -8.99 1.26
N PRO A 509 -12.33 -8.73 2.54
CA PRO A 509 -12.50 -7.38 3.06
C PRO A 509 -11.52 -6.39 2.44
N VAL A 510 -10.31 -6.85 2.12
CA VAL A 510 -9.29 -6.08 1.44
C VAL A 510 -8.76 -6.97 0.32
N GLY A 511 -8.97 -6.56 -0.91
CA GLY A 511 -8.52 -7.32 -2.07
C GLY A 511 -9.70 -7.72 -2.95
N TYR A 512 -9.38 -8.41 -4.06
CA TYR A 512 -10.29 -8.54 -5.19
C TYR A 512 -10.86 -9.96 -5.21
N ILE A 513 -12.04 -10.07 -5.83
CA ILE A 513 -12.81 -11.31 -5.77
C ILE A 513 -11.99 -12.45 -6.37
N ASP A 514 -12.10 -13.60 -5.69
CA ASP A 514 -11.53 -14.86 -6.12
C ASP A 514 -12.65 -15.83 -6.48
N LEU A 515 -12.59 -16.30 -7.72
CA LEU A 515 -13.56 -17.23 -8.27
C LEU A 515 -12.97 -18.62 -8.51
N LYS A 516 -11.68 -18.83 -8.21
CA LYS A 516 -11.09 -20.11 -8.64
C LYS A 516 -11.69 -21.28 -7.88
N TRP A 517 -12.25 -21.04 -6.68
CA TRP A 517 -12.77 -22.11 -5.83
C TRP A 517 -14.29 -22.30 -6.01
N ALA A 518 -14.91 -21.49 -6.86
CA ALA A 518 -16.37 -21.42 -6.93
C ALA A 518 -16.90 -22.61 -7.74
N ASP A 519 -18.14 -22.98 -7.45
CA ASP A 519 -18.82 -24.05 -8.17
C ASP A 519 -20.28 -23.66 -8.38
N LYS A 520 -20.92 -24.30 -9.37
CA LYS A 520 -22.31 -24.07 -9.73
C LYS A 520 -22.95 -25.44 -10.03
N GLU B 21 -41.26 -16.44 20.30
CA GLU B 21 -39.85 -16.65 20.71
C GLU B 21 -39.11 -17.43 19.64
N LYS B 22 -37.89 -16.96 19.27
CA LYS B 22 -37.01 -17.66 18.35
C LYS B 22 -36.16 -18.70 19.09
N VAL B 23 -36.24 -19.97 18.65
CA VAL B 23 -35.64 -21.09 19.34
C VAL B 23 -34.79 -21.89 18.37
N LEU B 24 -33.46 -21.91 18.59
CA LEU B 24 -32.56 -22.75 17.82
C LEU B 24 -32.52 -24.14 18.44
N TYR B 25 -32.73 -25.16 17.59
CA TYR B 25 -32.71 -26.56 18.00
C TYR B 25 -31.45 -27.22 17.47
N VAL B 26 -30.59 -27.66 18.41
CA VAL B 26 -29.37 -28.38 18.07
C VAL B 26 -29.39 -29.69 18.85
N ASN B 27 -28.45 -30.56 18.49
CA ASN B 27 -28.29 -31.86 19.13
C ASN B 27 -26.87 -31.94 19.72
N ASN B 28 -26.78 -32.01 21.05
CA ASN B 28 -25.48 -32.22 21.71
C ASN B 28 -25.04 -33.67 21.68
N GLU B 29 -25.91 -34.60 21.23
CA GLU B 29 -25.66 -36.03 21.14
C GLU B 29 -25.69 -36.71 22.51
N ASN B 30 -25.09 -36.09 23.55
CA ASN B 30 -24.83 -36.77 24.82
C ASN B 30 -24.72 -35.72 25.93
N GLU B 31 -24.71 -36.22 27.18
CA GLU B 31 -24.66 -35.44 28.42
C GLU B 31 -23.24 -34.85 28.57
N PRO B 32 -23.12 -33.53 28.79
CA PRO B 32 -21.81 -32.95 29.15
C PRO B 32 -21.15 -33.69 30.30
N THR B 33 -19.80 -33.86 30.21
CA THR B 33 -19.10 -34.61 31.24
C THR B 33 -19.02 -33.75 32.50
N SER B 34 -18.90 -32.44 32.31
CA SER B 34 -18.86 -31.47 33.40
C SER B 34 -19.03 -30.05 32.88
N PHE B 35 -19.72 -29.19 33.64
CA PHE B 35 -19.76 -27.75 33.44
C PHE B 35 -18.85 -26.99 34.43
N ASP B 36 -18.06 -27.71 35.23
CA ASP B 36 -16.95 -27.07 35.95
C ASP B 36 -15.93 -26.70 34.88
N PRO B 37 -15.71 -25.41 34.58
CA PRO B 37 -15.10 -25.04 33.32
C PRO B 37 -13.85 -25.83 32.93
N PRO B 38 -12.82 -26.02 33.80
CA PRO B 38 -11.62 -26.73 33.37
C PRO B 38 -11.71 -28.25 33.25
N ILE B 39 -12.83 -28.84 33.71
CA ILE B 39 -12.92 -30.28 33.93
C ILE B 39 -13.36 -31.05 32.66
N GLY B 40 -14.37 -30.52 31.96
CA GLY B 40 -14.94 -31.20 30.79
C GLY B 40 -13.92 -31.51 29.70
N PHE B 41 -13.35 -30.45 29.16
CA PHE B 41 -12.17 -30.57 28.31
C PHE B 41 -12.49 -31.49 27.12
N ASN B 42 -13.70 -31.28 26.57
CA ASN B 42 -14.17 -32.06 25.44
C ASN B 42 -15.31 -31.32 24.78
N ASN B 43 -15.69 -31.78 23.58
CA ASN B 43 -16.66 -31.10 22.77
C ASN B 43 -18.03 -31.18 23.41
N VAL B 44 -18.35 -32.36 23.97
CA VAL B 44 -19.68 -32.60 24.50
C VAL B 44 -19.98 -31.69 25.70
N SER B 45 -18.94 -31.29 26.45
CA SER B 45 -19.11 -30.32 27.52
C SER B 45 -19.01 -28.89 27.02
N TRP B 46 -18.01 -28.62 26.18
CA TRP B 46 -17.58 -27.25 25.93
C TRP B 46 -18.36 -26.56 24.80
N GLN B 47 -19.02 -27.31 23.91
CA GLN B 47 -19.93 -26.70 22.97
C GLN B 47 -21.02 -25.94 23.72
N PRO B 48 -21.82 -26.52 24.63
CA PRO B 48 -22.78 -25.71 25.37
C PRO B 48 -22.14 -24.72 26.34
N LEU B 49 -21.10 -25.13 27.06
CA LEU B 49 -20.52 -24.25 28.07
C LEU B 49 -20.04 -22.94 27.45
N ASN B 50 -19.50 -23.00 26.23
CA ASN B 50 -19.01 -21.83 25.48
C ASN B 50 -20.07 -20.74 25.29
N ASN B 51 -21.36 -21.11 25.38
CA ASN B 51 -22.48 -20.21 25.12
C ASN B 51 -23.15 -19.74 26.40
N ILE B 52 -22.73 -20.26 27.57
CA ILE B 52 -23.26 -19.81 28.85
C ILE B 52 -22.18 -19.18 29.72
N MET B 53 -20.93 -19.24 29.26
CA MET B 53 -19.81 -18.61 29.96
C MET B 53 -19.03 -17.81 28.94
N GLU B 54 -18.10 -16.96 29.42
CA GLU B 54 -17.32 -16.09 28.56
C GLU B 54 -15.97 -15.78 29.21
N GLY B 55 -14.91 -15.84 28.40
CA GLY B 55 -13.58 -15.47 28.85
C GLY B 55 -13.20 -14.02 28.53
N LEU B 56 -11.90 -13.71 28.70
CA LEU B 56 -11.41 -12.38 28.44
C LEU B 56 -11.64 -12.03 26.96
N THR B 57 -11.46 -13.00 26.08
CA THR B 57 -11.71 -12.87 24.65
C THR B 57 -12.72 -13.94 24.24
N ARG B 58 -13.26 -13.74 23.04
CA ARG B 58 -14.04 -14.72 22.33
C ARG B 58 -13.63 -14.66 20.86
N LEU B 59 -13.53 -15.83 20.21
CA LEU B 59 -13.22 -15.88 18.79
C LEU B 59 -14.40 -15.36 17.96
N GLY B 60 -14.09 -14.43 17.05
CA GLY B 60 -15.10 -13.79 16.22
C GLY B 60 -15.40 -14.57 14.92
N LYS B 61 -16.02 -13.87 13.97
CA LYS B 61 -16.49 -14.52 12.75
C LYS B 61 -15.29 -14.92 11.89
N ASP B 62 -14.15 -14.24 12.07
CA ASP B 62 -12.90 -14.55 11.37
C ASP B 62 -11.96 -15.40 12.22
N HIS B 63 -12.48 -15.97 13.33
CA HIS B 63 -11.75 -16.86 14.21
C HIS B 63 -10.61 -16.16 14.95
N GLU B 64 -10.65 -14.83 15.02
CA GLU B 64 -9.63 -14.07 15.74
C GLU B 64 -10.22 -13.70 17.11
N PRO B 65 -9.41 -13.70 18.19
CA PRO B 65 -9.92 -13.31 19.49
C PRO B 65 -10.28 -11.84 19.52
N GLU B 66 -11.47 -11.56 20.02
CA GLU B 66 -11.91 -10.19 20.17
C GLU B 66 -12.24 -9.90 21.64
N PRO B 67 -12.26 -8.63 22.07
CA PRO B 67 -12.65 -8.29 23.44
C PRO B 67 -13.99 -8.93 23.82
N ALA B 68 -14.01 -9.54 25.00
CA ALA B 68 -15.20 -10.17 25.53
C ALA B 68 -15.37 -9.69 26.97
N MET B 69 -14.97 -10.48 27.96
CA MET B 69 -14.93 -9.95 29.32
C MET B 69 -13.85 -8.87 29.49
N ALA B 70 -12.75 -8.90 28.73
CA ALA B 70 -11.85 -7.75 28.70
C ALA B 70 -12.33 -6.80 27.61
N GLU B 71 -12.46 -5.51 27.91
CA GLU B 71 -12.78 -4.56 26.86
C GLU B 71 -11.53 -4.13 26.06
N LYS B 72 -10.33 -4.31 26.64
CA LYS B 72 -9.09 -3.99 25.93
C LYS B 72 -7.91 -4.56 26.71
N TRP B 73 -6.71 -4.50 26.12
CA TRP B 73 -5.53 -5.02 26.78
C TRP B 73 -4.32 -4.20 26.38
N SER B 74 -3.27 -4.43 27.13
CA SER B 74 -1.98 -3.86 26.84
C SER B 74 -0.94 -4.95 27.08
N VAL B 75 0.07 -5.00 26.21
CA VAL B 75 1.16 -5.95 26.35
C VAL B 75 2.47 -5.21 26.51
N SER B 76 3.26 -5.65 27.50
CA SER B 76 4.57 -5.08 27.79
C SER B 76 5.51 -5.25 26.60
N LYS B 77 6.62 -4.49 26.60
CA LYS B 77 7.56 -4.52 25.48
C LYS B 77 8.22 -5.89 25.30
N ASP B 78 8.46 -6.65 26.37
CA ASP B 78 9.02 -7.99 26.26
C ASP B 78 8.00 -9.06 25.85
N ASN B 79 6.75 -8.65 25.60
CA ASN B 79 5.71 -9.56 25.18
C ASN B 79 5.34 -10.67 26.19
N LYS B 80 5.66 -10.48 27.47
CA LYS B 80 5.34 -11.45 28.50
C LYS B 80 4.24 -10.98 29.45
N THR B 81 4.01 -9.66 29.63
CA THR B 81 3.05 -9.20 30.62
C THR B 81 1.86 -8.56 29.91
N TYR B 82 0.69 -9.20 30.09
CA TYR B 82 -0.59 -8.72 29.59
C TYR B 82 -1.34 -8.07 30.73
N THR B 83 -1.87 -6.88 30.47
CA THR B 83 -2.81 -6.21 31.35
C THR B 83 -4.17 -6.08 30.66
N PHE B 84 -5.16 -6.74 31.24
CA PHE B 84 -6.53 -6.69 30.75
C PHE B 84 -7.40 -5.76 31.60
N THR B 85 -8.16 -4.90 30.93
CA THR B 85 -9.20 -4.12 31.54
C THR B 85 -10.53 -4.84 31.35
N ILE B 86 -11.17 -5.16 32.47
CA ILE B 86 -12.45 -5.84 32.48
C ILE B 86 -13.53 -4.85 32.07
N ARG B 87 -14.49 -5.38 31.29
CA ARG B 87 -15.59 -4.58 30.79
C ARG B 87 -16.39 -4.01 31.96
N GLU B 88 -16.68 -2.71 31.91
CA GLU B 88 -17.27 -2.00 33.04
C GLU B 88 -18.58 -2.62 33.51
N ASN B 89 -19.45 -3.05 32.59
CA ASN B 89 -20.78 -3.45 33.04
C ASN B 89 -21.00 -4.95 32.93
N ALA B 90 -19.91 -5.73 32.99
CA ALA B 90 -20.04 -7.18 32.90
C ALA B 90 -20.58 -7.74 34.21
N LYS B 91 -21.60 -8.58 34.07
CA LYS B 91 -22.25 -9.20 35.20
C LYS B 91 -22.41 -10.69 35.00
N TRP B 92 -22.45 -11.36 36.17
CA TRP B 92 -22.90 -12.71 36.37
C TRP B 92 -24.42 -12.71 36.33
N THR B 93 -24.98 -13.90 36.14
CA THR B 93 -26.42 -14.07 36.09
C THR B 93 -27.10 -13.73 37.42
N ASN B 94 -26.35 -13.77 38.52
CA ASN B 94 -26.87 -13.42 39.83
C ASN B 94 -26.73 -11.92 40.12
N GLY B 95 -26.35 -11.11 39.14
CA GLY B 95 -26.23 -9.66 39.30
C GLY B 95 -24.84 -9.18 39.74
N ASP B 96 -23.99 -10.09 40.23
CA ASP B 96 -22.68 -9.69 40.72
C ASP B 96 -21.81 -9.24 39.57
N PRO B 97 -20.97 -8.20 39.74
CA PRO B 97 -20.06 -7.79 38.67
C PRO B 97 -19.06 -8.91 38.41
N VAL B 98 -18.68 -9.09 37.13
CA VAL B 98 -17.52 -9.90 36.80
C VAL B 98 -16.28 -9.08 37.10
N THR B 99 -15.36 -9.61 37.90
CA THR B 99 -14.19 -8.87 38.33
C THR B 99 -12.92 -9.55 37.87
N ALA B 100 -11.84 -8.77 37.88
CA ALA B 100 -10.52 -9.34 37.65
C ALA B 100 -10.26 -10.46 38.65
N GLY B 101 -10.72 -10.29 39.90
CA GLY B 101 -10.56 -11.30 40.93
C GLY B 101 -11.15 -12.66 40.55
N ASP B 102 -12.26 -12.65 39.78
CA ASP B 102 -12.86 -13.90 39.33
C ASP B 102 -11.94 -14.68 38.38
N PHE B 103 -11.12 -13.96 37.62
CA PHE B 103 -10.17 -14.59 36.71
C PHE B 103 -8.94 -15.09 37.47
N GLU B 104 -8.37 -14.24 38.35
CA GLU B 104 -7.27 -14.69 39.20
C GLU B 104 -7.65 -15.95 39.97
N TYR B 105 -8.85 -15.95 40.56
CA TYR B 105 -9.35 -17.08 41.32
C TYR B 105 -9.48 -18.31 40.41
N ALA B 106 -10.11 -18.14 39.24
CA ALA B 106 -10.40 -19.26 38.38
C ALA B 106 -9.13 -19.89 37.82
N TRP B 107 -8.15 -19.07 37.47
CA TRP B 107 -6.97 -19.61 36.82
C TRP B 107 -6.10 -20.33 37.85
N LYS B 108 -5.95 -19.78 39.06
CA LYS B 108 -5.22 -20.50 40.09
C LYS B 108 -5.97 -21.77 40.48
N ARG B 109 -7.32 -21.71 40.49
CA ARG B 109 -8.16 -22.88 40.73
C ARG B 109 -7.95 -24.00 39.72
N MET B 110 -7.89 -23.66 38.43
CA MET B 110 -7.70 -24.64 37.36
C MET B 110 -6.32 -25.31 37.51
N LEU B 111 -5.34 -24.56 38.05
CA LEU B 111 -3.97 -25.04 38.22
C LEU B 111 -3.77 -25.80 39.52
N ASP B 112 -4.74 -25.72 40.44
CA ASP B 112 -4.61 -26.31 41.78
C ASP B 112 -4.23 -27.78 41.66
N PRO B 113 -3.08 -28.19 42.27
CA PRO B 113 -2.59 -29.57 42.16
C PRO B 113 -3.58 -30.56 42.76
N LYS B 114 -4.38 -30.11 43.73
CA LYS B 114 -5.31 -31.00 44.42
C LYS B 114 -6.59 -31.18 43.61
N LYS B 115 -6.79 -30.33 42.59
CA LYS B 115 -8.00 -30.46 41.80
C LYS B 115 -7.84 -31.46 40.64
N GLY B 116 -6.66 -31.63 40.05
CA GLY B 116 -6.50 -32.67 39.04
C GLY B 116 -7.30 -32.43 37.74
N ALA B 117 -7.54 -31.16 37.37
CA ALA B 117 -8.08 -30.85 36.05
C ALA B 117 -7.16 -31.37 34.96
N SER B 118 -7.72 -32.12 34.01
CA SER B 118 -6.92 -32.61 32.88
C SER B 118 -6.36 -31.47 32.03
N SER B 119 -7.06 -30.33 31.98
CA SER B 119 -6.69 -29.14 31.21
C SER B 119 -5.65 -28.28 31.93
N ALA B 120 -5.18 -28.69 33.11
CA ALA B 120 -4.36 -27.80 33.92
C ALA B 120 -3.09 -27.35 33.19
N PHE B 121 -2.48 -28.21 32.37
CA PHE B 121 -1.29 -27.81 31.62
C PHE B 121 -1.50 -26.57 30.74
N LEU B 122 -2.74 -26.26 30.34
CA LEU B 122 -2.98 -25.05 29.59
C LEU B 122 -2.65 -23.79 30.41
N GLY B 123 -2.74 -23.89 31.73
CA GLY B 123 -2.34 -22.82 32.65
C GLY B 123 -0.81 -22.66 32.74
N TYR B 124 -0.05 -23.60 32.18
CA TYR B 124 1.41 -23.50 32.25
C TYR B 124 1.97 -22.35 31.42
N PHE B 125 1.17 -21.72 30.55
CA PHE B 125 1.62 -20.50 29.92
C PHE B 125 2.00 -19.43 30.95
N ILE B 126 1.28 -19.44 32.06
CA ILE B 126 1.43 -18.44 33.11
C ILE B 126 2.71 -18.77 33.91
N GLU B 127 3.50 -17.73 34.15
CA GLU B 127 4.71 -17.90 34.96
C GLU B 127 4.36 -18.44 36.34
N GLY B 128 5.04 -19.51 36.75
CA GLY B 128 4.82 -20.17 38.03
C GLY B 128 3.70 -21.21 37.98
N GLY B 129 2.97 -21.32 36.85
CA GLY B 129 1.85 -22.26 36.80
C GLY B 129 2.24 -23.73 36.88
N GLU B 130 3.24 -24.14 36.08
CA GLU B 130 3.74 -25.51 36.09
C GLU B 130 4.23 -25.87 37.50
N ALA B 131 4.98 -24.95 38.08
CA ALA B 131 5.55 -25.23 39.40
C ALA B 131 4.44 -25.43 40.43
N TYR B 132 3.38 -24.59 40.39
CA TYR B 132 2.26 -24.75 41.31
C TYR B 132 1.56 -26.08 41.10
N ASN B 133 1.20 -26.38 39.83
CA ASN B 133 0.44 -27.57 39.54
C ASN B 133 1.21 -28.85 39.82
N SER B 134 2.55 -28.80 39.75
CA SER B 134 3.39 -29.97 40.06
C SER B 134 3.57 -30.16 41.57
N GLY B 135 3.04 -29.26 42.41
CA GLY B 135 3.21 -29.36 43.84
C GLY B 135 4.58 -28.87 44.31
N LYS B 136 5.37 -28.23 43.44
CA LYS B 136 6.67 -27.72 43.84
C LYS B 136 6.56 -26.27 44.35
N GLY B 137 5.77 -25.45 43.61
CA GLY B 137 5.78 -24.00 43.73
C GLY B 137 4.54 -23.49 44.47
N LYS B 138 4.60 -22.21 44.89
CA LYS B 138 3.53 -21.59 45.65
C LYS B 138 2.44 -21.08 44.71
N LYS B 139 1.21 -21.13 45.21
CA LYS B 139 0.07 -20.51 44.54
C LYS B 139 0.33 -19.03 44.28
N ASP B 140 0.91 -18.32 45.27
CA ASP B 140 1.17 -16.90 45.17
C ASP B 140 2.21 -16.57 44.12
N ASP B 141 2.99 -17.56 43.66
CA ASP B 141 4.04 -17.27 42.70
C ASP B 141 3.52 -17.51 41.28
N VAL B 142 2.25 -17.91 41.17
CA VAL B 142 1.57 -17.96 39.88
C VAL B 142 1.21 -16.52 39.50
N LYS B 143 1.83 -16.04 38.41
CA LYS B 143 1.73 -14.61 38.06
C LYS B 143 0.44 -14.28 37.30
N VAL B 144 -0.69 -14.42 37.99
CA VAL B 144 -1.93 -13.73 37.60
C VAL B 144 -2.43 -13.00 38.85
N THR B 145 -2.74 -11.72 38.68
CA THR B 145 -3.10 -10.85 39.79
C THR B 145 -4.15 -9.83 39.35
N ALA B 146 -5.25 -9.81 40.13
CA ALA B 146 -6.23 -8.74 40.07
C ALA B 146 -5.63 -7.52 40.78
N LYS B 147 -5.11 -6.56 40.02
CA LYS B 147 -4.57 -5.29 40.54
C LYS B 147 -5.71 -4.49 41.19
N ASP B 148 -6.90 -4.54 40.60
CA ASP B 148 -8.13 -4.00 41.17
C ASP B 148 -9.28 -4.73 40.48
N ASP B 149 -10.53 -4.33 40.75
CA ASP B 149 -11.67 -5.08 40.24
C ASP B 149 -11.72 -5.07 38.71
N ARG B 150 -11.10 -4.10 38.04
CA ARG B 150 -11.20 -4.00 36.58
C ARG B 150 -9.87 -4.27 35.89
N THR B 151 -8.82 -4.67 36.62
CA THR B 151 -7.47 -4.76 36.08
C THR B 151 -6.85 -6.12 36.43
N LEU B 152 -6.57 -6.92 35.39
CA LEU B 152 -5.93 -8.22 35.56
C LEU B 152 -4.57 -8.20 34.90
N GLU B 153 -3.51 -8.49 35.66
CA GLU B 153 -2.17 -8.53 35.15
C GLU B 153 -1.70 -9.99 35.17
N VAL B 154 -1.19 -10.45 34.04
CA VAL B 154 -0.68 -11.80 33.97
C VAL B 154 0.67 -11.80 33.27
N THR B 155 1.64 -12.49 33.84
CA THR B 155 2.94 -12.63 33.20
C THR B 155 3.15 -14.09 32.79
N LEU B 156 3.52 -14.28 31.52
CA LEU B 156 3.79 -15.58 30.94
C LEU B 156 5.24 -16.01 31.19
N GLU B 157 5.47 -17.33 31.18
CA GLU B 157 6.83 -17.85 31.21
C GLU B 157 7.65 -17.31 30.02
N ALA B 158 7.02 -17.22 28.85
CA ALA B 158 7.65 -16.82 27.60
C ALA B 158 6.60 -16.15 26.71
N PRO B 159 7.00 -15.28 25.76
CA PRO B 159 6.08 -14.75 24.74
C PRO B 159 5.25 -15.84 24.10
N GLN B 160 3.98 -15.53 23.85
CA GLN B 160 3.02 -16.45 23.27
C GLN B 160 2.05 -15.71 22.38
N LYS B 161 2.30 -15.79 21.09
CA LYS B 161 1.46 -15.07 20.16
C LYS B 161 0.03 -15.57 20.24
N TYR B 162 -0.20 -16.81 20.69
CA TYR B 162 -1.58 -17.29 20.73
C TYR B 162 -2.25 -17.02 22.07
N PHE B 163 -1.59 -16.28 22.98
CA PHE B 163 -2.22 -16.16 24.29
C PHE B 163 -3.60 -15.51 24.28
N LEU B 164 -3.85 -14.49 23.45
CA LEU B 164 -5.18 -13.88 23.35
C LEU B 164 -6.20 -14.89 22.86
N SER B 165 -5.75 -15.87 22.04
CA SER B 165 -6.62 -16.98 21.66
C SER B 165 -6.85 -17.95 22.83
N VAL B 166 -5.78 -18.32 23.54
CA VAL B 166 -5.90 -19.23 24.67
C VAL B 166 -6.94 -18.75 25.71
N VAL B 167 -7.03 -17.45 25.96
CA VAL B 167 -7.93 -16.95 27.01
C VAL B 167 -9.40 -16.97 26.57
N SER B 168 -9.68 -17.40 25.33
CA SER B 168 -11.04 -17.73 24.90
C SER B 168 -11.39 -19.20 25.16
N ASN B 169 -10.40 -20.01 25.54
CA ASN B 169 -10.63 -21.42 25.80
C ASN B 169 -11.41 -21.58 27.12
N PRO B 170 -12.36 -22.54 27.23
CA PRO B 170 -13.12 -22.69 28.47
C PRO B 170 -12.31 -22.95 29.73
N ALA B 171 -11.12 -23.57 29.63
CA ALA B 171 -10.28 -23.80 30.81
C ALA B 171 -9.91 -22.47 31.47
N TYR B 172 -9.93 -21.38 30.69
CA TYR B 172 -9.59 -20.04 31.17
C TYR B 172 -10.81 -19.18 31.50
N PHE B 173 -11.99 -19.80 31.54
CA PHE B 173 -13.17 -19.08 31.92
C PHE B 173 -13.08 -18.67 33.40
N PRO B 174 -13.70 -17.55 33.76
CA PRO B 174 -13.80 -17.13 35.17
C PRO B 174 -14.84 -17.97 35.89
N VAL B 175 -14.81 -17.87 37.21
CA VAL B 175 -15.78 -18.51 38.08
C VAL B 175 -16.20 -17.47 39.12
N ASN B 176 -17.48 -17.42 39.52
CA ASN B 176 -17.90 -16.49 40.56
C ASN B 176 -17.36 -17.03 41.89
N GLU B 177 -16.39 -16.33 42.46
CA GLU B 177 -15.59 -16.86 43.56
C GLU B 177 -16.44 -17.22 44.77
N LYS B 178 -17.33 -16.32 45.21
CA LYS B 178 -18.15 -16.56 46.39
C LYS B 178 -19.14 -17.71 46.13
N VAL B 179 -19.66 -17.79 44.88
CA VAL B 179 -20.54 -18.89 44.51
C VAL B 179 -19.78 -20.22 44.63
N ASP B 180 -18.51 -20.24 44.20
CA ASP B 180 -17.74 -21.46 44.16
C ASP B 180 -17.42 -21.96 45.58
N LYS B 181 -17.13 -21.02 46.48
CA LYS B 181 -16.84 -21.34 47.87
C LYS B 181 -18.12 -21.76 48.61
N ASP B 182 -19.24 -21.09 48.37
CA ASP B 182 -20.47 -21.39 49.09
C ASP B 182 -21.07 -22.73 48.64
N ASN B 183 -20.95 -23.03 47.34
CA ASN B 183 -21.51 -24.24 46.76
C ASN B 183 -20.50 -24.78 45.76
N PRO B 184 -19.56 -25.62 46.24
CA PRO B 184 -18.53 -26.19 45.38
C PRO B 184 -19.08 -26.99 44.18
N LYS B 185 -20.38 -27.35 44.24
CA LYS B 185 -21.03 -28.11 43.18
C LYS B 185 -22.03 -27.27 42.38
N TRP B 186 -21.86 -25.93 42.37
CA TRP B 186 -22.79 -25.02 41.71
C TRP B 186 -23.04 -25.39 40.24
N PHE B 187 -22.00 -25.88 39.57
CA PHE B 187 -22.04 -26.14 38.13
C PHE B 187 -22.83 -27.42 37.78
N ALA B 188 -23.24 -28.21 38.78
CA ALA B 188 -23.79 -29.55 38.58
C ALA B 188 -25.27 -29.49 38.17
N GLU B 189 -25.92 -28.33 38.35
CA GLU B 189 -27.36 -28.22 38.07
C GLU B 189 -27.68 -26.84 37.50
N SER B 190 -28.72 -26.75 36.65
CA SER B 190 -29.17 -25.46 36.17
C SER B 190 -29.57 -24.53 37.31
N ASP B 191 -30.24 -25.03 38.36
CA ASP B 191 -30.80 -24.15 39.36
C ASP B 191 -29.71 -23.57 40.27
N THR B 192 -28.46 -24.03 40.20
CA THR B 192 -27.39 -23.48 41.02
C THR B 192 -26.31 -22.80 40.16
N PHE B 193 -26.47 -22.89 38.84
CA PHE B 193 -25.47 -22.39 37.92
C PHE B 193 -25.43 -20.86 37.96
N VAL B 194 -24.22 -20.29 37.92
CA VAL B 194 -24.04 -18.85 37.81
C VAL B 194 -23.05 -18.59 36.68
N GLY B 195 -23.51 -17.91 35.63
CA GLY B 195 -22.81 -17.85 34.36
C GLY B 195 -22.64 -16.41 33.91
N ASN B 196 -21.78 -16.19 32.90
CA ASN B 196 -21.53 -14.83 32.45
C ASN B 196 -21.56 -14.66 30.93
N GLY B 197 -22.05 -15.68 30.20
CA GLY B 197 -22.06 -15.67 28.75
C GLY B 197 -23.38 -15.17 28.15
N PRO B 198 -23.48 -15.28 26.80
CA PRO B 198 -24.58 -14.67 26.06
C PRO B 198 -25.94 -15.28 26.36
N PHE B 199 -25.96 -16.55 26.76
CA PHE B 199 -27.16 -17.28 27.16
C PHE B 199 -27.03 -17.68 28.62
N LYS B 200 -28.18 -17.82 29.26
CA LYS B 200 -28.33 -18.33 30.60
C LYS B 200 -28.84 -19.76 30.58
N LEU B 201 -28.22 -20.62 31.39
CA LEU B 201 -28.68 -21.99 31.53
C LEU B 201 -29.99 -21.97 32.34
N THR B 202 -31.09 -22.43 31.73
CA THR B 202 -32.39 -22.33 32.40
C THR B 202 -32.96 -23.71 32.71
N GLU B 203 -32.54 -24.73 31.94
CA GLU B 203 -32.88 -26.10 32.25
C GLU B 203 -31.75 -27.03 31.85
N TRP B 204 -31.52 -28.05 32.68
CA TRP B 204 -30.65 -29.16 32.32
C TRP B 204 -31.23 -30.44 32.90
N LYS B 205 -31.91 -31.22 32.03
CA LYS B 205 -32.42 -32.53 32.39
C LYS B 205 -31.37 -33.57 31.98
N HIS B 206 -30.65 -34.10 32.97
CA HIS B 206 -29.43 -34.85 32.72
C HIS B 206 -29.73 -36.04 31.81
N ASP B 207 -28.90 -36.19 30.75
CA ASP B 207 -29.02 -37.29 29.78
C ASP B 207 -30.18 -37.05 28.82
N ASP B 208 -30.95 -35.97 29.01
CA ASP B 208 -32.10 -35.68 28.18
C ASP B 208 -31.88 -34.42 27.32
N SER B 209 -31.78 -33.24 27.95
CA SER B 209 -31.64 -32.01 27.21
C SER B 209 -31.13 -30.85 28.07
N ILE B 210 -30.78 -29.79 27.37
CA ILE B 210 -30.40 -28.54 27.98
C ILE B 210 -31.20 -27.44 27.31
N THR B 211 -31.64 -26.47 28.11
CA THR B 211 -32.18 -25.26 27.57
C THR B 211 -31.41 -24.07 28.09
N MET B 212 -31.14 -23.12 27.20
CA MET B 212 -30.54 -21.85 27.55
C MET B 212 -31.31 -20.73 26.87
N GLU B 213 -31.40 -19.62 27.59
CA GLU B 213 -32.21 -18.49 27.18
C GLU B 213 -31.31 -17.27 27.08
N LYS B 214 -31.64 -16.40 26.13
CA LYS B 214 -30.94 -15.15 26.01
C LYS B 214 -30.81 -14.56 27.42
N SER B 215 -29.57 -14.21 27.80
CA SER B 215 -29.30 -13.75 29.15
C SER B 215 -29.56 -12.24 29.25
N ASP B 216 -30.40 -11.86 30.21
CA ASP B 216 -30.79 -10.47 30.36
C ASP B 216 -29.73 -9.67 31.13
N THR B 217 -28.75 -10.35 31.77
CA THR B 217 -27.68 -9.66 32.49
C THR B 217 -26.42 -9.51 31.64
N TYR B 218 -26.46 -9.96 30.37
CA TYR B 218 -25.27 -10.00 29.54
C TYR B 218 -24.97 -8.63 28.94
N TRP B 219 -23.68 -8.25 28.96
CA TRP B 219 -23.21 -6.92 28.55
C TRP B 219 -23.57 -6.61 27.09
N ASP B 220 -23.62 -7.61 26.21
CA ASP B 220 -23.83 -7.43 24.80
C ASP B 220 -25.18 -8.04 24.38
N LYS B 221 -26.18 -8.00 25.26
CA LYS B 221 -27.43 -8.70 25.01
C LYS B 221 -28.14 -8.18 23.76
N ASP B 222 -27.97 -6.89 23.44
CA ASP B 222 -28.63 -6.32 22.27
C ASP B 222 -28.17 -7.00 20.98
N THR B 223 -26.96 -7.60 20.97
CA THR B 223 -26.49 -8.31 19.80
C THR B 223 -27.13 -9.69 19.69
N VAL B 224 -27.51 -10.32 20.81
CA VAL B 224 -28.02 -11.68 20.77
C VAL B 224 -29.47 -11.63 20.25
N LYS B 225 -29.73 -12.33 19.14
CA LYS B 225 -31.04 -12.29 18.48
C LYS B 225 -31.91 -13.50 18.85
N LEU B 226 -31.31 -14.62 19.25
CA LEU B 226 -32.08 -15.81 19.62
C LEU B 226 -32.66 -15.65 21.02
N ASP B 227 -33.85 -16.18 21.24
CA ASP B 227 -34.49 -16.16 22.55
C ASP B 227 -34.06 -17.39 23.36
N LYS B 228 -33.87 -18.51 22.67
CA LYS B 228 -33.56 -19.78 23.29
C LYS B 228 -32.67 -20.62 22.38
N VAL B 229 -31.91 -21.51 23.03
CA VAL B 229 -31.24 -22.63 22.38
C VAL B 229 -31.61 -23.87 23.18
N LYS B 230 -32.15 -24.87 22.45
CA LYS B 230 -32.49 -26.16 23.02
C LYS B 230 -31.54 -27.20 22.45
N TRP B 231 -30.91 -27.95 23.34
CA TRP B 231 -29.92 -28.95 23.00
C TRP B 231 -30.49 -30.31 23.35
N ALA B 232 -30.67 -31.15 22.33
CA ALA B 232 -31.04 -32.54 22.51
C ALA B 232 -29.81 -33.39 22.82
N MET B 233 -30.05 -34.66 23.17
CA MET B 233 -28.96 -35.58 23.41
C MET B 233 -29.35 -36.89 22.72
N VAL B 234 -29.41 -36.82 21.39
CA VAL B 234 -29.71 -37.96 20.54
C VAL B 234 -28.43 -38.47 19.89
N SER B 235 -28.10 -39.75 20.13
CA SER B 235 -26.86 -40.27 19.58
C SER B 235 -27.13 -41.20 18.40
N ASP B 236 -28.37 -41.66 18.26
CA ASP B 236 -28.78 -42.34 17.05
C ASP B 236 -28.79 -41.31 15.93
N ARG B 237 -27.63 -41.13 15.26
CA ARG B 237 -27.49 -40.18 14.15
C ARG B 237 -28.53 -40.46 13.06
N ASN B 238 -29.26 -41.56 13.21
CA ASN B 238 -30.41 -41.87 12.37
C ASN B 238 -31.66 -41.10 12.81
N THR B 239 -31.95 -41.07 14.12
CA THR B 239 -33.05 -40.26 14.67
C THR B 239 -32.75 -38.79 14.41
N ASP B 240 -31.47 -38.40 14.47
CA ASP B 240 -31.02 -37.03 14.26
C ASP B 240 -31.43 -36.55 12.86
N TYR B 241 -31.40 -37.45 11.87
CA TYR B 241 -31.86 -37.16 10.53
C TYR B 241 -33.38 -37.01 10.47
N GLN B 242 -34.12 -37.97 11.05
CA GLN B 242 -35.57 -37.85 11.11
C GLN B 242 -35.92 -36.52 11.76
N MET B 243 -35.18 -36.12 12.80
CA MET B 243 -35.54 -34.88 13.50
C MET B 243 -35.31 -33.67 12.61
N PHE B 244 -34.22 -33.66 11.84
CA PHE B 244 -33.96 -32.60 10.89
C PHE B 244 -35.10 -32.48 9.85
N GLN B 245 -35.52 -33.61 9.27
CA GLN B 245 -36.60 -33.61 8.28
C GLN B 245 -37.91 -33.07 8.86
N SER B 246 -38.19 -33.34 10.14
CA SER B 246 -39.43 -32.89 10.78
C SER B 246 -39.31 -31.49 11.37
N GLY B 247 -38.12 -30.87 11.28
CA GLY B 247 -37.90 -29.53 11.81
C GLY B 247 -37.65 -29.52 13.32
N GLU B 248 -37.45 -30.69 13.91
CA GLU B 248 -37.15 -30.77 15.33
C GLU B 248 -35.68 -30.44 15.59
N LEU B 249 -34.85 -30.39 14.53
CA LEU B 249 -33.47 -29.92 14.61
C LEU B 249 -33.25 -28.91 13.48
N ASP B 250 -32.59 -27.81 13.83
CA ASP B 250 -32.14 -26.85 12.85
C ASP B 250 -30.76 -27.23 12.29
N THR B 251 -30.04 -28.11 13.01
CA THR B 251 -28.73 -28.56 12.56
C THR B 251 -28.68 -30.06 12.77
N ALA B 252 -28.00 -30.77 11.87
CA ALA B 252 -27.98 -32.22 11.87
C ALA B 252 -26.76 -32.71 11.09
N TYR B 253 -26.51 -34.01 11.19
CA TYR B 253 -25.38 -34.61 10.52
C TYR B 253 -25.82 -35.02 9.12
N VAL B 254 -24.85 -35.12 8.22
CA VAL B 254 -25.09 -35.68 6.90
C VAL B 254 -24.89 -37.19 7.01
N PRO B 255 -25.93 -38.03 6.79
CA PRO B 255 -25.79 -39.48 6.84
C PRO B 255 -24.75 -40.01 5.86
N ALA B 256 -23.91 -40.95 6.34
CA ALA B 256 -22.87 -41.58 5.52
C ALA B 256 -23.50 -42.25 4.31
N GLU B 257 -24.66 -42.90 4.54
CA GLU B 257 -25.33 -43.74 3.55
C GLU B 257 -26.06 -42.87 2.51
N LEU B 258 -26.13 -41.56 2.74
CA LEU B 258 -26.83 -40.64 1.84
C LEU B 258 -25.89 -39.52 1.35
N SER B 259 -26.47 -38.64 0.53
CA SER B 259 -25.74 -37.74 -0.36
C SER B 259 -25.78 -36.32 0.23
N GLN B 265 -28.03 -30.23 -0.86
CA GLN B 265 -26.69 -29.67 -1.18
C GLN B 265 -26.64 -28.18 -0.87
N ASP B 266 -27.75 -27.47 -1.14
CA ASP B 266 -27.87 -26.05 -0.81
C ASP B 266 -27.86 -25.89 0.72
N ASN B 267 -28.33 -26.91 1.45
CA ASN B 267 -28.45 -26.88 2.90
C ASN B 267 -27.35 -27.71 3.58
N VAL B 268 -26.29 -28.07 2.83
CA VAL B 268 -25.10 -28.72 3.38
C VAL B 268 -24.01 -27.67 3.65
N ASN B 269 -23.55 -27.65 4.90
CA ASN B 269 -22.52 -26.76 5.39
C ASN B 269 -21.27 -27.61 5.64
N ILE B 270 -20.15 -27.28 4.96
CA ILE B 270 -18.88 -27.94 5.27
C ILE B 270 -17.84 -26.90 5.66
N VAL B 271 -17.33 -27.02 6.89
CA VAL B 271 -16.26 -26.16 7.36
C VAL B 271 -15.19 -27.02 8.02
N ASP B 272 -14.03 -26.39 8.15
CA ASP B 272 -12.82 -27.06 8.63
C ASP B 272 -12.97 -27.34 10.13
N GLN B 273 -12.24 -28.36 10.58
CA GLN B 273 -12.03 -28.56 12.01
C GLN B 273 -10.74 -29.32 12.20
N ALA B 274 -9.81 -28.71 12.95
CA ALA B 274 -8.53 -29.31 13.21
C ALA B 274 -8.73 -30.44 14.23
N GLY B 275 -7.84 -31.43 14.13
CA GLY B 275 -7.90 -32.55 15.02
C GLY B 275 -8.05 -33.88 14.30
N LEU B 276 -8.02 -34.94 15.09
CA LEU B 276 -8.12 -36.27 14.48
C LEU B 276 -8.76 -37.32 15.39
N TYR B 277 -9.31 -38.32 14.69
CA TYR B 277 -9.70 -39.62 15.22
C TYR B 277 -8.49 -40.55 15.13
N PHE B 278 -8.20 -41.25 16.25
CA PHE B 278 -7.08 -42.16 16.31
C PHE B 278 -7.38 -43.28 17.30
N TYR B 279 -6.44 -44.21 17.39
CA TYR B 279 -6.42 -45.21 18.47
C TYR B 279 -5.16 -45.10 19.30
N ARG B 280 -5.28 -45.41 20.60
CA ARG B 280 -4.12 -45.51 21.48
C ARG B 280 -3.87 -46.96 21.86
N PHE B 281 -2.59 -47.29 21.92
CA PHE B 281 -2.13 -48.49 22.62
C PHE B 281 -1.83 -48.10 24.06
N ASN B 282 -1.79 -49.12 24.92
CA ASN B 282 -1.16 -48.99 26.23
C ASN B 282 0.14 -49.79 26.18
N VAL B 283 1.28 -49.08 26.21
CA VAL B 283 2.59 -49.67 26.01
C VAL B 283 2.98 -50.52 27.22
N ASN B 284 2.20 -50.41 28.29
CA ASN B 284 2.47 -51.17 29.52
C ASN B 284 1.66 -52.46 29.54
N MET B 285 0.85 -52.74 28.51
CA MET B 285 0.00 -53.93 28.52
C MET B 285 0.42 -54.80 27.35
N GLU B 286 0.55 -56.11 27.60
CA GLU B 286 0.96 -57.00 26.54
C GLU B 286 -0.11 -57.03 25.46
N PRO B 287 0.25 -57.18 24.17
CA PRO B 287 1.64 -57.24 23.69
C PRO B 287 2.28 -55.93 23.18
N PHE B 288 1.74 -54.80 23.65
CA PHE B 288 2.06 -53.50 23.07
C PHE B 288 3.29 -52.87 23.72
N GLN B 289 3.94 -53.62 24.62
CA GLN B 289 5.25 -53.21 25.12
C GLN B 289 6.30 -53.30 24.03
N ASN B 290 6.01 -54.08 22.97
CA ASN B 290 6.93 -54.28 21.85
C ASN B 290 6.59 -53.29 20.75
N GLU B 291 7.60 -52.50 20.37
CA GLU B 291 7.45 -51.44 19.38
C GLU B 291 7.11 -52.02 18.01
N ASN B 292 7.73 -53.12 17.62
CA ASN B 292 7.45 -53.73 16.32
C ASN B 292 6.01 -54.24 16.20
N ILE B 293 5.49 -54.79 17.29
CA ILE B 293 4.11 -55.23 17.34
C ILE B 293 3.17 -54.01 17.20
N ARG B 294 3.43 -52.93 17.92
CA ARG B 294 2.66 -51.70 17.72
C ARG B 294 2.75 -51.23 16.27
N LYS B 295 3.97 -51.21 15.70
CA LYS B 295 4.16 -50.70 14.34
C LYS B 295 3.38 -51.56 13.34
N ALA B 296 3.37 -52.87 13.58
CA ALA B 296 2.61 -53.82 12.76
C ALA B 296 1.13 -53.46 12.75
N PHE B 297 0.55 -53.18 13.93
CA PHE B 297 -0.85 -52.88 14.04
C PHE B 297 -1.13 -51.57 13.29
N ALA B 298 -0.32 -50.55 13.55
CA ALA B 298 -0.49 -49.26 12.89
C ALA B 298 -0.41 -49.37 11.37
N MET B 299 0.59 -50.13 10.86
CA MET B 299 0.83 -50.26 9.43
C MET B 299 -0.19 -51.16 8.74
N ALA B 300 -1.00 -51.90 9.51
CA ALA B 300 -2.06 -52.72 8.95
C ALA B 300 -3.30 -51.89 8.63
N VAL B 301 -3.54 -50.83 9.41
CA VAL B 301 -4.74 -50.00 9.24
C VAL B 301 -4.69 -49.22 7.92
N ASP B 302 -5.81 -49.22 7.21
CA ASP B 302 -5.96 -48.55 5.94
C ASP B 302 -6.94 -47.38 6.07
N GLN B 303 -6.38 -46.18 6.28
CA GLN B 303 -7.17 -45.01 6.63
C GLN B 303 -8.05 -44.58 5.47
N GLU B 304 -7.51 -44.69 4.24
CA GLU B 304 -8.28 -44.36 3.05
C GLU B 304 -9.53 -45.24 2.98
N GLU B 305 -9.40 -46.54 3.31
CA GLU B 305 -10.56 -47.41 3.28
C GLU B 305 -11.60 -46.97 4.30
N ILE B 306 -11.15 -46.49 5.46
CA ILE B 306 -12.09 -46.08 6.49
C ILE B 306 -12.91 -44.90 5.96
N VAL B 307 -12.26 -43.91 5.33
CA VAL B 307 -12.96 -42.67 5.00
C VAL B 307 -13.82 -42.94 3.76
N LYS B 308 -13.35 -43.81 2.87
CA LYS B 308 -14.07 -44.10 1.63
C LYS B 308 -15.29 -44.96 1.89
N TYR B 309 -15.17 -45.98 2.77
CA TYR B 309 -16.21 -46.98 2.93
C TYR B 309 -17.00 -46.82 4.23
N VAL B 310 -16.45 -46.16 5.25
CA VAL B 310 -17.15 -46.06 6.52
C VAL B 310 -17.66 -44.64 6.79
N THR B 311 -16.78 -43.63 6.85
CA THR B 311 -17.22 -42.31 7.28
C THR B 311 -17.95 -41.57 6.16
N LYS B 312 -17.38 -41.55 4.94
CA LYS B 312 -18.02 -40.99 3.74
C LYS B 312 -18.49 -39.53 3.88
N ASN B 313 -17.74 -38.66 4.60
CA ASN B 313 -18.07 -37.24 4.69
C ASN B 313 -16.83 -36.43 4.25
N ASN B 314 -16.02 -37.03 3.38
CA ASN B 314 -14.87 -36.39 2.74
C ASN B 314 -13.82 -36.01 3.78
N GLU B 315 -13.76 -36.77 4.88
CA GLU B 315 -12.68 -36.63 5.84
C GLU B 315 -11.37 -37.06 5.19
N LYS B 316 -10.28 -36.38 5.56
CA LYS B 316 -8.99 -36.73 5.03
C LYS B 316 -8.43 -37.92 5.82
N PRO B 317 -7.92 -38.97 5.17
CA PRO B 317 -7.25 -40.07 5.88
C PRO B 317 -6.02 -39.51 6.57
N ALA B 318 -5.79 -39.96 7.81
CA ALA B 318 -4.68 -39.49 8.63
C ALA B 318 -3.52 -40.46 8.55
N HIS B 319 -2.40 -39.96 8.02
CA HIS B 319 -1.15 -40.70 7.97
C HIS B 319 -0.09 -40.04 8.84
N ALA B 320 -0.59 -39.29 9.85
CA ALA B 320 0.21 -38.61 10.83
C ALA B 320 -0.71 -38.07 11.93
N PHE B 321 -0.15 -37.38 12.91
CA PHE B 321 -0.90 -36.93 14.07
C PHE B 321 -1.43 -35.50 13.88
N VAL B 322 -0.55 -34.59 13.45
CA VAL B 322 -0.91 -33.18 13.28
C VAL B 322 -1.74 -33.04 12.02
N SER B 323 -2.91 -32.43 12.16
CA SER B 323 -3.86 -32.29 11.07
C SER B 323 -3.47 -31.15 10.13
N PRO B 324 -4.07 -31.11 8.93
CA PRO B 324 -4.00 -29.92 8.09
C PRO B 324 -4.50 -28.71 8.86
N GLY B 325 -4.03 -27.53 8.45
CA GLY B 325 -4.61 -26.30 8.96
C GLY B 325 -3.60 -25.30 9.48
N PHE B 326 -2.34 -25.72 9.60
CA PHE B 326 -1.34 -24.94 10.30
C PHE B 326 -0.31 -24.47 9.29
N THR B 327 -0.23 -23.15 9.10
CA THR B 327 0.70 -22.60 8.15
C THR B 327 2.07 -22.47 8.78
N GLN B 328 3.07 -22.81 7.98
CA GLN B 328 4.46 -22.78 8.40
C GLN B 328 5.06 -21.43 8.04
N PRO B 329 6.25 -21.10 8.61
CA PRO B 329 7.01 -19.92 8.19
C PRO B 329 7.29 -19.81 6.69
N ASP B 330 7.38 -20.95 5.99
CA ASP B 330 7.63 -20.97 4.56
C ASP B 330 6.33 -20.90 3.73
N GLY B 331 5.17 -20.80 4.39
CA GLY B 331 3.92 -20.67 3.69
C GLY B 331 3.14 -21.97 3.48
N LYS B 332 3.83 -23.09 3.58
CA LYS B 332 3.17 -24.37 3.37
C LYS B 332 2.38 -24.78 4.61
N ASP B 333 1.50 -25.74 4.37
CA ASP B 333 0.78 -26.42 5.43
C ASP B 333 1.72 -27.40 6.12
N PHE B 334 1.66 -27.46 7.46
CA PHE B 334 2.53 -28.32 8.26
C PHE B 334 2.40 -29.79 7.86
N ARG B 335 1.16 -30.30 7.77
CA ARG B 335 0.91 -31.69 7.44
C ARG B 335 1.41 -31.99 6.03
N GLU B 336 1.10 -31.10 5.07
CA GLU B 336 1.51 -31.27 3.68
C GLU B 336 3.05 -31.33 3.61
N ALA B 337 3.74 -30.46 4.34
CA ALA B 337 5.20 -30.41 4.28
C ALA B 337 5.82 -31.61 4.97
N GLY B 338 5.22 -32.05 6.09
CA GLY B 338 5.70 -33.19 6.86
C GLY B 338 5.48 -34.50 6.10
N GLY B 339 4.42 -34.56 5.30
CA GLY B 339 4.10 -35.71 4.47
C GLY B 339 3.47 -36.83 5.30
N ASP B 340 3.14 -37.92 4.60
CA ASP B 340 2.60 -39.11 5.23
C ASP B 340 3.73 -39.80 5.98
N LEU B 341 3.48 -40.13 7.25
CA LEU B 341 4.48 -40.74 8.12
C LEU B 341 4.16 -42.21 8.33
N ILE B 342 2.90 -42.63 8.12
CA ILE B 342 2.48 -44.02 8.34
C ILE B 342 1.38 -44.34 7.33
N LYS B 343 1.65 -45.36 6.50
CA LYS B 343 0.72 -45.77 5.45
C LYS B 343 0.60 -47.29 5.42
N PRO B 344 -0.59 -47.76 5.02
CA PRO B 344 -0.86 -49.18 5.06
C PRO B 344 0.08 -49.95 4.16
N ASN B 345 0.51 -51.10 4.68
CA ASN B 345 1.31 -52.02 3.91
C ASN B 345 1.17 -53.34 4.61
N GLU B 346 0.23 -54.17 4.15
CA GLU B 346 -0.09 -55.46 4.74
C GLU B 346 1.16 -56.34 4.91
N SER B 347 2.00 -56.44 3.86
CA SER B 347 3.10 -57.41 3.91
C SER B 347 4.22 -56.95 4.86
N LYS B 348 4.53 -55.65 4.89
CA LYS B 348 5.54 -55.16 5.81
C LYS B 348 5.02 -55.24 7.24
N ALA B 349 3.71 -55.00 7.41
CA ALA B 349 3.10 -55.09 8.73
C ALA B 349 3.24 -56.50 9.28
N LYS B 350 2.92 -57.50 8.45
CA LYS B 350 2.92 -58.89 8.91
C LYS B 350 4.34 -59.29 9.31
N GLN B 351 5.33 -58.78 8.58
CA GLN B 351 6.72 -59.06 8.89
C GLN B 351 7.13 -58.41 10.21
N LEU B 352 6.71 -57.16 10.43
CA LEU B 352 6.96 -56.48 11.70
C LEU B 352 6.33 -57.26 12.84
N LEU B 353 5.15 -57.82 12.63
CA LEU B 353 4.49 -58.53 13.69
C LEU B 353 5.30 -59.79 14.04
N GLU B 354 5.76 -60.51 13.02
CA GLU B 354 6.54 -61.72 13.24
C GLU B 354 7.83 -61.38 13.98
N LYS B 355 8.49 -60.28 13.58
CA LYS B 355 9.73 -59.85 14.21
C LYS B 355 9.50 -59.49 15.68
N GLY B 356 8.44 -58.71 15.97
CA GLY B 356 8.08 -58.37 17.34
C GLY B 356 7.70 -59.58 18.20
N MET B 357 6.95 -60.52 17.60
CA MET B 357 6.55 -61.70 18.34
C MET B 357 7.76 -62.54 18.70
N LYS B 358 8.73 -62.66 17.79
CA LYS B 358 9.97 -63.37 18.08
C LYS B 358 10.70 -62.69 19.22
N GLU B 359 10.85 -61.35 19.15
CA GLU B 359 11.54 -60.58 20.18
C GLU B 359 10.96 -60.87 21.57
N GLU B 360 9.65 -61.08 21.67
CA GLU B 360 8.97 -61.30 22.94
C GLU B 360 8.77 -62.79 23.28
N ASN B 361 9.29 -63.68 22.44
CA ASN B 361 9.14 -65.13 22.65
C ASN B 361 7.69 -65.59 22.62
N TYR B 362 6.84 -64.89 21.84
CA TYR B 362 5.43 -65.25 21.75
C TYR B 362 5.21 -66.31 20.67
N ASN B 363 4.64 -67.47 21.06
CA ASN B 363 4.27 -68.49 20.09
C ASN B 363 2.91 -68.18 19.48
N LYS B 364 2.16 -67.33 20.17
CA LYS B 364 0.89 -66.79 19.69
C LYS B 364 0.73 -65.43 20.37
N LEU B 365 -0.12 -64.55 19.83
CA LEU B 365 -0.31 -63.23 20.43
C LEU B 365 -1.25 -63.32 21.63
N PRO B 366 -0.95 -62.68 22.78
CA PRO B 366 -1.94 -62.54 23.84
C PRO B 366 -3.27 -61.93 23.38
N ALA B 367 -4.35 -62.20 24.11
CA ALA B 367 -5.67 -61.69 23.78
C ALA B 367 -5.63 -60.16 23.67
N ILE B 368 -6.31 -59.64 22.65
CA ILE B 368 -6.39 -58.20 22.41
C ILE B 368 -7.85 -57.81 22.53
N THR B 369 -8.21 -56.81 23.34
CA THR B 369 -9.53 -56.20 23.18
C THR B 369 -9.37 -54.73 22.78
N LEU B 370 -10.19 -54.34 21.80
CA LEU B 370 -10.31 -52.98 21.32
C LEU B 370 -11.55 -52.40 21.97
N THR B 371 -11.35 -51.35 22.77
CA THR B 371 -12.42 -50.72 23.51
C THR B 371 -12.74 -49.36 22.86
N TYR B 372 -14.03 -49.07 22.70
CA TYR B 372 -14.51 -47.84 22.10
C TYR B 372 -15.73 -47.33 22.88
N SER B 373 -16.08 -46.06 22.65
CA SER B 373 -17.15 -45.42 23.37
C SER B 373 -18.48 -45.65 22.65
N THR B 374 -19.52 -46.00 23.41
CA THR B 374 -20.78 -46.49 22.85
C THR B 374 -21.43 -45.42 21.98
N LYS B 375 -21.36 -45.63 20.64
CA LYS B 375 -21.85 -44.67 19.64
C LYS B 375 -21.78 -45.33 18.27
N PRO B 376 -22.79 -45.17 17.39
CA PRO B 376 -22.78 -45.93 16.13
C PRO B 376 -21.53 -45.75 15.27
N GLU B 377 -21.03 -44.51 15.09
CA GLU B 377 -19.82 -44.28 14.30
C GLU B 377 -18.67 -45.11 14.86
N HIS B 378 -18.50 -45.11 16.19
CA HIS B 378 -17.33 -45.71 16.81
C HIS B 378 -17.36 -47.23 16.72
N LYS B 379 -18.56 -47.78 16.78
CA LYS B 379 -18.75 -49.20 16.57
C LYS B 379 -18.38 -49.58 15.13
N LYS B 380 -18.82 -48.80 14.15
CA LYS B 380 -18.58 -49.17 12.77
C LYS B 380 -17.09 -49.11 12.44
N ILE B 381 -16.39 -48.10 12.99
CA ILE B 381 -14.96 -48.00 12.73
C ILE B 381 -14.26 -49.15 13.45
N ALA B 382 -14.68 -49.43 14.68
CA ALA B 382 -14.03 -50.49 15.47
C ALA B 382 -14.14 -51.84 14.73
N GLU B 383 -15.31 -52.11 14.17
CA GLU B 383 -15.54 -53.33 13.39
C GLU B 383 -14.67 -53.40 12.14
N ALA B 384 -14.51 -52.26 11.45
CA ALA B 384 -13.62 -52.19 10.29
C ALA B 384 -12.18 -52.49 10.68
N ILE B 385 -11.71 -51.91 11.80
CA ILE B 385 -10.36 -52.17 12.28
C ILE B 385 -10.16 -53.64 12.66
N GLN B 386 -11.15 -54.19 13.38
CA GLN B 386 -11.17 -55.60 13.73
C GLN B 386 -10.98 -56.48 12.48
N GLN B 387 -11.73 -56.19 11.41
CA GLN B 387 -11.66 -57.00 10.20
C GLN B 387 -10.32 -56.80 9.52
N LYS B 388 -9.79 -55.57 9.50
CA LYS B 388 -8.53 -55.30 8.85
C LYS B 388 -7.41 -56.07 9.55
N LEU B 389 -7.41 -56.05 10.89
CA LEU B 389 -6.34 -56.70 11.61
C LEU B 389 -6.41 -58.22 11.41
N LYS B 390 -7.63 -58.79 11.32
CA LYS B 390 -7.77 -60.19 10.98
C LYS B 390 -7.16 -60.49 9.60
N ASN B 391 -7.56 -59.73 8.57
CA ASN B 391 -7.18 -60.06 7.21
C ASN B 391 -5.70 -59.81 6.96
N SER B 392 -5.17 -58.68 7.47
CA SER B 392 -3.81 -58.31 7.17
C SER B 392 -2.79 -59.04 8.04
N LEU B 393 -3.12 -59.27 9.31
CA LEU B 393 -2.15 -59.73 10.29
C LEU B 393 -2.48 -61.11 10.85
N GLY B 394 -3.72 -61.58 10.73
CA GLY B 394 -4.15 -62.82 11.35
C GLY B 394 -4.49 -62.69 12.82
N VAL B 395 -4.81 -61.45 13.24
CA VAL B 395 -5.05 -61.13 14.63
C VAL B 395 -6.55 -61.12 14.87
N ASP B 396 -6.95 -61.70 15.99
CA ASP B 396 -8.33 -61.74 16.47
C ASP B 396 -8.46 -60.76 17.64
N VAL B 397 -9.07 -59.60 17.41
CA VAL B 397 -9.32 -58.68 18.51
C VAL B 397 -10.79 -58.80 18.87
N LYS B 398 -11.06 -58.71 20.17
CA LYS B 398 -12.42 -58.66 20.69
C LYS B 398 -12.81 -57.19 20.89
N LEU B 399 -14.10 -56.85 20.73
CA LEU B 399 -14.56 -55.48 20.93
C LEU B 399 -15.19 -55.34 22.32
N ALA B 400 -15.03 -54.15 22.92
CA ALA B 400 -15.72 -53.77 24.13
C ALA B 400 -16.15 -52.30 24.01
N ASN B 401 -17.20 -51.89 24.73
CA ASN B 401 -17.60 -50.50 24.76
C ASN B 401 -18.23 -50.08 26.10
N MET B 402 -18.14 -48.78 26.36
CA MET B 402 -18.88 -48.17 27.45
C MET B 402 -19.12 -46.69 27.07
N GLU B 403 -19.89 -45.97 27.89
CA GLU B 403 -20.33 -44.64 27.55
C GLU B 403 -19.16 -43.67 27.70
N TRP B 404 -19.16 -42.59 26.90
CA TRP B 404 -18.03 -41.65 26.83
C TRP B 404 -17.55 -41.18 28.19
N ASN B 405 -18.48 -40.76 29.07
CA ASN B 405 -18.19 -40.28 30.41
C ASN B 405 -17.20 -41.21 31.13
N VAL B 406 -17.58 -42.47 31.25
CA VAL B 406 -16.83 -43.52 31.96
C VAL B 406 -15.62 -43.95 31.14
N PHE B 407 -15.80 -44.01 29.82
CA PHE B 407 -14.74 -44.41 28.91
C PHE B 407 -13.54 -43.52 29.13
N LEU B 408 -13.81 -42.20 29.15
CA LEU B 408 -12.79 -41.17 29.29
C LEU B 408 -12.02 -41.37 30.60
N GLU B 409 -12.76 -41.59 31.70
CA GLU B 409 -12.16 -41.79 33.02
C GLU B 409 -11.24 -43.01 32.99
N ASP B 410 -11.74 -44.10 32.39
CA ASP B 410 -10.97 -45.33 32.32
C ASP B 410 -9.76 -45.19 31.40
N GLN B 411 -9.94 -44.50 30.26
CA GLN B 411 -8.84 -44.30 29.33
C GLN B 411 -7.75 -43.50 30.01
N LYS B 412 -8.14 -42.40 30.71
CA LYS B 412 -7.18 -41.58 31.43
C LYS B 412 -6.41 -42.39 32.49
N ALA B 413 -7.08 -43.41 33.06
CA ALA B 413 -6.48 -44.23 34.12
C ALA B 413 -5.73 -45.45 33.54
N LEU B 414 -5.42 -45.41 32.22
CA LEU B 414 -4.60 -46.42 31.58
C LEU B 414 -5.21 -47.83 31.73
N LYS B 415 -6.54 -47.91 31.61
CA LYS B 415 -7.23 -49.19 31.77
C LYS B 415 -7.25 -49.99 30.47
N PHE B 416 -7.08 -49.35 29.31
CA PHE B 416 -7.37 -50.04 28.05
C PHE B 416 -6.09 -50.39 27.30
N GLN B 417 -6.03 -51.63 26.81
CA GLN B 417 -4.97 -52.12 25.95
C GLN B 417 -4.91 -51.33 24.62
N PHE B 418 -6.09 -50.98 24.12
CA PHE B 418 -6.25 -50.54 22.73
C PHE B 418 -7.62 -49.84 22.63
N SER B 419 -7.62 -48.51 22.35
CA SER B 419 -8.82 -47.73 22.58
C SER B 419 -8.98 -46.52 21.65
N GLN B 420 -10.25 -46.32 21.33
CA GLN B 420 -10.75 -45.24 20.50
C GLN B 420 -10.35 -43.91 21.15
N SER B 421 -9.91 -42.99 20.30
CA SER B 421 -9.31 -41.75 20.79
C SER B 421 -9.67 -40.59 19.86
N SER B 422 -9.68 -39.41 20.46
CA SER B 422 -9.98 -38.18 19.74
C SER B 422 -9.11 -37.06 20.31
N PHE B 423 -8.64 -36.18 19.42
CA PHE B 423 -7.87 -35.03 19.80
C PHE B 423 -8.37 -33.80 19.02
N LEU B 424 -8.69 -32.74 19.78
CA LEU B 424 -8.94 -31.42 19.23
C LEU B 424 -7.90 -30.47 19.83
N PRO B 425 -7.18 -29.67 19.01
CA PRO B 425 -6.18 -28.74 19.56
C PRO B 425 -6.84 -27.63 20.37
N ASP B 426 -6.08 -27.09 21.34
CA ASP B 426 -6.62 -26.10 22.26
C ASP B 426 -6.27 -24.69 21.82
N TYR B 427 -5.28 -24.59 20.93
CA TYR B 427 -4.87 -23.36 20.28
C TYR B 427 -4.23 -23.74 18.95
N ALA B 428 -4.09 -22.74 18.07
CA ALA B 428 -3.86 -23.04 16.67
C ALA B 428 -2.38 -23.18 16.32
N ASP B 429 -1.73 -24.22 16.89
CA ASP B 429 -0.35 -24.47 16.56
C ASP B 429 -0.07 -25.98 16.69
N PRO B 430 0.81 -26.54 15.85
CA PRO B 430 1.13 -27.98 15.96
C PRO B 430 1.57 -28.42 17.34
N ILE B 431 2.16 -27.51 18.14
CA ILE B 431 2.63 -27.90 19.46
C ILE B 431 1.48 -28.28 20.39
N SER B 432 0.27 -27.77 20.17
CA SER B 432 -0.90 -28.24 20.93
C SER B 432 -1.11 -29.75 20.77
N PHE B 433 -0.96 -30.25 19.55
CA PHE B 433 -0.99 -31.67 19.31
C PHE B 433 0.19 -32.35 20.00
N LEU B 434 1.43 -31.91 19.72
CA LEU B 434 2.61 -32.67 20.04
C LEU B 434 2.88 -32.69 21.54
N GLU B 435 2.41 -31.68 22.30
CA GLU B 435 2.61 -31.67 23.74
C GLU B 435 1.91 -32.85 24.43
N ALA B 436 0.92 -33.43 23.72
CA ALA B 436 0.09 -34.47 24.30
C ALA B 436 0.92 -35.71 24.66
N PHE B 437 2.01 -35.97 23.96
CA PHE B 437 2.71 -37.24 24.12
C PHE B 437 4.01 -37.12 24.92
N GLN B 438 4.12 -36.02 25.67
CA GLN B 438 5.15 -35.93 26.70
C GLN B 438 4.87 -36.99 27.75
N THR B 439 5.94 -37.50 28.38
CA THR B 439 5.79 -38.42 29.49
C THR B 439 4.74 -37.93 30.49
N GLY B 440 3.74 -38.78 30.77
CA GLY B 440 2.80 -38.56 31.86
C GLY B 440 1.74 -37.49 31.60
N ASN B 441 1.76 -36.86 30.40
CA ASN B 441 0.82 -35.80 30.04
C ASN B 441 -0.62 -36.30 30.17
N SER B 442 -1.55 -35.41 30.56
CA SER B 442 -2.94 -35.82 30.69
C SER B 442 -3.53 -36.27 29.35
N MET B 443 -2.90 -35.86 28.23
CA MET B 443 -3.45 -36.18 26.91
C MET B 443 -2.68 -37.32 26.27
N ASN B 444 -1.73 -37.90 27.02
CA ASN B 444 -0.95 -39.02 26.52
C ASN B 444 -1.80 -40.29 26.60
N ARG B 445 -1.95 -40.83 27.82
CA ARG B 445 -2.83 -41.96 28.10
C ARG B 445 -2.39 -43.26 27.40
N THR B 446 -1.09 -43.40 27.09
CA THR B 446 -0.55 -44.61 26.48
C THR B 446 0.55 -45.23 27.34
N GLY B 447 1.09 -44.45 28.29
CA GLY B 447 2.27 -44.87 29.02
C GLY B 447 3.57 -44.67 28.26
N TRP B 448 3.50 -44.18 27.00
CA TRP B 448 4.69 -43.94 26.21
C TRP B 448 5.47 -42.82 26.87
N ALA B 449 6.77 -43.05 27.03
CA ALA B 449 7.59 -42.14 27.83
C ALA B 449 8.97 -42.09 27.19
N ASN B 450 9.20 -41.07 26.38
CA ASN B 450 10.34 -41.03 25.50
C ASN B 450 11.14 -39.78 25.85
N LYS B 451 12.35 -39.97 26.38
CA LYS B 451 13.16 -38.83 26.79
C LYS B 451 13.51 -37.92 25.59
N GLU B 452 13.83 -38.47 24.41
CA GLU B 452 14.20 -37.66 23.25
C GLU B 452 13.01 -36.79 22.82
N TYR B 453 11.79 -37.37 22.89
CA TYR B 453 10.58 -36.66 22.52
C TYR B 453 10.36 -35.50 23.48
N ASP B 454 10.36 -35.82 24.79
CA ASP B 454 10.17 -34.84 25.85
C ASP B 454 11.16 -33.67 25.62
N GLN B 455 12.40 -33.99 25.28
CA GLN B 455 13.43 -32.97 25.05
C GLN B 455 13.10 -32.12 23.82
N LEU B 456 12.68 -32.76 22.72
CA LEU B 456 12.29 -31.99 21.55
C LEU B 456 11.14 -31.03 21.85
N ILE B 457 10.16 -31.44 22.66
CA ILE B 457 9.01 -30.62 22.99
C ILE B 457 9.45 -29.44 23.85
N LYS B 458 10.26 -29.70 24.89
CA LYS B 458 10.84 -28.64 25.71
C LYS B 458 11.62 -27.66 24.83
N GLN B 459 12.46 -28.15 23.92
CA GLN B 459 13.22 -27.27 23.03
C GLN B 459 12.29 -26.40 22.18
N ALA B 460 11.24 -27.01 21.60
CA ALA B 460 10.29 -26.28 20.76
C ALA B 460 9.53 -25.23 21.58
N LYS B 461 9.19 -25.54 22.85
CA LYS B 461 8.46 -24.59 23.65
C LYS B 461 9.34 -23.39 24.02
N ASN B 462 10.67 -23.52 23.90
CA ASN B 462 11.60 -22.49 24.32
C ASN B 462 12.25 -21.81 23.12
N GLU B 463 11.83 -22.20 21.89
CA GLU B 463 12.50 -21.78 20.68
C GLU B 463 11.85 -20.53 20.09
N ALA B 464 12.62 -19.44 20.02
CA ALA B 464 12.08 -18.18 19.53
C ALA B 464 12.16 -18.08 18.00
N ASP B 465 13.08 -18.82 17.36
CA ASP B 465 13.19 -18.81 15.90
C ASP B 465 12.17 -19.77 15.30
N GLU B 466 11.26 -19.25 14.46
CA GLU B 466 10.08 -20.03 14.06
C GLU B 466 10.51 -21.15 13.12
N LYS B 467 11.45 -20.91 12.23
CA LYS B 467 11.87 -21.98 11.33
C LYS B 467 12.40 -23.16 12.13
N THR B 468 13.26 -22.85 13.12
CA THR B 468 13.83 -23.84 14.02
C THR B 468 12.73 -24.59 14.77
N ARG B 469 11.77 -23.82 15.30
CA ARG B 469 10.69 -24.39 16.09
C ARG B 469 9.87 -25.38 15.25
N PHE B 470 9.58 -25.05 13.99
CA PHE B 470 8.84 -25.95 13.10
C PHE B 470 9.65 -27.21 12.74
N SER B 471 10.97 -27.07 12.55
CA SER B 471 11.86 -28.20 12.35
C SER B 471 11.84 -29.17 13.55
N LEU B 472 11.93 -28.63 14.76
CA LEU B 472 11.85 -29.42 15.99
C LEU B 472 10.51 -30.15 16.08
N MET B 473 9.43 -29.51 15.64
CA MET B 473 8.12 -30.14 15.70
C MET B 473 8.02 -31.29 14.69
N HIS B 474 8.55 -31.11 13.48
CA HIS B 474 8.51 -32.19 12.53
C HIS B 474 9.40 -33.33 13.05
N GLN B 475 10.49 -32.99 13.74
CA GLN B 475 11.39 -34.04 14.26
C GLN B 475 10.64 -34.87 15.29
N ALA B 476 9.93 -34.20 16.20
CA ALA B 476 9.16 -34.86 17.23
C ALA B 476 8.06 -35.72 16.62
N GLU B 477 7.32 -35.20 15.63
CA GLU B 477 6.23 -35.97 15.06
C GLU B 477 6.75 -37.26 14.42
N GLU B 478 7.89 -37.19 13.74
CA GLU B 478 8.46 -38.37 13.10
C GLU B 478 8.77 -39.45 14.15
N LEU B 479 9.34 -39.01 15.28
CA LEU B 479 9.66 -39.92 16.37
C LEU B 479 8.40 -40.60 16.94
N LEU B 480 7.36 -39.78 17.17
CA LEU B 480 6.10 -40.28 17.71
C LEU B 480 5.53 -41.37 16.81
N ILE B 481 5.43 -41.08 15.51
CA ILE B 481 4.77 -41.99 14.59
C ILE B 481 5.65 -43.24 14.39
N ASN B 482 6.98 -43.07 14.39
CA ASN B 482 7.94 -44.16 14.29
CA ASN B 482 7.89 -44.19 14.25
C ASN B 482 7.73 -45.19 15.40
N GLU B 483 7.54 -44.72 16.66
CA GLU B 483 7.44 -45.63 17.80
C GLU B 483 6.00 -46.12 18.01
N ALA B 484 5.07 -45.50 17.29
CA ALA B 484 3.70 -45.96 17.18
C ALA B 484 3.02 -46.28 18.51
N PRO B 485 2.93 -45.33 19.49
CA PRO B 485 2.01 -45.52 20.61
C PRO B 485 0.55 -45.33 20.24
N ILE B 486 0.33 -44.89 18.98
CA ILE B 486 -0.98 -44.56 18.43
C ILE B 486 -1.08 -45.05 16.98
N ILE B 487 -2.32 -45.07 16.51
CA ILE B 487 -2.68 -45.26 15.10
C ILE B 487 -3.55 -44.10 14.67
N PRO B 488 -3.06 -43.21 13.78
CA PRO B 488 -3.94 -42.18 13.24
C PRO B 488 -5.00 -42.85 12.37
N VAL B 489 -6.22 -42.28 12.38
CA VAL B 489 -7.28 -42.78 11.51
C VAL B 489 -7.73 -41.73 10.48
N TYR B 490 -8.40 -40.64 10.91
CA TYR B 490 -8.81 -39.63 9.96
C TYR B 490 -8.80 -38.26 10.63
N PHE B 491 -8.69 -37.22 9.79
CA PHE B 491 -8.75 -35.85 10.25
C PHE B 491 -10.18 -35.33 10.19
N TYR B 492 -10.53 -34.51 11.18
CA TYR B 492 -11.88 -34.00 11.33
C TYR B 492 -12.23 -32.96 10.26
N ASN B 493 -13.54 -32.71 10.19
CA ASN B 493 -14.15 -31.57 9.55
C ASN B 493 -15.48 -31.38 10.27
N GLN B 494 -16.27 -30.36 9.89
CA GLN B 494 -17.59 -30.15 10.48
C GLN B 494 -18.58 -30.06 9.34
N VAL B 495 -19.17 -31.21 9.04
CA VAL B 495 -20.15 -31.34 7.97
C VAL B 495 -21.52 -31.45 8.60
N HIS B 496 -22.44 -30.57 8.17
CA HIS B 496 -23.77 -30.49 8.79
C HIS B 496 -24.85 -30.14 7.77
N LEU B 497 -26.06 -30.67 8.01
CA LEU B 497 -27.28 -30.10 7.45
C LEU B 497 -27.68 -28.91 8.32
N GLN B 498 -28.19 -27.86 7.67
CA GLN B 498 -28.65 -26.69 8.39
C GLN B 498 -29.87 -26.06 7.70
N ASN B 499 -30.89 -25.81 8.51
CA ASN B 499 -32.05 -25.00 8.15
C ASN B 499 -31.60 -23.69 7.52
N GLU B 500 -32.15 -23.36 6.33
CA GLU B 500 -31.81 -22.11 5.65
C GLU B 500 -32.35 -20.90 6.42
N GLN B 501 -33.38 -21.09 7.27
CA GLN B 501 -33.89 -20.03 8.13
C GLN B 501 -32.87 -19.57 9.19
N VAL B 502 -31.83 -20.37 9.46
CA VAL B 502 -30.86 -20.07 10.52
C VAL B 502 -29.55 -19.59 9.89
N LYS B 503 -29.09 -18.39 10.32
CA LYS B 503 -27.87 -17.78 9.82
C LYS B 503 -26.99 -17.33 10.99
N GLY B 504 -25.68 -17.15 10.73
CA GLY B 504 -24.80 -16.48 11.67
C GLY B 504 -24.26 -17.37 12.79
N ILE B 505 -24.46 -18.70 12.72
CA ILE B 505 -23.72 -19.64 13.55
C ILE B 505 -22.25 -19.59 13.16
N VAL B 506 -21.35 -19.53 14.14
CA VAL B 506 -19.92 -19.47 13.85
C VAL B 506 -19.28 -20.75 14.40
N ARG B 507 -18.73 -21.56 13.50
CA ARG B 507 -18.03 -22.78 13.86
C ARG B 507 -16.56 -22.63 13.50
N HIS B 508 -15.71 -22.71 14.51
CA HIS B 508 -14.32 -22.34 14.31
C HIS B 508 -13.49 -23.57 13.98
N PRO B 509 -12.37 -23.42 13.25
CA PRO B 509 -11.47 -24.54 13.03
C PRO B 509 -10.79 -25.06 14.30
N VAL B 510 -10.51 -24.12 15.21
CA VAL B 510 -10.00 -24.43 16.55
C VAL B 510 -10.86 -23.65 17.55
N GLY B 511 -11.58 -24.39 18.40
CA GLY B 511 -12.46 -23.76 19.36
C GLY B 511 -13.90 -24.23 19.18
N TYR B 512 -14.77 -23.74 20.05
CA TYR B 512 -16.11 -24.27 20.25
C TYR B 512 -17.13 -23.32 19.63
N ILE B 513 -18.30 -23.88 19.34
CA ILE B 513 -19.31 -23.22 18.56
C ILE B 513 -19.74 -21.93 19.27
N ASP B 514 -19.92 -20.88 18.47
CA ASP B 514 -20.43 -19.60 18.94
C ASP B 514 -21.81 -19.35 18.34
N LEU B 515 -22.81 -19.16 19.22
CA LEU B 515 -24.19 -18.95 18.82
C LEU B 515 -24.68 -17.52 19.08
N LYS B 516 -23.86 -16.66 19.72
CA LYS B 516 -24.33 -15.34 20.15
C LYS B 516 -24.79 -14.48 18.97
N TRP B 517 -24.22 -14.69 17.78
CA TRP B 517 -24.50 -13.86 16.61
C TRP B 517 -25.54 -14.49 15.69
N ALA B 518 -26.01 -15.70 16.02
CA ALA B 518 -26.92 -16.45 15.18
C ALA B 518 -28.32 -15.83 15.25
N ASP B 519 -29.16 -16.18 14.27
CA ASP B 519 -30.53 -15.68 14.21
C ASP B 519 -31.34 -16.72 13.44
N LYS B 520 -32.66 -16.72 13.67
CA LYS B 520 -33.58 -17.63 13.02
C LYS B 520 -34.84 -16.83 12.72
N ASN B 521 -35.14 -16.69 11.42
CA ASN B 521 -36.35 -16.05 10.95
C ASN B 521 -37.15 -17.12 10.21
N GLU C 21 33.50 18.46 -45.40
CA GLU C 21 34.96 18.73 -45.46
C GLU C 21 35.34 19.62 -44.28
N LYS C 22 34.50 20.61 -43.98
CA LYS C 22 34.63 21.41 -42.76
C LYS C 22 33.55 21.00 -41.75
N VAL C 23 33.92 20.19 -40.73
CA VAL C 23 33.00 19.79 -39.68
C VAL C 23 33.52 20.32 -38.34
N LEU C 24 32.61 20.90 -37.54
CA LEU C 24 32.96 21.37 -36.21
C LEU C 24 32.41 20.39 -35.19
N TYR C 25 33.33 19.90 -34.32
CA TYR C 25 33.06 18.93 -33.27
C TYR C 25 33.02 19.64 -31.92
N VAL C 26 31.82 19.70 -31.34
CA VAL C 26 31.61 20.35 -30.06
C VAL C 26 31.02 19.29 -29.13
N ASN C 27 30.91 19.68 -27.85
CA ASN C 27 30.33 18.85 -26.82
C ASN C 27 29.18 19.60 -26.15
N ASN C 28 27.94 19.14 -26.33
CA ASN C 28 26.80 19.68 -25.60
C ASN C 28 26.68 19.12 -24.17
N GLU C 29 27.43 18.03 -23.88
CA GLU C 29 27.52 17.40 -22.57
C GLU C 29 26.33 16.50 -22.29
N ASN C 30 25.13 16.91 -22.68
CA ASN C 30 23.89 16.32 -22.24
C ASN C 30 22.80 16.58 -23.27
N GLU C 31 21.66 15.93 -23.04
CA GLU C 31 20.49 16.02 -23.89
C GLU C 31 19.75 17.33 -23.63
N PRO C 32 19.45 18.08 -24.71
CA PRO C 32 18.56 19.24 -24.59
C PRO C 32 17.27 18.88 -23.87
N THR C 33 16.84 19.79 -22.99
CA THR C 33 15.60 19.58 -22.25
C THR C 33 14.41 19.74 -23.20
N SER C 34 14.44 20.75 -24.09
CA SER C 34 13.40 20.98 -25.09
C SER C 34 13.96 21.83 -26.23
N PHE C 35 13.53 21.53 -27.46
CA PHE C 35 13.75 22.44 -28.59
C PHE C 35 12.49 23.26 -28.93
N ASP C 36 11.43 23.12 -28.12
CA ASP C 36 10.32 24.03 -28.18
C ASP C 36 10.79 25.37 -27.65
N PRO C 37 10.97 26.42 -28.50
CA PRO C 37 11.88 27.50 -28.13
C PRO C 37 11.72 28.10 -26.74
N PRO C 38 10.52 28.47 -26.23
CA PRO C 38 10.45 29.08 -24.91
C PRO C 38 10.64 28.12 -23.72
N ILE C 39 10.68 26.80 -23.96
CA ILE C 39 10.56 25.82 -22.87
C ILE C 39 11.92 25.49 -22.26
N GLY C 40 12.96 25.28 -23.08
CA GLY C 40 14.25 24.80 -22.61
C GLY C 40 14.84 25.72 -21.55
N PHE C 41 15.09 26.97 -21.95
CA PHE C 41 15.45 28.03 -21.01
C PHE C 41 16.70 27.65 -20.20
N ASN C 42 17.73 27.17 -20.90
CA ASN C 42 18.96 26.70 -20.28
C ASN C 42 20.00 26.50 -21.35
N ASN C 43 21.25 26.36 -20.92
CA ASN C 43 22.36 26.23 -21.82
C ASN C 43 22.27 24.96 -22.66
N VAL C 44 21.84 23.84 -22.05
CA VAL C 44 21.95 22.58 -22.75
C VAL C 44 20.93 22.55 -23.91
N SER C 45 19.85 23.32 -23.80
CA SER C 45 18.82 23.40 -24.85
C SER C 45 19.16 24.51 -25.84
N TRP C 46 19.63 25.65 -25.32
CA TRP C 46 19.67 26.87 -26.13
C TRP C 46 21.01 27.11 -26.81
N GLN C 47 22.10 26.50 -26.35
CA GLN C 47 23.32 26.58 -27.13
C GLN C 47 23.05 26.01 -28.53
N PRO C 48 22.59 24.75 -28.70
CA PRO C 48 22.28 24.26 -30.05
C PRO C 48 21.10 24.95 -30.74
N LEU C 49 20.04 25.26 -30.00
CA LEU C 49 18.86 25.86 -30.61
C LEU C 49 19.20 27.20 -31.27
N ASN C 50 20.11 27.96 -30.66
CA ASN C 50 20.54 29.26 -31.17
C ASN C 50 21.09 29.17 -32.59
N ASN C 51 21.47 27.97 -33.04
CA ASN C 51 22.18 27.80 -34.31
C ASN C 51 21.31 27.13 -35.36
N ILE C 52 20.09 26.71 -35.01
CA ILE C 52 19.13 26.22 -35.97
C ILE C 52 17.90 27.13 -36.06
N MET C 53 17.80 28.13 -35.16
CA MET C 53 16.71 29.07 -35.12
C MET C 53 17.29 30.49 -35.17
N GLU C 54 16.42 31.46 -35.42
CA GLU C 54 16.87 32.83 -35.57
C GLU C 54 15.73 33.77 -35.20
N GLY C 55 16.04 34.79 -34.39
CA GLY C 55 15.08 35.80 -34.03
C GLY C 55 15.25 37.07 -34.88
N LEU C 56 14.49 38.12 -34.51
CA LEU C 56 14.52 39.39 -35.21
C LEU C 56 15.94 39.94 -35.26
N THR C 57 16.67 39.75 -34.17
CA THR C 57 18.06 40.14 -34.11
C THR C 57 18.93 38.97 -33.69
N ARG C 58 20.23 39.15 -33.87
CA ARG C 58 21.24 38.23 -33.41
C ARG C 58 22.42 39.06 -32.90
N LEU C 59 23.02 38.64 -31.78
CA LEU C 59 24.19 39.33 -31.24
C LEU C 59 25.39 39.08 -32.14
N GLY C 60 26.08 40.16 -32.54
CA GLY C 60 27.25 40.07 -33.40
C GLY C 60 28.53 39.87 -32.59
N LYS C 61 29.68 40.16 -33.23
CA LYS C 61 30.99 39.89 -32.67
C LYS C 61 31.27 40.81 -31.49
N ASP C 62 30.65 41.99 -31.46
CA ASP C 62 30.78 42.93 -30.34
C ASP C 62 29.64 42.77 -29.33
N HIS C 63 28.80 41.72 -29.49
CA HIS C 63 27.76 41.35 -28.54
C HIS C 63 26.60 42.34 -28.58
N GLU C 64 26.54 43.17 -29.63
CA GLU C 64 25.40 44.07 -29.83
C GLU C 64 24.44 43.45 -30.85
N PRO C 65 23.10 43.65 -30.74
CA PRO C 65 22.13 43.05 -31.66
C PRO C 65 22.16 43.66 -33.06
N GLU C 66 22.24 42.78 -34.05
CA GLU C 66 22.29 43.17 -35.45
C GLU C 66 21.04 42.63 -36.13
N PRO C 67 20.57 43.31 -37.20
CA PRO C 67 19.52 42.75 -38.03
C PRO C 67 19.72 41.28 -38.35
N ALA C 68 18.66 40.47 -38.16
CA ALA C 68 18.69 39.05 -38.45
C ALA C 68 17.42 38.69 -39.24
N MET C 69 16.37 38.20 -38.57
CA MET C 69 15.08 37.99 -39.24
C MET C 69 14.35 39.32 -39.51
N ALA C 70 14.72 40.39 -38.77
CA ALA C 70 14.34 41.76 -39.13
C ALA C 70 15.52 42.37 -39.86
N GLU C 71 15.31 42.78 -41.13
CA GLU C 71 16.35 43.46 -41.89
C GLU C 71 16.44 44.91 -41.46
N LYS C 72 15.35 45.46 -40.92
CA LYS C 72 15.38 46.80 -40.37
C LYS C 72 14.23 47.00 -39.40
N TRP C 73 14.32 48.11 -38.63
CA TRP C 73 13.21 48.49 -37.79
C TRP C 73 13.24 50.01 -37.59
N SER C 74 12.08 50.50 -37.17
CA SER C 74 11.95 51.88 -36.73
C SER C 74 11.24 51.87 -35.37
N VAL C 75 11.55 52.91 -34.58
CA VAL C 75 10.93 53.06 -33.27
C VAL C 75 10.23 54.41 -33.25
N SER C 76 9.01 54.40 -32.72
CA SER C 76 8.21 55.57 -32.43
C SER C 76 8.92 56.53 -31.48
N LYS C 77 8.51 57.81 -31.52
CA LYS C 77 9.22 58.82 -30.76
C LYS C 77 9.13 58.58 -29.25
N ASP C 78 8.05 57.98 -28.76
CA ASP C 78 7.92 57.66 -27.34
C ASP C 78 8.73 56.44 -26.93
N ASN C 79 9.45 55.82 -27.89
CA ASN C 79 10.35 54.70 -27.66
C ASN C 79 9.61 53.45 -27.18
N LYS C 80 8.32 53.36 -27.45
CA LYS C 80 7.58 52.19 -27.01
C LYS C 80 7.15 51.29 -28.16
N THR C 81 7.04 51.82 -29.39
CA THR C 81 6.53 51.00 -30.48
C THR C 81 7.61 50.77 -31.51
N TYR C 82 7.93 49.48 -31.69
CA TYR C 82 8.87 49.00 -32.68
C TYR C 82 8.10 48.43 -33.87
N THR C 83 8.51 48.86 -35.07
CA THR C 83 8.02 48.31 -36.33
C THR C 83 9.18 47.63 -37.02
N PHE C 84 9.12 46.29 -37.04
CA PHE C 84 10.16 45.47 -37.66
C PHE C 84 9.72 45.07 -39.07
N THR C 85 10.64 45.19 -40.02
CA THR C 85 10.47 44.64 -41.35
C THR C 85 11.23 43.31 -41.44
N ILE C 86 10.47 42.27 -41.82
CA ILE C 86 10.99 40.91 -41.89
C ILE C 86 11.90 40.79 -43.13
N ARG C 87 13.01 40.10 -42.92
CA ARG C 87 14.04 39.82 -43.89
C ARG C 87 13.40 39.36 -45.20
N GLU C 88 13.79 40.06 -46.27
CA GLU C 88 13.29 39.74 -47.58
C GLU C 88 13.76 38.33 -47.98
N ASN C 89 12.77 37.50 -48.31
CA ASN C 89 12.95 36.17 -48.86
C ASN C 89 13.50 35.21 -47.80
N ALA C 90 13.25 35.52 -46.52
CA ALA C 90 13.66 34.60 -45.47
C ALA C 90 12.71 33.41 -45.48
N LYS C 91 13.27 32.19 -45.37
CA LYS C 91 12.43 30.99 -45.39
C LYS C 91 12.80 30.03 -44.27
N TRP C 92 11.80 29.21 -43.92
CA TRP C 92 11.92 28.00 -43.09
C TRP C 92 12.55 26.88 -43.92
N THR C 93 12.95 25.79 -43.23
CA THR C 93 13.60 24.67 -43.87
C THR C 93 12.63 23.96 -44.82
N ASN C 94 11.32 24.06 -44.54
CA ASN C 94 10.30 23.41 -45.36
C ASN C 94 9.88 24.30 -46.54
N GLY C 95 10.59 25.42 -46.78
CA GLY C 95 10.31 26.32 -47.88
C GLY C 95 9.28 27.41 -47.57
N ASP C 96 8.58 27.31 -46.44
CA ASP C 96 7.63 28.35 -46.09
C ASP C 96 8.37 29.67 -45.89
N PRO C 97 7.74 30.81 -46.24
CA PRO C 97 8.29 32.10 -45.82
C PRO C 97 8.24 32.25 -44.30
N VAL C 98 9.30 32.85 -43.73
CA VAL C 98 9.26 33.38 -42.39
C VAL C 98 8.48 34.68 -42.42
N THR C 99 7.33 34.71 -41.73
CA THR C 99 6.42 35.84 -41.78
C THR C 99 6.38 36.56 -40.43
N ALA C 100 5.89 37.80 -40.45
CA ALA C 100 5.59 38.51 -39.23
C ALA C 100 4.59 37.72 -38.41
N GLY C 101 3.62 37.04 -39.06
CA GLY C 101 2.61 36.31 -38.31
C GLY C 101 3.22 35.17 -37.47
N ASP C 102 4.35 34.62 -37.91
CA ASP C 102 5.06 33.56 -37.20
C ASP C 102 5.67 34.10 -35.90
N PHE C 103 6.07 35.37 -35.90
CA PHE C 103 6.54 36.02 -34.69
C PHE C 103 5.38 36.35 -33.77
N GLU C 104 4.32 36.96 -34.32
CA GLU C 104 3.14 37.26 -33.51
C GLU C 104 2.64 35.99 -32.80
N TYR C 105 2.53 34.90 -33.57
CA TYR C 105 2.07 33.60 -33.08
C TYR C 105 2.98 33.10 -31.98
N ALA C 106 4.30 33.07 -32.26
CA ALA C 106 5.27 32.56 -31.32
C ALA C 106 5.25 33.33 -30.00
N TRP C 107 5.10 34.65 -30.06
CA TRP C 107 5.19 35.42 -28.82
C TRP C 107 3.94 35.28 -27.98
N LYS C 108 2.76 35.23 -28.62
CA LYS C 108 1.54 34.98 -27.86
C LYS C 108 1.52 33.56 -27.29
N ARG C 109 2.12 32.62 -28.01
CA ARG C 109 2.23 31.23 -27.63
C ARG C 109 3.09 31.10 -26.38
N MET C 110 4.23 31.81 -26.34
CA MET C 110 5.13 31.67 -25.20
C MET C 110 4.52 32.33 -23.96
N LEU C 111 3.59 33.29 -24.15
CA LEU C 111 2.92 33.98 -23.06
C LEU C 111 1.67 33.23 -22.59
N ASP C 112 1.20 32.26 -23.40
CA ASP C 112 -0.06 31.57 -23.15
C ASP C 112 -0.04 30.96 -21.75
N PRO C 113 -0.99 31.34 -20.85
CA PRO C 113 -0.99 30.87 -19.47
C PRO C 113 -1.11 29.35 -19.32
N LYS C 114 -1.64 28.68 -20.35
CA LYS C 114 -1.86 27.25 -20.34
C LYS C 114 -0.60 26.50 -20.77
N LYS C 115 0.33 27.21 -21.42
CA LYS C 115 1.53 26.56 -21.90
C LYS C 115 2.56 26.35 -20.79
N GLY C 116 2.63 27.31 -19.86
CA GLY C 116 3.46 27.21 -18.67
C GLY C 116 4.97 27.29 -18.93
N ALA C 117 5.37 27.99 -20.00
CA ALA C 117 6.77 28.26 -20.29
C ALA C 117 7.39 29.04 -19.12
N SER C 118 8.53 28.53 -18.65
CA SER C 118 9.25 29.17 -17.55
C SER C 118 9.74 30.56 -17.94
N SER C 119 9.98 30.73 -19.24
CA SER C 119 10.51 31.97 -19.83
C SER C 119 9.44 33.02 -20.09
N ALA C 120 8.15 32.72 -19.81
CA ALA C 120 7.05 33.58 -20.20
C ALA C 120 7.23 35.01 -19.69
N PHE C 121 7.81 35.20 -18.50
CA PHE C 121 7.96 36.55 -17.95
C PHE C 121 8.77 37.41 -18.92
N LEU C 122 9.62 36.84 -19.79
CA LEU C 122 10.43 37.64 -20.70
C LEU C 122 9.54 38.38 -21.70
N GLY C 123 8.33 37.85 -21.96
CA GLY C 123 7.33 38.50 -22.80
C GLY C 123 6.53 39.59 -22.09
N TYR C 124 6.76 39.83 -20.78
CA TYR C 124 6.05 40.87 -20.08
C TYR C 124 6.51 42.27 -20.51
N PHE C 125 7.61 42.35 -21.26
CA PHE C 125 8.06 43.62 -21.81
C PHE C 125 6.99 44.20 -22.74
N ILE C 126 6.25 43.31 -23.40
CA ILE C 126 5.23 43.69 -24.37
C ILE C 126 3.99 44.16 -23.60
N GLU C 127 3.39 45.28 -24.02
CA GLU C 127 2.15 45.72 -23.38
C GLU C 127 1.06 44.65 -23.52
N GLY C 128 0.40 44.38 -22.38
CA GLY C 128 -0.63 43.35 -22.29
C GLY C 128 -0.11 41.94 -21.96
N GLY C 129 1.21 41.75 -21.93
CA GLY C 129 1.79 40.41 -21.87
C GLY C 129 1.59 39.78 -20.50
N GLU C 130 1.93 40.54 -19.45
CA GLU C 130 1.76 40.05 -18.08
C GLU C 130 0.28 39.76 -17.80
N ALA C 131 -0.60 40.71 -18.14
CA ALA C 131 -2.03 40.51 -17.99
C ALA C 131 -2.48 39.19 -18.65
N TYR C 132 -2.04 38.94 -19.89
CA TYR C 132 -2.46 37.72 -20.58
C TYR C 132 -1.96 36.48 -19.85
N ASN C 133 -0.65 36.45 -19.54
CA ASN C 133 0.03 35.27 -19.04
C ASN C 133 -0.45 34.95 -17.62
N SER C 134 -0.89 35.97 -16.89
CA SER C 134 -1.34 35.80 -15.51
C SER C 134 -2.85 35.60 -15.44
N GLY C 135 -3.51 35.40 -16.59
CA GLY C 135 -4.93 35.01 -16.63
C GLY C 135 -5.91 36.19 -16.58
N LYS C 136 -5.42 37.43 -16.64
CA LYS C 136 -6.24 38.61 -16.39
C LYS C 136 -6.76 39.21 -17.71
N GLY C 137 -5.85 39.44 -18.65
CA GLY C 137 -6.16 40.14 -19.89
C GLY C 137 -6.32 39.18 -21.06
N LYS C 138 -6.71 39.72 -22.21
CA LYS C 138 -6.97 38.95 -23.42
C LYS C 138 -5.70 38.86 -24.27
N LYS C 139 -5.59 37.73 -24.96
CA LYS C 139 -4.54 37.46 -25.93
C LYS C 139 -4.45 38.58 -26.96
N ASP C 140 -5.61 39.05 -27.44
CA ASP C 140 -5.70 40.07 -28.46
C ASP C 140 -5.15 41.42 -28.00
N ASP C 141 -5.16 41.65 -26.68
CA ASP C 141 -4.69 42.91 -26.10
C ASP C 141 -3.19 42.84 -25.81
N VAL C 142 -2.55 41.70 -26.11
CA VAL C 142 -1.08 41.64 -26.12
C VAL C 142 -0.60 42.32 -27.40
N LYS C 143 0.19 43.40 -27.27
CA LYS C 143 0.51 44.28 -28.41
C LYS C 143 1.71 43.78 -29.20
N VAL C 144 1.54 42.63 -29.87
CA VAL C 144 2.39 42.22 -30.96
C VAL C 144 1.43 41.82 -32.08
N THR C 145 1.63 42.44 -33.24
CA THR C 145 0.69 42.35 -34.36
C THR C 145 1.48 42.31 -35.67
N ALA C 146 1.27 41.25 -36.48
CA ALA C 146 1.71 41.25 -37.86
C ALA C 146 0.73 42.10 -38.66
N LYS C 147 1.20 43.28 -39.09
CA LYS C 147 0.40 44.22 -39.84
C LYS C 147 0.20 43.67 -41.25
N ASP C 148 1.23 42.96 -41.72
CA ASP C 148 1.20 42.18 -42.94
C ASP C 148 2.30 41.13 -42.84
N ASP C 149 2.49 40.34 -43.90
CA ASP C 149 3.47 39.26 -43.82
C ASP C 149 4.87 39.76 -43.52
N ARG C 150 5.18 41.05 -43.76
CA ARG C 150 6.55 41.51 -43.64
C ARG C 150 6.74 42.54 -42.54
N THR C 151 5.66 42.82 -41.82
CA THR C 151 5.59 43.94 -40.88
C THR C 151 5.03 43.50 -39.53
N LEU C 152 5.89 43.57 -38.50
CA LEU C 152 5.57 43.26 -37.12
C LEU C 152 5.60 44.52 -36.27
N GLU C 153 4.48 44.85 -35.64
CA GLU C 153 4.39 46.01 -34.77
C GLU C 153 4.31 45.53 -33.34
N VAL C 154 5.21 46.05 -32.48
CA VAL C 154 5.26 45.62 -31.10
C VAL C 154 5.26 46.86 -30.21
N THR C 155 4.32 46.94 -29.26
CA THR C 155 4.31 48.02 -28.29
C THR C 155 4.64 47.46 -26.90
N LEU C 156 5.63 48.12 -26.27
CA LEU C 156 6.12 47.80 -24.93
C LEU C 156 5.33 48.58 -23.89
N GLU C 157 5.31 48.09 -22.63
CA GLU C 157 4.69 48.81 -21.53
C GLU C 157 5.43 50.12 -21.27
N ALA C 158 6.75 50.11 -21.46
CA ALA C 158 7.62 51.24 -21.21
C ALA C 158 8.84 51.12 -22.10
N PRO C 159 9.57 52.23 -22.38
CA PRO C 159 10.84 52.16 -23.11
C PRO C 159 11.83 51.18 -22.47
N GLN C 160 12.52 50.41 -23.32
CA GLN C 160 13.37 49.33 -22.85
C GLN C 160 14.59 49.30 -23.75
N LYS C 161 15.72 49.84 -23.27
CA LYS C 161 16.89 49.93 -24.13
C LYS C 161 17.44 48.53 -24.45
N TYR C 162 17.04 47.49 -23.71
CA TYR C 162 17.55 46.15 -23.97
C TYR C 162 16.60 45.34 -24.87
N PHE C 163 15.48 45.92 -25.32
CA PHE C 163 14.51 45.14 -26.09
C PHE C 163 15.11 44.54 -27.35
N LEU C 164 15.94 45.29 -28.08
CA LEU C 164 16.55 44.77 -29.32
C LEU C 164 17.54 43.62 -29.03
N SER C 165 18.13 43.60 -27.82
CA SER C 165 18.88 42.44 -27.37
C SER C 165 17.97 41.26 -27.02
N VAL C 166 16.89 41.56 -26.31
CA VAL C 166 15.92 40.56 -25.85
C VAL C 166 15.38 39.76 -27.03
N VAL C 167 15.26 40.39 -28.21
CA VAL C 167 14.58 39.66 -29.29
C VAL C 167 15.58 38.74 -29.99
N SER C 168 16.80 38.65 -29.47
CA SER C 168 17.78 37.67 -29.91
C SER C 168 17.75 36.42 -29.02
N ASN C 169 16.94 36.49 -27.96
CA ASN C 169 16.85 35.44 -26.95
C ASN C 169 15.97 34.33 -27.51
N PRO C 170 16.32 33.03 -27.33
CA PRO C 170 15.50 31.97 -27.90
C PRO C 170 14.02 31.98 -27.53
N ALA C 171 13.65 32.57 -26.37
CA ALA C 171 12.26 32.66 -25.96
C ALA C 171 11.44 33.46 -26.98
N TYR C 172 12.13 34.36 -27.70
CA TYR C 172 11.50 35.25 -28.67
C TYR C 172 11.71 34.72 -30.09
N PHE C 173 12.12 33.46 -30.21
CA PHE C 173 12.27 32.88 -31.55
C PHE C 173 10.90 32.67 -32.14
N PRO C 174 10.79 32.79 -33.49
CA PRO C 174 9.52 32.53 -34.18
C PRO C 174 9.28 31.03 -34.18
N VAL C 175 8.04 30.63 -34.45
CA VAL C 175 7.76 29.24 -34.82
C VAL C 175 6.94 29.25 -36.10
N ASN C 176 7.10 28.21 -36.92
CA ASN C 176 6.25 28.07 -38.11
C ASN C 176 4.85 27.71 -37.64
N GLU C 177 3.93 28.65 -37.79
CA GLU C 177 2.58 28.51 -37.27
C GLU C 177 1.90 27.32 -37.95
N LYS C 178 2.10 27.20 -39.26
CA LYS C 178 1.47 26.15 -40.07
C LYS C 178 1.88 24.80 -39.51
N VAL C 179 3.21 24.60 -39.44
CA VAL C 179 3.82 23.43 -38.82
C VAL C 179 3.27 23.22 -37.40
N ASP C 180 3.21 24.26 -36.56
CA ASP C 180 2.84 24.08 -35.16
C ASP C 180 1.38 23.66 -34.98
N LYS C 181 0.49 24.15 -35.86
CA LYS C 181 -0.89 23.74 -35.86
C LYS C 181 -1.03 22.31 -36.36
N ASP C 182 -0.21 21.96 -37.37
CA ASP C 182 -0.26 20.65 -38.00
C ASP C 182 0.27 19.57 -37.04
N ASN C 183 1.44 19.83 -36.45
CA ASN C 183 2.09 18.90 -35.56
C ASN C 183 2.60 19.64 -34.31
N PRO C 184 1.80 19.72 -33.21
CA PRO C 184 2.23 20.41 -32.00
C PRO C 184 3.49 19.88 -31.32
N LYS C 185 4.07 18.79 -31.86
CA LYS C 185 5.28 18.20 -31.29
C LYS C 185 6.41 18.16 -32.32
N TRP C 186 6.35 19.04 -33.33
CA TRP C 186 7.35 19.15 -34.39
C TRP C 186 8.77 19.23 -33.85
N PHE C 187 8.94 19.86 -32.67
CA PHE C 187 10.23 20.24 -32.12
C PHE C 187 10.96 19.06 -31.49
N ALA C 188 10.24 17.92 -31.36
CA ALA C 188 10.68 16.80 -30.54
C ALA C 188 11.61 15.86 -31.29
N GLU C 189 11.61 15.91 -32.64
CA GLU C 189 12.54 15.08 -33.41
C GLU C 189 13.12 15.89 -34.56
N SER C 190 14.32 15.51 -35.01
CA SER C 190 14.94 16.17 -36.14
C SER C 190 14.12 15.98 -37.43
N ASP C 191 13.37 14.88 -37.55
CA ASP C 191 12.73 14.58 -38.82
C ASP C 191 11.43 15.39 -38.96
N THR C 192 10.94 16.02 -37.86
CA THR C 192 9.77 16.90 -37.94
C THR C 192 10.16 18.37 -37.73
N PHE C 193 11.46 18.63 -37.50
CA PHE C 193 11.91 19.95 -37.09
C PHE C 193 11.89 20.89 -38.29
N VAL C 194 11.32 22.09 -38.09
CA VAL C 194 11.32 23.15 -39.10
C VAL C 194 11.90 24.41 -38.46
N GLY C 195 13.10 24.79 -38.92
CA GLY C 195 13.87 25.89 -38.37
C GLY C 195 14.16 26.98 -39.41
N ASN C 196 14.78 28.10 -38.96
CA ASN C 196 15.01 29.26 -39.80
C ASN C 196 16.42 29.81 -39.66
N GLY C 197 17.27 29.11 -38.90
CA GLY C 197 18.59 29.62 -38.59
C GLY C 197 19.68 29.14 -39.54
N PRO C 198 20.96 29.45 -39.22
CA PRO C 198 22.08 29.24 -40.13
C PRO C 198 22.43 27.78 -40.40
N PHE C 199 22.10 26.89 -39.44
CA PHE C 199 22.27 25.45 -39.63
C PHE C 199 20.90 24.77 -39.65
N LYS C 200 20.85 23.58 -40.29
CA LYS C 200 19.67 22.74 -40.31
C LYS C 200 19.93 21.53 -39.42
N LEU C 201 18.94 21.19 -38.59
CA LEU C 201 19.07 20.03 -37.69
C LEU C 201 18.86 18.81 -38.57
N THR C 202 19.93 18.02 -38.75
CA THR C 202 19.86 16.86 -39.64
C THR C 202 19.70 15.56 -38.83
N GLU C 203 20.34 15.49 -37.65
CA GLU C 203 20.19 14.29 -36.84
C GLU C 203 20.14 14.65 -35.35
N TRP C 204 19.27 13.94 -34.62
CA TRP C 204 19.19 14.04 -33.18
C TRP C 204 18.92 12.65 -32.61
N LYS C 205 20.01 11.98 -32.21
CA LYS C 205 19.93 10.74 -31.46
C LYS C 205 19.86 11.09 -29.96
N HIS C 206 18.67 11.02 -29.38
CA HIS C 206 18.44 11.44 -28.01
C HIS C 206 19.48 10.82 -27.06
N ASP C 207 20.08 11.67 -26.21
CA ASP C 207 21.03 11.33 -25.16
C ASP C 207 22.40 10.98 -25.74
N ASP C 208 22.52 11.01 -27.08
CA ASP C 208 23.73 10.55 -27.74
C ASP C 208 24.47 11.70 -28.45
N SER C 209 23.79 12.34 -29.40
CA SER C 209 24.45 13.11 -30.45
C SER C 209 23.43 14.02 -31.12
N ILE C 210 23.87 15.21 -31.55
CA ILE C 210 23.11 16.05 -32.46
C ILE C 210 24.01 16.38 -33.65
N THR C 211 23.44 16.41 -34.86
CA THR C 211 24.19 16.87 -36.02
C THR C 211 23.36 17.92 -36.76
N MET C 212 24.04 19.00 -37.13
CA MET C 212 23.41 20.04 -37.93
C MET C 212 24.29 20.41 -39.12
N GLU C 213 23.62 20.76 -40.21
CA GLU C 213 24.30 21.05 -41.45
C GLU C 213 23.96 22.46 -41.90
N LYS C 214 24.93 23.11 -42.55
CA LYS C 214 24.70 24.41 -43.17
C LYS C 214 23.32 24.39 -43.85
N SER C 215 22.50 25.42 -43.57
CA SER C 215 21.15 25.44 -44.10
C SER C 215 21.21 26.08 -45.49
N ASP C 216 20.60 25.39 -46.45
CA ASP C 216 20.62 25.86 -47.83
C ASP C 216 19.39 26.74 -48.10
N THR C 217 18.46 26.81 -47.13
CA THR C 217 17.26 27.63 -47.23
C THR C 217 17.46 28.95 -46.49
N TYR C 218 18.68 29.20 -45.98
CA TYR C 218 18.93 30.25 -45.02
C TYR C 218 19.32 31.54 -45.75
N TRP C 219 18.62 32.63 -45.40
CA TRP C 219 18.75 33.91 -46.08
C TRP C 219 20.21 34.34 -46.23
N ASP C 220 21.09 33.98 -45.29
CA ASP C 220 22.48 34.46 -45.28
C ASP C 220 23.45 33.29 -45.45
N LYS C 221 23.05 32.26 -46.19
CA LYS C 221 23.82 31.03 -46.25
C LYS C 221 25.22 31.26 -46.80
N ASP C 222 25.45 32.34 -47.58
CA ASP C 222 26.76 32.57 -48.18
C ASP C 222 27.77 33.01 -47.12
N THR C 223 27.31 33.38 -45.93
CA THR C 223 28.21 33.77 -44.86
C THR C 223 28.73 32.55 -44.09
N VAL C 224 27.98 31.45 -44.17
CA VAL C 224 28.26 30.26 -43.36
C VAL C 224 29.31 29.40 -44.08
N LYS C 225 30.43 29.15 -43.38
CA LYS C 225 31.61 28.50 -43.95
C LYS C 225 31.59 26.99 -43.65
N LEU C 226 31.17 26.63 -42.43
CA LEU C 226 31.11 25.25 -41.99
C LEU C 226 29.99 24.51 -42.73
N ASP C 227 30.24 23.22 -43.01
CA ASP C 227 29.29 22.31 -43.63
C ASP C 227 28.44 21.60 -42.56
N LYS C 228 29.05 21.19 -41.45
CA LYS C 228 28.29 20.54 -40.37
C LYS C 228 28.83 20.99 -39.02
N VAL C 229 27.97 20.87 -37.99
CA VAL C 229 28.40 20.91 -36.60
C VAL C 229 27.87 19.65 -35.92
N LYS C 230 28.79 18.90 -35.30
CA LYS C 230 28.42 17.71 -34.55
C LYS C 230 28.58 18.00 -33.06
N TRP C 231 27.52 17.71 -32.33
CA TRP C 231 27.48 17.94 -30.89
C TRP C 231 27.49 16.59 -30.18
N ALA C 232 28.54 16.34 -29.41
CA ALA C 232 28.57 15.15 -28.55
C ALA C 232 27.74 15.41 -27.30
N MET C 233 27.56 14.35 -26.50
CA MET C 233 26.93 14.49 -25.21
C MET C 233 27.79 13.74 -24.18
N VAL C 234 29.01 14.26 -23.92
CA VAL C 234 29.92 13.69 -22.93
C VAL C 234 29.94 14.56 -21.66
N SER C 235 29.40 14.01 -20.55
CA SER C 235 29.15 14.80 -19.35
C SER C 235 30.33 14.81 -18.40
N ASP C 236 31.29 13.89 -18.61
CA ASP C 236 32.49 13.81 -17.79
C ASP C 236 33.60 14.65 -18.41
N ARG C 237 34.05 15.69 -17.69
CA ARG C 237 34.99 16.65 -18.21
C ARG C 237 36.39 16.06 -18.36
N ASN C 238 36.66 14.91 -17.72
CA ASN C 238 37.88 14.16 -17.96
C ASN C 238 37.88 13.66 -19.40
N THR C 239 36.74 13.13 -19.84
CA THR C 239 36.58 12.58 -21.17
C THR C 239 36.58 13.73 -22.19
N ASP C 240 35.87 14.82 -21.88
CA ASP C 240 35.89 16.03 -22.71
C ASP C 240 37.32 16.41 -23.09
N TYR C 241 38.19 16.56 -22.09
CA TYR C 241 39.57 16.96 -22.31
C TYR C 241 40.35 15.89 -23.07
N GLN C 242 40.14 14.61 -22.74
CA GLN C 242 40.79 13.52 -23.46
C GLN C 242 40.44 13.60 -24.95
N MET C 243 39.17 13.88 -25.23
CA MET C 243 38.66 13.92 -26.58
C MET C 243 39.29 15.08 -27.34
N PHE C 244 39.56 16.18 -26.62
CA PHE C 244 40.27 17.31 -27.20
C PHE C 244 41.67 16.88 -27.62
N GLN C 245 42.44 16.35 -26.65
CA GLN C 245 43.84 16.01 -26.88
C GLN C 245 43.99 15.13 -28.13
N SER C 246 42.99 14.28 -28.40
CA SER C 246 43.01 13.36 -29.52
C SER C 246 42.22 13.90 -30.72
N GLY C 247 41.94 15.21 -30.74
CA GLY C 247 41.35 15.89 -31.88
C GLY C 247 39.90 15.48 -32.19
N GLU C 248 39.21 14.80 -31.28
CA GLU C 248 37.82 14.47 -31.52
C GLU C 248 36.91 15.63 -31.16
N LEU C 249 37.48 16.65 -30.49
CA LEU C 249 36.76 17.88 -30.20
C LEU C 249 37.59 19.05 -30.69
N ASP C 250 36.89 20.02 -31.29
CA ASP C 250 37.50 21.25 -31.78
C ASP C 250 37.54 22.29 -30.67
N THR C 251 36.76 22.05 -29.62
CA THR C 251 36.59 22.97 -28.50
C THR C 251 36.22 22.17 -27.25
N ALA C 252 36.65 22.67 -26.09
CA ALA C 252 36.60 21.91 -24.85
C ALA C 252 36.87 22.83 -23.65
N TYR C 253 36.50 22.35 -22.45
CA TYR C 253 36.75 23.04 -21.19
C TYR C 253 38.23 22.96 -20.85
N VAL C 254 38.64 23.61 -19.75
CA VAL C 254 40.00 23.53 -19.24
C VAL C 254 40.00 22.70 -17.94
N PRO C 255 40.81 21.62 -17.85
CA PRO C 255 40.63 20.62 -16.79
C PRO C 255 40.98 21.10 -15.37
N ASP C 272 34.76 35.51 -20.56
CA ASP C 272 33.67 36.14 -19.78
C ASP C 272 32.32 35.42 -20.01
N GLN C 273 31.65 35.10 -18.91
CA GLN C 273 30.26 34.70 -18.94
C GLN C 273 29.60 35.10 -17.64
N ALA C 274 28.53 35.88 -17.75
CA ALA C 274 27.84 36.32 -16.57
C ALA C 274 27.02 35.14 -16.06
N GLY C 275 26.99 35.05 -14.73
CA GLY C 275 26.04 34.21 -14.03
C GLY C 275 26.67 33.64 -12.78
N LEU C 276 25.89 32.78 -12.13
CA LEU C 276 26.19 32.34 -10.78
C LEU C 276 25.83 30.85 -10.61
N TYR C 277 26.76 30.15 -9.94
CA TYR C 277 26.53 28.85 -9.32
C TYR C 277 26.12 29.13 -7.87
N PHE C 278 24.96 28.62 -7.43
CA PHE C 278 24.44 28.88 -6.09
C PHE C 278 23.64 27.67 -5.59
N TYR C 279 23.14 27.76 -4.34
CA TYR C 279 22.22 26.79 -3.78
C TYR C 279 20.94 27.50 -3.34
N ARG C 280 19.82 26.83 -3.57
CA ARG C 280 18.56 27.29 -3.06
C ARG C 280 18.18 26.50 -1.83
N PHE C 281 17.61 27.21 -0.86
CA PHE C 281 16.76 26.61 0.17
C PHE C 281 15.29 26.62 -0.25
N ASN C 282 14.51 25.73 0.35
CA ASN C 282 13.07 25.83 0.30
C ASN C 282 12.64 26.36 1.68
N VAL C 283 12.25 27.64 1.71
CA VAL C 283 11.96 28.31 2.97
C VAL C 283 10.68 27.75 3.58
N ASN C 284 9.94 26.91 2.86
CA ASN C 284 8.76 26.27 3.40
C ASN C 284 9.04 24.85 3.91
N MET C 285 10.31 24.41 3.88
CA MET C 285 10.67 23.09 4.36
C MET C 285 11.58 23.24 5.56
N GLU C 286 11.30 22.47 6.62
CA GLU C 286 12.10 22.51 7.84
C GLU C 286 13.52 22.03 7.53
N PRO C 287 14.56 22.64 8.09
CA PRO C 287 14.47 23.74 9.04
C PRO C 287 14.62 25.16 8.48
N PHE C 288 14.44 25.30 7.15
CA PHE C 288 14.83 26.51 6.48
C PHE C 288 13.71 27.57 6.49
N GLN C 289 12.63 27.31 7.23
CA GLN C 289 11.69 28.37 7.57
C GLN C 289 12.34 29.41 8.49
N ASN C 290 13.48 29.09 9.09
CA ASN C 290 14.11 29.98 10.06
C ASN C 290 15.26 30.69 9.39
N GLU C 291 15.19 32.01 9.37
CA GLU C 291 16.12 32.85 8.66
C GLU C 291 17.52 32.70 9.26
N ASN C 292 17.61 32.58 10.59
CA ASN C 292 18.89 32.44 11.24
C ASN C 292 19.51 31.10 10.89
N ILE C 293 18.70 30.05 10.71
CA ILE C 293 19.26 28.78 10.26
C ILE C 293 19.78 28.89 8.82
N ARG C 294 19.02 29.54 7.90
CA ARG C 294 19.52 29.75 6.55
C ARG C 294 20.81 30.55 6.55
N LYS C 295 20.86 31.68 7.28
CA LYS C 295 22.05 32.51 7.32
C LYS C 295 23.26 31.74 7.85
N ALA C 296 23.01 30.84 8.81
CA ALA C 296 24.06 30.01 9.39
C ALA C 296 24.69 29.15 8.29
N PHE C 297 23.81 28.50 7.52
CA PHE C 297 24.29 27.66 6.43
C PHE C 297 25.04 28.50 5.41
N ALA C 298 24.45 29.66 5.02
CA ALA C 298 25.10 30.52 4.03
C ALA C 298 26.47 31.01 4.50
N MET C 299 26.57 31.39 5.78
CA MET C 299 27.79 31.93 6.38
C MET C 299 28.84 30.85 6.67
N ALA C 300 28.44 29.57 6.74
CA ALA C 300 29.38 28.46 6.93
C ALA C 300 30.14 28.16 5.65
N VAL C 301 29.48 28.40 4.50
CA VAL C 301 30.09 28.09 3.21
C VAL C 301 31.23 29.07 2.95
N ASP C 302 32.34 28.53 2.47
CA ASP C 302 33.52 29.32 2.20
C ASP C 302 33.80 29.21 0.71
N GLN C 303 33.38 30.25 -0.01
CA GLN C 303 33.40 30.24 -1.47
C GLN C 303 34.83 30.20 -1.97
N GLU C 304 35.77 30.90 -1.30
CA GLU C 304 37.16 30.88 -1.74
C GLU C 304 37.71 29.44 -1.72
N GLU C 305 37.37 28.66 -0.66
CA GLU C 305 37.81 27.27 -0.55
C GLU C 305 37.22 26.42 -1.68
N ILE C 306 35.97 26.70 -2.11
CA ILE C 306 35.38 25.96 -3.21
C ILE C 306 36.22 26.22 -4.48
N VAL C 307 36.47 27.49 -4.83
CA VAL C 307 37.13 27.79 -6.10
C VAL C 307 38.60 27.32 -6.06
N LYS C 308 39.25 27.43 -4.89
CA LYS C 308 40.64 27.04 -4.76
C LYS C 308 40.82 25.51 -4.78
N TYR C 309 40.00 24.77 -4.01
CA TYR C 309 40.19 23.34 -3.82
C TYR C 309 39.29 22.48 -4.71
N VAL C 310 38.25 23.07 -5.32
CA VAL C 310 37.32 22.23 -6.07
C VAL C 310 37.30 22.62 -7.54
N THR C 311 37.04 23.89 -7.89
CA THR C 311 36.84 24.24 -9.30
C THR C 311 38.15 24.61 -9.99
N LYS C 312 38.90 25.58 -9.43
CA LYS C 312 40.27 25.88 -9.85
C LYS C 312 40.39 26.37 -11.30
N ASN C 313 39.39 27.05 -11.83
CA ASN C 313 39.53 27.73 -13.11
C ASN C 313 39.50 29.23 -12.88
N ASN C 314 39.95 29.62 -11.68
CA ASN C 314 40.03 31.01 -11.27
C ASN C 314 38.63 31.63 -11.36
N GLU C 315 37.59 30.83 -11.08
CA GLU C 315 36.26 31.38 -10.89
C GLU C 315 36.34 32.39 -9.75
N LYS C 316 35.54 33.44 -9.87
CA LYS C 316 35.46 34.43 -8.82
C LYS C 316 34.55 33.87 -7.74
N PRO C 317 34.95 33.89 -6.46
CA PRO C 317 34.06 33.49 -5.39
C PRO C 317 32.91 34.49 -5.30
N ALA C 318 31.69 33.96 -5.12
CA ALA C 318 30.50 34.81 -5.12
C ALA C 318 30.10 35.09 -3.69
N HIS C 319 30.20 36.37 -3.29
CA HIS C 319 29.71 36.82 -2.00
C HIS C 319 28.51 37.73 -2.23
N ALA C 320 27.84 37.52 -3.36
CA ALA C 320 26.63 38.23 -3.72
C ALA C 320 25.92 37.43 -4.81
N PHE C 321 24.84 37.98 -5.39
CA PHE C 321 24.03 37.30 -6.39
C PHE C 321 24.40 37.77 -7.80
N VAL C 322 24.48 39.11 -7.98
CA VAL C 322 24.71 39.70 -9.28
C VAL C 322 26.19 39.65 -9.61
N SER C 323 26.56 39.05 -10.74
CA SER C 323 27.94 38.89 -11.11
C SER C 323 28.54 40.23 -11.52
N PRO C 324 29.88 40.27 -11.63
CA PRO C 324 30.59 41.30 -12.39
C PRO C 324 30.11 41.37 -13.84
N GLY C 325 30.24 42.57 -14.43
CA GLY C 325 30.02 42.77 -15.85
C GLY C 325 29.02 43.88 -16.17
N PHE C 326 28.37 44.45 -15.16
CA PHE C 326 27.33 45.45 -15.38
C PHE C 326 27.84 46.83 -14.97
N THR C 327 28.05 47.69 -15.97
CA THR C 327 28.47 49.07 -15.76
C THR C 327 27.30 49.93 -15.30
N GLN C 328 27.54 50.73 -14.27
CA GLN C 328 26.53 51.61 -13.71
C GLN C 328 26.63 52.99 -14.38
N PRO C 329 25.66 53.88 -14.14
CA PRO C 329 25.75 55.27 -14.66
C PRO C 329 27.04 56.00 -14.31
N ASP C 330 27.66 55.72 -13.14
CA ASP C 330 28.90 56.34 -12.71
C ASP C 330 30.12 55.60 -13.24
N GLY C 331 29.93 54.56 -14.07
CA GLY C 331 31.04 53.94 -14.77
C GLY C 331 31.66 52.80 -13.96
N LYS C 332 31.15 52.59 -12.75
CA LYS C 332 31.64 51.50 -11.92
C LYS C 332 30.88 50.21 -12.26
N ASP C 333 31.51 49.08 -11.93
CA ASP C 333 30.87 47.78 -12.00
C ASP C 333 29.88 47.64 -10.85
N PHE C 334 28.67 47.09 -11.11
CA PHE C 334 27.61 46.98 -10.12
C PHE C 334 28.07 46.15 -8.92
N ARG C 335 28.68 44.99 -9.20
CA ARG C 335 29.17 44.06 -8.16
C ARG C 335 30.24 44.74 -7.32
N GLU C 336 31.26 45.26 -8.01
CA GLU C 336 32.39 45.91 -7.36
C GLU C 336 31.90 47.04 -6.49
N ALA C 337 30.92 47.80 -7.01
CA ALA C 337 30.32 48.90 -6.27
C ALA C 337 29.50 48.41 -5.09
N GLY C 338 28.70 47.34 -5.25
CA GLY C 338 27.87 46.89 -4.15
C GLY C 338 28.68 46.17 -3.06
N GLY C 339 29.79 45.54 -3.46
CA GLY C 339 30.70 44.86 -2.54
C GLY C 339 30.21 43.48 -2.10
N ASP C 340 31.00 42.83 -1.24
CA ASP C 340 30.64 41.53 -0.68
C ASP C 340 29.46 41.71 0.26
N LEU C 341 28.44 40.87 0.11
CA LEU C 341 27.24 40.94 0.94
C LEU C 341 27.15 39.75 1.92
N ILE C 342 27.95 38.69 1.69
CA ILE C 342 28.06 37.58 2.64
C ILE C 342 29.50 37.09 2.70
N LYS C 343 30.09 37.17 3.90
CA LYS C 343 31.45 36.74 4.16
C LYS C 343 31.40 35.43 4.96
N PRO C 344 32.18 34.36 4.63
CA PRO C 344 32.26 33.19 5.51
C PRO C 344 32.76 33.62 6.89
N ASN C 345 32.18 33.03 7.92
CA ASN C 345 32.57 33.29 9.30
C ASN C 345 32.02 32.12 10.12
N GLU C 346 32.84 31.08 10.25
CA GLU C 346 32.44 29.87 10.96
C GLU C 346 31.84 30.18 12.33
N SER C 347 32.50 31.09 13.06
CA SER C 347 32.15 31.35 14.44
C SER C 347 30.75 31.94 14.57
N LYS C 348 30.44 33.01 13.81
CA LYS C 348 29.13 33.63 13.83
C LYS C 348 28.05 32.65 13.31
N ALA C 349 28.44 31.89 12.30
CA ALA C 349 27.53 30.93 11.66
C ALA C 349 27.05 29.93 12.68
N LYS C 350 28.00 29.35 13.43
CA LYS C 350 27.64 28.37 14.43
C LYS C 350 26.69 29.04 15.44
N GLN C 351 26.98 30.29 15.83
CA GLN C 351 26.11 31.03 16.74
C GLN C 351 24.72 31.26 16.17
N LEU C 352 24.64 31.58 14.86
CA LEU C 352 23.35 31.81 14.22
C LEU C 352 22.53 30.51 14.22
N LEU C 353 23.21 29.39 13.94
CA LEU C 353 22.52 28.12 13.97
C LEU C 353 21.94 27.82 15.35
N GLU C 354 22.78 28.05 16.39
CA GLU C 354 22.32 27.77 17.74
CA GLU C 354 22.41 27.83 17.78
C GLU C 354 21.15 28.69 18.06
N LYS C 355 21.24 29.97 17.67
CA LYS C 355 20.16 30.92 17.90
C LYS C 355 18.89 30.49 17.16
N GLY C 356 19.02 30.08 15.89
CA GLY C 356 17.87 29.69 15.09
C GLY C 356 17.19 28.42 15.61
N MET C 357 17.98 27.44 16.06
CA MET C 357 17.40 26.22 16.62
C MET C 357 16.65 26.53 17.92
N LYS C 358 17.15 27.48 18.73
CA LYS C 358 16.42 27.89 19.92
C LYS C 358 15.05 28.48 19.55
N GLU C 359 15.04 29.43 18.57
CA GLU C 359 13.80 30.06 18.10
C GLU C 359 12.78 29.00 17.70
N GLU C 360 13.22 27.87 17.16
CA GLU C 360 12.30 26.85 16.66
C GLU C 360 12.04 25.74 17.67
N ASN C 361 12.67 25.81 18.86
CA ASN C 361 12.61 24.76 19.88
C ASN C 361 13.10 23.42 19.31
N TYR C 362 14.16 23.47 18.48
CA TYR C 362 14.74 22.24 17.95
C TYR C 362 15.74 21.70 18.95
N ASN C 363 15.52 20.46 19.43
CA ASN C 363 16.55 19.75 20.16
C ASN C 363 17.62 19.25 19.19
N LYS C 364 17.17 18.62 18.11
CA LYS C 364 18.04 18.18 17.03
C LYS C 364 17.53 18.83 15.75
N LEU C 365 18.46 19.09 14.83
CA LEU C 365 18.10 19.67 13.54
C LEU C 365 17.40 18.60 12.71
N PRO C 366 16.24 18.92 12.08
CA PRO C 366 15.60 18.00 11.14
C PRO C 366 16.59 17.49 10.09
N ALA C 367 16.29 16.31 9.54
CA ALA C 367 17.11 15.73 8.49
C ALA C 367 17.15 16.68 7.29
N ILE C 368 18.33 16.78 6.65
CA ILE C 368 18.52 17.61 5.47
C ILE C 368 19.13 16.78 4.35
N THR C 369 18.57 16.97 3.15
CA THR C 369 19.12 16.42 1.93
C THR C 369 19.53 17.57 1.01
N LEU C 370 20.75 17.50 0.49
CA LEU C 370 21.24 18.39 -0.56
C LEU C 370 21.12 17.63 -1.88
N THR C 371 20.26 18.14 -2.78
CA THR C 371 20.05 17.51 -4.07
C THR C 371 20.80 18.28 -5.16
N TYR C 372 21.53 17.57 -6.01
CA TYR C 372 22.25 18.15 -7.13
C TYR C 372 21.97 17.36 -8.41
N SER C 373 22.34 17.95 -9.56
CA SER C 373 22.09 17.31 -10.84
C SER C 373 23.30 16.46 -11.20
N THR C 374 23.00 15.26 -11.71
CA THR C 374 23.99 14.22 -11.85
C THR C 374 25.06 14.66 -12.85
N LYS C 375 26.26 14.92 -12.33
CA LYS C 375 27.41 15.34 -13.10
C LYS C 375 28.60 15.40 -12.14
N PRO C 376 29.83 14.99 -12.54
CA PRO C 376 30.97 14.98 -11.63
C PRO C 376 31.25 16.30 -10.94
N GLU C 377 31.17 17.44 -11.67
CA GLU C 377 31.50 18.72 -11.04
C GLU C 377 30.49 19.05 -9.95
N HIS C 378 29.21 18.72 -10.16
CA HIS C 378 28.18 19.02 -9.17
C HIS C 378 28.31 18.12 -7.94
N LYS C 379 28.71 16.87 -8.18
CA LYS C 379 28.99 15.94 -7.09
C LYS C 379 30.12 16.49 -6.22
N LYS C 380 31.21 16.88 -6.87
CA LYS C 380 32.39 17.35 -6.14
C LYS C 380 32.08 18.57 -5.28
N ILE C 381 31.30 19.52 -5.82
CA ILE C 381 30.97 20.71 -5.08
C ILE C 381 30.01 20.34 -3.94
N ALA C 382 29.02 19.48 -4.22
CA ALA C 382 28.09 19.04 -3.21
C ALA C 382 28.82 18.36 -2.04
N GLU C 383 29.78 17.49 -2.36
CA GLU C 383 30.56 16.80 -1.32
C GLU C 383 31.33 17.82 -0.48
N ALA C 384 31.95 18.82 -1.12
CA ALA C 384 32.68 19.84 -0.38
C ALA C 384 31.73 20.61 0.55
N ILE C 385 30.51 20.94 0.06
CA ILE C 385 29.52 21.63 0.88
C ILE C 385 29.10 20.75 2.08
N GLN C 386 28.90 19.46 1.81
CA GLN C 386 28.58 18.50 2.85
C GLN C 386 29.66 18.51 3.91
N GLN C 387 30.93 18.43 3.51
CA GLN C 387 32.01 18.36 4.47
C GLN C 387 32.11 19.66 5.27
N LYS C 388 31.97 20.79 4.59
CA LYS C 388 32.01 22.09 5.22
C LYS C 388 30.93 22.27 6.27
N LEU C 389 29.68 21.90 5.95
CA LEU C 389 28.59 21.98 6.92
C LEU C 389 28.85 21.07 8.14
N LYS C 390 29.39 19.87 7.90
CA LYS C 390 29.71 18.95 9.00
C LYS C 390 30.78 19.57 9.91
N ASN C 391 31.86 20.08 9.31
CA ASN C 391 33.00 20.54 10.07
C ASN C 391 32.73 21.88 10.74
N SER C 392 32.02 22.80 10.07
CA SER C 392 31.77 24.11 10.64
C SER C 392 30.56 24.12 11.55
N LEU C 393 29.52 23.32 11.23
CA LEU C 393 28.26 23.45 11.95
C LEU C 393 27.85 22.14 12.67
N GLY C 394 28.61 21.07 12.49
CA GLY C 394 28.21 19.76 12.98
C GLY C 394 26.87 19.30 12.42
N VAL C 395 26.58 19.70 11.16
CA VAL C 395 25.34 19.31 10.52
C VAL C 395 25.61 18.18 9.54
N ASP C 396 24.68 17.21 9.53
CA ASP C 396 24.78 16.05 8.66
C ASP C 396 23.80 16.18 7.51
N VAL C 397 24.30 16.51 6.31
CA VAL C 397 23.40 16.52 5.17
C VAL C 397 23.66 15.27 4.35
N LYS C 398 22.61 14.67 3.82
CA LYS C 398 22.75 13.57 2.90
C LYS C 398 22.62 14.08 1.48
N LEU C 399 23.32 13.42 0.54
CA LEU C 399 23.28 13.83 -0.85
C LEU C 399 22.27 12.99 -1.61
N ALA C 400 21.65 13.65 -2.59
CA ALA C 400 20.75 13.01 -3.54
C ALA C 400 21.07 13.62 -4.90
N ASN C 401 20.82 12.85 -5.95
CA ASN C 401 21.08 13.39 -7.28
C ASN C 401 20.04 12.90 -8.27
N MET C 402 19.83 13.73 -9.31
CA MET C 402 18.88 13.46 -10.37
C MET C 402 19.45 14.01 -11.68
N GLU C 403 19.10 13.38 -12.80
CA GLU C 403 19.45 13.92 -14.11
C GLU C 403 18.84 15.31 -14.23
N TRP C 404 19.56 16.20 -14.91
CA TRP C 404 19.20 17.60 -15.06
C TRP C 404 17.74 17.83 -15.47
N ASN C 405 17.27 17.13 -16.50
CA ASN C 405 15.93 17.36 -17.03
C ASN C 405 14.86 17.21 -15.95
N VAL C 406 14.92 16.12 -15.19
CA VAL C 406 13.93 15.85 -14.16
C VAL C 406 14.26 16.62 -12.89
N PHE C 407 15.55 16.88 -12.64
CA PHE C 407 16.01 17.75 -11.57
C PHE C 407 15.36 19.13 -11.67
N LEU C 408 15.40 19.71 -12.88
CA LEU C 408 14.83 21.04 -13.12
C LEU C 408 13.34 21.05 -12.81
N GLU C 409 12.63 20.03 -13.29
CA GLU C 409 11.17 20.05 -13.08
C GLU C 409 10.81 19.96 -11.61
N ASP C 410 11.53 19.10 -10.86
CA ASP C 410 11.31 18.98 -9.43
C ASP C 410 11.71 20.25 -8.68
N GLN C 411 12.76 20.91 -9.14
CA GLN C 411 13.19 22.15 -8.51
C GLN C 411 12.10 23.21 -8.67
N LYS C 412 11.58 23.36 -9.89
CA LYS C 412 10.50 24.31 -10.14
C LYS C 412 9.24 23.98 -9.34
N ALA C 413 9.02 22.69 -9.05
CA ALA C 413 7.85 22.26 -8.29
C ALA C 413 8.07 22.40 -6.78
N LEU C 414 9.21 23.03 -6.37
CA LEU C 414 9.57 23.25 -4.98
C LEU C 414 9.67 21.95 -4.19
N LYS C 415 10.20 20.90 -4.84
CA LYS C 415 10.27 19.60 -4.21
C LYS C 415 11.57 19.40 -3.43
N PHE C 416 12.51 20.33 -3.48
CA PHE C 416 13.79 20.13 -2.81
C PHE C 416 14.00 21.09 -1.65
N GLN C 417 14.45 20.52 -0.52
CA GLN C 417 14.88 21.24 0.66
C GLN C 417 16.04 22.19 0.38
N PHE C 418 17.01 21.72 -0.41
CA PHE C 418 18.31 22.33 -0.53
C PHE C 418 18.96 21.82 -1.81
N SER C 419 19.11 22.70 -2.83
CA SER C 419 19.41 22.20 -4.16
C SER C 419 20.35 23.11 -4.96
N GLN C 420 21.22 22.42 -5.71
CA GLN C 420 22.13 22.99 -6.68
C GLN C 420 21.35 23.86 -7.66
N SER C 421 21.90 25.06 -7.89
CA SER C 421 21.25 26.05 -8.73
C SER C 421 22.25 26.73 -9.66
N SER C 422 21.73 27.20 -10.80
CA SER C 422 22.49 27.97 -11.78
C SER C 422 21.62 29.10 -12.32
N PHE C 423 22.24 30.28 -12.49
CA PHE C 423 21.54 31.42 -13.07
C PHE C 423 22.42 32.05 -14.13
N LEU C 424 21.85 32.23 -15.31
CA LEU C 424 22.46 32.99 -16.40
C LEU C 424 21.49 34.10 -16.75
N PRO C 425 21.93 35.37 -16.82
CA PRO C 425 20.97 36.45 -17.13
C PRO C 425 20.46 36.37 -18.57
N ASP C 426 19.24 36.88 -18.78
CA ASP C 426 18.59 36.79 -20.08
C ASP C 426 18.86 38.04 -20.92
N TYR C 427 19.29 39.11 -20.24
CA TYR C 427 19.72 40.35 -20.90
C TYR C 427 20.68 41.06 -19.95
N ALA C 428 21.44 42.04 -20.43
CA ALA C 428 22.63 42.48 -19.72
C ALA C 428 22.33 43.61 -18.74
N ASP C 429 21.51 43.30 -17.74
CA ASP C 429 21.21 44.24 -16.68
C ASP C 429 21.06 43.51 -15.35
N PRO C 430 21.45 44.11 -14.21
CA PRO C 430 21.23 43.44 -12.93
C PRO C 430 19.79 43.05 -12.62
N ILE C 431 18.78 43.71 -13.23
CA ILE C 431 17.39 43.39 -12.96
C ILE C 431 17.04 41.98 -13.47
N SER C 432 17.78 41.51 -14.47
CA SER C 432 17.58 40.15 -14.97
C SER C 432 17.77 39.15 -13.83
N PHE C 433 18.82 39.37 -13.04
CA PHE C 433 19.09 38.56 -11.85
C PHE C 433 18.01 38.80 -10.80
N LEU C 434 17.84 40.07 -10.40
CA LEU C 434 17.04 40.37 -9.23
C LEU C 434 15.55 40.08 -9.43
N GLU C 435 15.01 40.14 -10.67
CA GLU C 435 13.59 39.83 -10.85
C GLU C 435 13.29 38.37 -10.50
N ALA C 436 14.32 37.53 -10.46
CA ALA C 436 14.17 36.09 -10.19
C ALA C 436 13.52 35.85 -8.83
N PHE C 437 13.73 36.75 -7.85
CA PHE C 437 13.32 36.44 -6.47
C PHE C 437 12.06 37.18 -6.06
N GLN C 438 11.30 37.70 -7.04
CA GLN C 438 9.95 38.14 -6.75
C GLN C 438 9.12 36.94 -6.32
N THR C 439 8.13 37.22 -5.47
CA THR C 439 7.18 36.23 -5.03
C THR C 439 6.70 35.44 -6.24
N GLY C 440 6.80 34.11 -6.14
CA GLY C 440 6.18 33.21 -7.10
C GLY C 440 6.84 33.18 -8.49
N ASN C 441 7.97 33.86 -8.68
CA ASN C 441 8.60 33.97 -10.00
C ASN C 441 9.15 32.61 -10.42
N SER C 442 9.16 32.36 -11.74
CA SER C 442 9.57 31.08 -12.29
C SER C 442 11.02 30.74 -11.93
N MET C 443 11.83 31.78 -11.64
CA MET C 443 13.24 31.60 -11.34
C MET C 443 13.53 31.75 -9.85
N ASN C 444 12.47 31.81 -9.03
CA ASN C 444 12.62 31.91 -7.58
C ASN C 444 12.89 30.50 -7.03
N ARG C 445 11.84 29.69 -6.93
CA ARG C 445 11.95 28.26 -6.64
C ARG C 445 12.43 28.05 -5.20
N THR C 446 12.23 29.04 -4.31
CA THR C 446 12.60 28.88 -2.90
C THR C 446 11.41 29.05 -1.96
N GLY C 447 10.31 29.63 -2.47
CA GLY C 447 9.18 29.98 -1.63
C GLY C 447 9.35 31.33 -0.97
N TRP C 448 10.51 31.96 -1.09
CA TRP C 448 10.76 33.26 -0.46
C TRP C 448 9.80 34.27 -1.06
N ALA C 449 9.07 34.99 -0.19
CA ALA C 449 8.05 35.91 -0.62
C ALA C 449 8.09 37.13 0.30
N ASN C 450 8.79 38.17 -0.17
CA ASN C 450 9.14 39.32 0.64
C ASN C 450 8.53 40.55 -0.04
N LYS C 451 7.57 41.18 0.65
CA LYS C 451 6.82 42.32 0.14
C LYS C 451 7.76 43.49 -0.17
N GLU C 452 8.73 43.75 0.69
CA GLU C 452 9.65 44.86 0.48
C GLU C 452 10.54 44.63 -0.75
N TYR C 453 10.97 43.39 -0.96
CA TYR C 453 11.73 43.05 -2.15
C TYR C 453 10.91 43.26 -3.44
N ASP C 454 9.69 42.75 -3.39
CA ASP C 454 8.77 42.81 -4.52
C ASP C 454 8.56 44.27 -4.91
N GLN C 455 8.43 45.13 -3.89
CA GLN C 455 8.24 46.56 -4.12
C GLN C 455 9.47 47.21 -4.73
N LEU C 456 10.66 46.85 -4.21
CA LEU C 456 11.88 47.41 -4.76
C LEU C 456 11.99 47.02 -6.25
N ILE C 457 11.58 45.79 -6.59
CA ILE C 457 11.65 45.32 -7.97
C ILE C 457 10.68 46.14 -8.83
N LYS C 458 9.42 46.22 -8.39
CA LYS C 458 8.40 47.01 -9.06
C LYS C 458 8.87 48.45 -9.22
N GLN C 459 9.39 49.04 -8.16
CA GLN C 459 9.91 50.41 -8.25
C GLN C 459 11.01 50.48 -9.28
N ALA C 460 11.97 49.53 -9.23
CA ALA C 460 13.10 49.61 -10.13
C ALA C 460 12.65 49.48 -11.59
N LYS C 461 11.62 48.68 -11.84
CA LYS C 461 11.13 48.45 -13.21
C LYS C 461 10.37 49.68 -13.71
N ASN C 462 9.95 50.57 -12.81
CA ASN C 462 9.12 51.72 -13.17
C ASN C 462 9.93 53.02 -13.10
N GLU C 463 11.18 52.95 -12.65
CA GLU C 463 11.97 54.13 -12.36
C GLU C 463 12.61 54.70 -13.63
N ALA C 464 12.41 56.03 -13.81
CA ALA C 464 12.85 56.77 -14.98
C ALA C 464 14.34 57.06 -14.94
N ASP C 465 14.91 57.26 -13.72
CA ASP C 465 16.30 57.67 -13.62
C ASP C 465 17.18 56.45 -13.38
N GLU C 466 18.20 56.25 -14.23
CA GLU C 466 19.05 55.06 -14.17
C GLU C 466 19.88 55.08 -12.88
N LYS C 467 20.28 56.27 -12.42
CA LYS C 467 21.02 56.40 -11.18
C LYS C 467 20.21 55.81 -10.01
N THR C 468 18.94 56.18 -9.93
CA THR C 468 18.05 55.72 -8.88
C THR C 468 17.69 54.24 -9.05
N ARG C 469 17.47 53.81 -10.29
CA ARG C 469 17.21 52.41 -10.54
C ARG C 469 18.36 51.56 -10.00
N PHE C 470 19.61 51.97 -10.24
CA PHE C 470 20.75 51.17 -9.80
C PHE C 470 20.88 51.18 -8.27
N SER C 471 20.57 52.32 -7.63
CA SER C 471 20.45 52.38 -6.18
C SER C 471 19.40 51.40 -5.64
N LEU C 472 18.20 51.42 -6.23
CA LEU C 472 17.13 50.52 -5.83
C LEU C 472 17.57 49.04 -5.98
N MET C 473 18.35 48.73 -7.02
CA MET C 473 18.76 47.34 -7.26
C MET C 473 19.78 46.88 -6.19
N HIS C 474 20.68 47.78 -5.77
CA HIS C 474 21.60 47.45 -4.68
C HIS C 474 20.83 47.21 -3.39
N GLN C 475 19.78 48.01 -3.12
CA GLN C 475 18.99 47.81 -1.92
C GLN C 475 18.35 46.43 -1.95
N ALA C 476 17.81 46.05 -3.12
CA ALA C 476 17.05 44.81 -3.23
C ALA C 476 17.98 43.63 -2.97
N GLU C 477 19.19 43.69 -3.53
CA GLU C 477 20.16 42.61 -3.46
C GLU C 477 20.62 42.41 -2.02
N GLU C 478 20.90 43.52 -1.34
CA GLU C 478 21.33 43.47 0.05
C GLU C 478 20.29 42.76 0.91
N LEU C 479 19.01 43.02 0.66
CA LEU C 479 17.90 42.40 1.36
C LEU C 479 17.77 40.89 1.08
N LEU C 480 17.95 40.53 -0.21
CA LEU C 480 17.95 39.13 -0.62
C LEU C 480 19.04 38.35 0.12
N ILE C 481 20.28 38.82 0.02
CA ILE C 481 21.44 38.16 0.60
C ILE C 481 21.28 38.07 2.13
N ASN C 482 20.77 39.15 2.76
CA ASN C 482 20.56 39.20 4.20
C ASN C 482 19.57 38.14 4.65
N GLU C 483 18.51 37.90 3.87
CA GLU C 483 17.51 36.92 4.25
C GLU C 483 17.88 35.50 3.78
N ALA C 484 18.92 35.38 2.96
CA ALA C 484 19.56 34.10 2.63
C ALA C 484 18.56 33.00 2.22
N PRO C 485 17.69 33.22 1.20
CA PRO C 485 16.97 32.09 0.62
C PRO C 485 17.89 31.28 -0.28
N ILE C 486 19.09 31.82 -0.50
CA ILE C 486 20.13 31.27 -1.36
C ILE C 486 21.47 31.38 -0.64
N ILE C 487 22.41 30.57 -1.13
CA ILE C 487 23.84 30.66 -0.85
C ILE C 487 24.57 30.81 -2.17
N PRO C 488 25.21 31.97 -2.43
CA PRO C 488 26.06 32.16 -3.60
C PRO C 488 27.31 31.32 -3.42
N VAL C 489 27.78 30.74 -4.53
CA VAL C 489 28.99 29.95 -4.47
C VAL C 489 30.06 30.58 -5.35
N TYR C 490 29.87 30.64 -6.67
CA TYR C 490 30.90 31.25 -7.50
C TYR C 490 30.29 31.83 -8.78
N PHE C 491 31.01 32.84 -9.34
CA PHE C 491 30.59 33.42 -10.60
C PHE C 491 31.30 32.73 -11.75
N TYR C 492 30.56 32.53 -12.84
CA TYR C 492 31.09 31.80 -13.98
C TYR C 492 32.14 32.58 -14.75
N ASN C 493 32.92 31.83 -15.50
CA ASN C 493 33.58 32.33 -16.69
C ASN C 493 33.33 31.31 -17.80
N GLN C 494 34.02 31.49 -18.93
CA GLN C 494 33.87 30.62 -20.08
C GLN C 494 35.23 30.20 -20.63
N VAL C 495 36.23 29.96 -19.76
CA VAL C 495 37.56 29.67 -20.28
C VAL C 495 37.50 28.35 -21.06
N HIS C 496 37.98 28.37 -22.32
CA HIS C 496 37.85 27.26 -23.25
C HIS C 496 39.20 26.99 -23.93
N LEU C 497 39.38 25.74 -24.36
CA LEU C 497 40.41 25.36 -25.33
C LEU C 497 39.76 25.32 -26.71
N GLN C 498 40.53 25.61 -27.76
CA GLN C 498 39.98 25.63 -29.11
C GLN C 498 41.04 25.21 -30.12
N ASN C 499 40.68 24.28 -31.00
CA ASN C 499 41.46 24.00 -32.22
C ASN C 499 41.92 25.33 -32.84
N GLU C 500 43.23 25.47 -33.08
CA GLU C 500 43.81 26.65 -33.75
C GLU C 500 43.32 26.75 -35.20
N GLN C 501 42.93 25.64 -35.83
CA GLN C 501 42.39 25.67 -37.18
C GLN C 501 40.94 26.17 -37.20
N VAL C 502 40.38 26.45 -36.01
CA VAL C 502 39.01 26.95 -35.88
C VAL C 502 39.07 28.40 -35.42
N LYS C 503 38.33 29.28 -36.12
CA LYS C 503 38.17 30.68 -35.73
C LYS C 503 36.75 31.13 -36.09
N GLY C 504 36.35 32.29 -35.57
CA GLY C 504 35.06 32.89 -35.87
C GLY C 504 33.92 32.39 -35.00
N ILE C 505 34.22 31.61 -33.94
CA ILE C 505 33.19 31.27 -32.96
C ILE C 505 33.01 32.49 -32.07
N VAL C 506 31.75 32.88 -31.86
CA VAL C 506 31.42 34.02 -31.02
C VAL C 506 30.64 33.50 -29.82
N ARG C 507 31.29 33.59 -28.67
CA ARG C 507 30.73 33.37 -27.37
C ARG C 507 30.38 34.75 -26.82
N HIS C 508 29.21 34.88 -26.19
CA HIS C 508 28.79 36.16 -25.65
C HIS C 508 28.86 36.12 -24.14
N PRO C 509 29.13 37.27 -23.46
CA PRO C 509 29.03 37.34 -22.01
C PRO C 509 27.60 37.12 -21.52
N VAL C 510 26.62 37.57 -22.32
CA VAL C 510 25.20 37.36 -22.05
C VAL C 510 24.56 36.86 -23.35
N GLY C 511 24.21 35.57 -23.39
CA GLY C 511 23.56 34.97 -24.54
C GLY C 511 24.32 33.70 -24.96
N TYR C 512 23.86 33.12 -26.06
CA TYR C 512 24.18 31.76 -26.46
C TYR C 512 25.15 31.78 -27.63
N ILE C 513 25.90 30.69 -27.77
CA ILE C 513 27.03 30.60 -28.69
C ILE C 513 26.51 30.79 -30.12
N ASP C 514 27.29 31.54 -30.90
CA ASP C 514 27.03 31.77 -32.32
C ASP C 514 28.14 31.16 -33.17
N LEU C 515 27.76 30.22 -34.03
CA LEU C 515 28.67 29.47 -34.88
C LEU C 515 28.57 29.89 -36.36
N LYS C 516 27.60 30.74 -36.76
CA LYS C 516 27.37 30.98 -38.19
C LYS C 516 28.57 31.66 -38.90
N TRP C 517 29.44 32.33 -38.16
CA TRP C 517 30.60 33.06 -38.70
C TRP C 517 31.90 32.28 -38.53
N ALA C 518 31.80 31.03 -38.05
CA ALA C 518 33.00 30.28 -37.73
C ALA C 518 33.52 29.53 -38.95
N ASP C 519 34.82 29.20 -38.91
CA ASP C 519 35.46 28.50 -40.01
C ASP C 519 36.57 27.59 -39.48
N LYS C 520 36.95 26.61 -40.32
CA LYS C 520 37.95 25.60 -39.98
C LYS C 520 38.90 25.37 -41.17
C1 MHI D . -7.35 0.40 -5.52
N1 MHI D . -6.30 1.76 -3.74
O1 MHI D . -8.59 3.12 -4.04
C2 MHI D . -6.87 1.79 -5.10
N2 MHI D . -8.40 3.25 -6.28
O2 MHI D . -9.68 6.37 -7.38
C3 MHI D . -8.03 2.80 -5.09
N3 MHI D . -13.74 1.97 -6.07
O3 MHI D . -7.91 5.16 -8.10
C4 MHI D . -9.47 4.23 -6.45
N4 MHI D . -18.94 -1.89 -2.54
O4 MHI D . -12.40 1.14 -7.66
C5 MHI D . -8.99 5.35 -7.38
O5 MHI D . -16.02 3.26 -6.96
C6 MHI D . -10.75 3.60 -7.03
O6 MHI D . -16.48 1.42 -8.11
C7 MHI D . -11.40 2.63 -6.05
O7 MHI D . -19.89 -1.07 -5.84
C8 MHI D . -12.56 1.86 -6.68
O8 MHI D . -20.39 0.01 -3.91
C9 MHI D . -14.93 1.20 -6.34
C10 MHI D . -15.92 2.03 -7.20
C11 MHI D . -15.57 0.73 -5.04
C12 MHI D . -16.78 -0.16 -5.22
C13 MHI D . -17.31 -0.59 -3.86
C15 MHI D . -19.71 -0.81 -4.62
C14 MHI D . -18.54 -1.50 -3.91
H1 MHI D . -6.91 1.43 -3.14
H11C MHI D . -8.32 0.34 -5.43
H12C MHI D . -6.94 -0.27 -4.96
H13C MHI D . -7.11 0.25 -6.45
H2 MHI D . -6.19 2.10 -5.72
H11N MHI D . -6.07 2.61 -3.47
H12N MHI D . -5.56 1.23 -3.72
HA MHI D . -8.00 2.96 -7.00
H4 MHI D . -9.69 4.62 -5.57
H3 MHI D . -13.81 2.55 -5.43
H9 MHI D . -14.68 0.39 -6.86
H61C MHI D . -10.51 3.13 -7.86
H62C MHI D . -11.38 4.31 -7.26
H41N MHI D . -19.65 -2.46 -2.57
H42N MHI D . -19.17 -1.15 -2.06
H14 MHI D . -18.32 -2.33 -4.41
H71C MHI D . -11.73 3.12 -5.27
H72C MHI D . -10.74 1.99 -5.73
H111 MHI D . -15.84 1.52 -4.52
H112 MHI D . -14.90 0.24 -4.52
H121 MHI D . -16.54 -0.95 -5.75
H122 MHI D . -17.48 0.33 -5.71
H131 MHI D . -17.54 0.21 -3.35
H132 MHI D . -16.60 -1.07 -3.39
H5 MHI D . -18.25 -2.31 -2.12
MG MG E . 9.41 12.35 -10.47
C1 EDO F . -2.40 13.20 -14.52
O1 EDO F . -1.52 13.02 -13.42
C2 EDO F . -3.03 11.95 -14.98
O2 EDO F . -4.32 12.10 -15.58
H11 EDO F . -1.90 13.59 -15.26
H12 EDO F . -3.10 13.83 -14.26
HO1 EDO F . -1.19 13.79 -13.22
H21 EDO F . -3.12 11.34 -14.21
H22 EDO F . -2.43 11.51 -15.62
HO2 EDO F . -4.25 12.62 -16.24
C1 EDO G . 5.28 1.78 1.25
O1 EDO G . 5.15 2.57 2.41
C2 EDO G . 3.95 1.50 0.65
O2 EDO G . 3.30 2.64 0.16
H11 EDO G . 5.72 0.94 1.48
H12 EDO G . 5.83 2.26 0.60
HO1 EDO G . 5.91 2.70 2.73
H21 EDO G . 3.38 1.07 1.34
H22 EDO G . 4.06 0.85 -0.08
HO2 EDO G . 3.80 3.03 -0.40
C1 EDO H . 3.08 -0.96 8.74
O1 EDO H . 3.81 -0.93 7.54
C2 EDO H . 1.99 -1.94 8.69
O2 EDO H . 2.56 -3.17 8.90
H11 EDO H . 2.71 -0.07 8.90
H12 EDO H . 3.68 -1.18 9.48
HO1 EDO H . 4.42 -0.36 7.60
H21 EDO H . 1.54 -1.92 7.82
H22 EDO H . 1.33 -1.74 9.39
HO2 EDO H . 2.86 -3.47 8.16
C1 EDO I . -16.59 1.73 -11.25
O1 EDO I . -16.01 2.96 -10.90
C2 EDO I . -17.01 1.62 -12.69
O2 EDO I . -18.18 0.81 -12.81
H11 EDO I . -17.38 1.59 -10.68
H12 EDO I . -15.96 1.02 -11.06
HO1 EDO I . -15.78 2.94 -10.08
H21 EDO I . -16.29 1.21 -13.22
H22 EDO I . -17.19 2.51 -13.05
HO2 EDO I . -18.00 0.01 -12.62
C1 EDO J . -18.01 -9.06 -9.94
O1 EDO J . -19.15 -9.59 -9.29
C2 EDO J . -17.40 -7.90 -9.23
O2 EDO J . -17.99 -6.66 -9.56
H11 EDO J . -18.27 -8.76 -10.84
H12 EDO J . -17.33 -9.75 -10.03
HO1 EDO J . -19.47 -10.23 -9.73
H21 EDO J . -16.46 -7.87 -9.44
H22 EDO J . -17.50 -8.04 -8.27
HO2 EDO J . -18.80 -6.65 -9.32
C1 EDO K . -4.66 -7.63 -2.15
O1 EDO K . -4.85 -6.26 -2.42
C2 EDO K . -4.37 -7.85 -0.71
O2 EDO K . -3.41 -6.95 -0.17
H11 EDO K . -3.90 -7.96 -2.68
H12 EDO K . -5.46 -8.13 -2.40
HO1 EDO K . -4.99 -6.15 -3.24
H21 EDO K . -4.03 -8.77 -0.60
H22 EDO K . -5.20 -7.77 -0.22
HO2 EDO K . -3.70 -6.15 -0.23
C1 EDO L . 8.87 -15.47 -20.17
O1 EDO L . 9.44 -14.15 -20.11
C2 EDO L . 9.60 -16.49 -19.36
O2 EDO L . 9.24 -17.83 -19.66
H11 EDO L . 8.86 -15.77 -21.10
H12 EDO L . 7.94 -15.44 -19.86
HO1 EDO L . 8.98 -13.62 -20.59
H21 EDO L . 9.41 -16.32 -18.41
H22 EDO L . 10.56 -16.37 -19.51
HO2 EDO L . 9.46 -18.01 -20.46
C1 EDO M . -14.17 -28.10 -14.91
O1 EDO M . -13.11 -28.86 -15.47
C2 EDO M . -15.50 -28.76 -15.10
O2 EDO M . -15.70 -29.23 -16.41
H11 EDO M . -14.19 -27.22 -15.34
H12 EDO M . -14.02 -27.97 -13.95
HO1 EDO M . -12.37 -28.45 -15.34
H21 EDO M . -16.20 -28.12 -14.87
H22 EDO M . -15.57 -29.51 -14.48
HO2 EDO M . -15.47 -28.63 -16.97
C1 EDO N . -6.80 8.92 19.34
O1 EDO N . -6.72 9.77 20.47
C2 EDO N . -7.79 7.85 19.51
O2 EDO N . -7.29 6.78 20.28
H11 EDO N . -5.92 8.53 19.18
H12 EDO N . -7.04 9.46 18.56
HO1 EDO N . -6.16 10.40 20.38
H21 EDO N . -8.03 7.51 18.62
H22 EDO N . -8.59 8.21 19.92
HO2 EDO N . -7.22 7.03 21.09
C1 EDO O . -5.79 19.88 13.26
O1 EDO O . -4.76 20.84 13.28
C2 EDO O . -5.60 18.70 14.16
O2 EDO O . -4.26 18.37 14.46
H11 EDO O . -5.89 19.56 12.35
H12 EDO O . -6.62 20.32 13.51
HO1 EDO O . -4.96 21.48 12.76
H21 EDO O . -6.03 17.93 13.74
H22 EDO O . -6.06 18.88 15.01
HO2 EDO O . -3.96 18.89 15.05
C1 EDO P . -1.66 -22.05 2.74
O1 EDO P . -0.95 -20.93 3.25
C2 EDO P . -1.13 -23.33 3.27
O2 EDO P . -1.24 -23.40 4.69
H11 EDO P . -1.59 -22.06 1.75
H12 EDO P . -2.61 -21.97 2.98
HO1 EDO P . -1.31 -20.24 2.94
H21 EDO P . -0.18 -23.40 3.02
H22 EDO P . -1.62 -24.06 2.87
HO2 EDO P . -0.68 -23.96 4.99
C1 EDO Q . -18.81 5.04 -12.92
O1 EDO Q . -18.49 4.06 -13.91
C2 EDO Q . -18.56 4.58 -11.54
O2 EDO Q . -17.41 5.17 -10.97
H11 EDO Q . -19.76 5.27 -13.01
H12 EDO Q . -18.28 5.83 -13.09
HO1 EDO Q . -18.64 4.35 -14.69
H21 EDO Q . -18.46 3.61 -11.55
H22 EDO Q . -19.34 4.80 -11.00
HO2 EDO Q . -17.61 5.95 -10.72
C1 EDO R . -7.69 -22.40 -0.55
O1 EDO R . -8.74 -23.33 -0.48
C2 EDO R . -8.16 -21.12 -0.03
O2 EDO R . -7.93 -20.95 1.35
H11 EDO R . -7.40 -22.30 -1.49
H12 EDO R . -6.93 -22.72 -0.02
HO1 EDO R . -8.50 -24.08 -0.79
H21 EDO R . -9.12 -21.05 -0.20
H22 EDO R . -7.71 -20.39 -0.51
HO2 EDO R . -8.41 -21.51 1.78
C1 MHI S . -10.30 -30.56 24.14
N1 MHI S . -7.92 -30.93 23.74
O1 MHI S . -8.79 -33.23 22.75
C2 MHI S . -9.14 -31.50 24.38
N2 MHI S . -10.17 -33.70 24.49
O2 MHI S . -10.06 -37.26 24.99
C3 MHI S . -9.36 -32.89 23.80
N3 MHI S . -13.63 -35.07 20.58
O3 MHI S . -10.15 -35.56 26.44
C4 MHI S . -10.38 -35.08 24.09
N4 MHI S . -16.29 -33.43 13.91
O4 MHI S . -14.27 -34.04 22.47
C5 MHI S . -10.18 -36.05 25.27
O5 MHI S . -16.71 -36.49 20.03
C6 MHI S . -11.76 -35.28 23.49
O6 MHI S . -14.75 -37.43 19.74
C7 MHI S . -11.94 -34.52 22.19
O7 MHI S . -17.09 -36.13 14.36
C8 MHI S . -13.39 -34.52 21.76
O8 MHI S . -18.50 -35.32 15.87
C9 MHI S . -14.88 -35.05 19.87
C10 MHI S . -15.50 -36.46 19.92
C11 MHI S . -14.65 -34.65 18.41
C12 MHI S . -15.93 -34.48 17.59
C13 MHI S . -15.52 -34.13 16.17
C15 MHI S . -17.52 -35.21 15.14
C14 MHI S . -16.72 -33.91 15.25
H1 MHI S . -8.09 -30.74 22.87
H11C MHI S . -10.84 -30.88 23.40
H12C MHI S . -9.97 -29.67 23.93
H13C MHI S . -10.86 -30.51 24.93
H2 MHI S . -8.98 -31.58 25.34
H11N MHI S . -7.24 -31.54 23.79
H12N MHI S . -7.67 -30.18 24.18
HA MHI S . -10.58 -33.39 25.20
H4 MHI S . -9.72 -35.32 23.40
H3 MHI S . -12.98 -35.48 20.18
H9 MHI S . -15.49 -34.40 20.28
H61C MHI S . -12.44 -34.99 24.13
H62C MHI S . -11.91 -36.24 23.32
H41N MHI S . -16.43 -34.08 13.27
H42N MHI S . -15.39 -33.24 13.92
H14 MHI S . -17.30 -33.22 15.65
H71C MHI S . -11.39 -34.93 21.48
H72C MHI S . -11.64 -33.59 22.31
H111 MHI S . -14.11 -35.35 17.98
H112 MHI S . -14.14 -33.82 18.38
H121 MHI S . -16.46 -33.76 17.97
H122 MHI S . -16.45 -35.31 17.60
H131 MHI S . -14.97 -34.87 15.81
H132 MHI S . -14.98 -33.32 16.18
H5 MHI S . -16.74 -32.69 13.68
MG MG T . -40.21 -17.94 29.03
MG MG U . -36.02 -14.14 26.71
MG MG V . -11.88 -11.88 47.83
C1 EDO W . 2.02 -24.35 27.76
O1 EDO W . 3.05 -24.82 26.91
C2 EDO W . 0.69 -24.84 27.34
O2 EDO W . 0.64 -26.25 27.33
H11 EDO W . 2.02 -23.37 27.75
H12 EDO W . 2.20 -24.65 28.68
HO1 EDO W . 3.81 -24.52 27.17
H21 EDO W . 0.49 -24.51 26.45
H22 EDO W . 0.01 -24.50 27.96
HO2 EDO W . 0.93 -26.56 28.06
C1 EDO X . 3.13 -30.27 29.71
O1 EDO X . 2.14 -30.05 28.68
C2 EDO X . 2.88 -31.40 30.68
O2 EDO X . 3.49 -32.68 30.39
H11 EDO X . 3.22 -29.45 30.23
H12 EDO X . 3.99 -30.43 29.27
HO1 EDO X . 2.34 -29.40 28.17
H21 EDO X . 1.92 -31.53 30.75
H22 EDO X . 3.20 -31.11 31.56
HO2 EDO X . 3.66 -32.73 29.57
C1 EDO Y . -29.80 -9.12 39.67
O1 EDO Y . -29.44 -8.72 38.36
C2 EDO Y . -30.48 -10.44 39.68
O2 EDO Y . -29.97 -11.31 38.69
H11 EDO Y . -30.40 -8.45 40.05
H12 EDO Y . -29.00 -9.17 40.23
HO1 EDO Y . -29.06 -7.96 38.38
H21 EDO Y . -31.44 -10.31 39.55
H22 EDO Y . -30.35 -10.84 40.57
HO2 EDO Y . -30.17 -11.02 37.93
C1 EDO Z . -18.29 -12.02 41.77
O1 EDO Z . -17.48 -13.19 41.96
C2 EDO Z . -17.67 -10.76 42.28
O2 EDO Z . -18.44 -9.60 42.06
H11 EDO Z . -19.15 -12.16 42.24
H12 EDO Z . -18.48 -11.92 40.82
HO1 EDO Z . -17.87 -13.87 41.65
H21 EDO Z . -16.80 -10.65 41.84
H22 EDO Z . -17.51 -10.86 43.24
HO2 EDO Z . -18.56 -9.50 41.23
C1 EDO AA . -20.16 -33.22 11.79
O1 EDO AA . -20.73 -31.93 11.68
C2 EDO AA . -19.12 -33.29 12.86
O2 EDO AA . -18.61 -32.00 13.23
H11 EDO AA . -19.77 -33.48 10.94
H12 EDO AA . -20.87 -33.86 11.99
HO1 EDO AA . -21.32 -31.96 11.08
H21 EDO AA . -18.37 -33.84 12.52
H22 EDO AA . -19.48 -33.74 13.64
HO2 EDO AA . -19.25 -31.54 13.55
C1 MHI BA . 18.60 30.89 -18.96
N1 MHI BA . 17.80 32.52 -17.31
O1 MHI BA . 19.18 30.86 -15.68
C2 MHI BA . 17.81 31.07 -17.66
N2 MHI BA . 18.10 29.02 -16.42
O2 MHI BA . 17.62 26.77 -13.69
C3 MHI BA . 18.43 30.31 -16.49
N3 MHI BA . 23.16 26.94 -16.46
O3 MHI BA . 16.37 27.31 -15.48
C4 MHI BA . 18.60 28.12 -15.40
N4 MHI BA . 30.36 28.25 -17.35
O4 MHI BA . 21.67 26.34 -18.05
C5 MHI BA . 17.43 27.33 -14.80
O5 MHI BA . 24.57 23.85 -17.05
C6 MHI BA . 19.69 27.17 -15.92
O6 MHI BA . 24.38 24.80 -15.03
C7 MHI BA . 20.95 27.89 -16.36
O7 MHI BA . 30.55 26.00 -15.90
C8 MHI BA . 21.96 26.98 -17.03
O8 MHI BA . 29.51 24.83 -17.47
C9 MHI BA . 24.33 26.24 -16.94
C10 MHI BA . 24.43 24.85 -16.28
C11 MHI BA . 25.59 27.07 -16.68
C12 MHI BA . 26.84 26.62 -17.41
C13 MHI BA . 28.01 27.54 -17.07
C15 MHI BA . 29.87 25.89 -16.95
C14 MHI BA . 29.38 27.16 -17.62
H1 MHI BA . 18.65 32.82 -17.22
H11C MHI BA . 19.54 31.05 -18.78
H12C MHI BA . 18.28 31.53 -19.62
H13C MHI BA . 18.47 29.99 -19.28
H2 MHI BA . 16.89 30.78 -17.80
H11N MHI BA . 17.37 32.64 -16.51
H12N MHI BA . 17.38 33.00 -17.95
HA MHI BA . 17.56 28.68 -17.02
H4 MHI BA . 19.01 28.66 -14.67
H3 MHI BA . 23.27 27.39 -15.70
H9 MHI BA . 24.24 26.12 -17.92
H61C MHI BA . 19.31 26.68 -16.69
H62C MHI BA . 19.91 26.52 -15.23
H41N MHI BA . 31.17 28.03 -17.67
H42N MHI BA . 30.41 28.39 -16.45
H14 MHI BA . 29.32 27.03 -18.60
H71C MHI BA . 21.37 28.31 -15.58
H72C MHI BA . 20.72 28.61 -16.98
H111 MHI BA . 25.78 27.05 -15.72
H112 MHI BA . 25.40 28.00 -16.93
H121 MHI BA . 26.67 26.64 -18.38
H122 MHI BA . 27.06 25.70 -17.15
H131 MHI BA . 28.08 27.60 -16.09
H132 MHI BA . 27.79 28.44 -17.39
H5 MHI BA . 30.08 29.02 -17.75
C1 EDO CA . 24.59 55.24 -10.39
O1 EDO CA . 25.92 55.15 -10.93
C2 EDO CA . 24.40 54.51 -9.13
O2 EDO CA . 23.08 54.58 -8.62
H11 EDO CA . 23.96 54.89 -11.05
H12 EDO CA . 24.38 56.19 -10.25
HO1 EDO CA . 25.96 55.60 -11.65
H21 EDO CA . 25.01 54.89 -8.46
H22 EDO CA . 24.64 53.58 -9.26
HO2 EDO CA . 22.89 55.39 -8.44
C1 EDO DA . 42.25 30.06 -24.76
O1 EDO DA . 41.23 30.92 -24.26
C2 EDO DA . 42.01 29.72 -26.19
O2 EDO DA . 41.57 30.81 -26.96
H11 EDO DA . 42.27 29.25 -24.23
H12 EDO DA . 43.12 30.53 -24.69
HO1 EDO DA . 41.36 31.15 -23.46
H21 EDO DA . 41.34 29.00 -26.23
H22 EDO DA . 42.85 29.36 -26.57
HO2 EDO DA . 40.82 31.07 -26.69
C1 EDO EA . 19.24 49.57 -37.91
O1 EDO EA . 19.66 48.70 -38.95
C2 EDO EA . 17.80 49.43 -37.71
O2 EDO EA . 17.10 49.40 -38.93
H11 EDO EA . 19.45 50.50 -38.15
H12 EDO EA . 19.71 49.34 -37.09
HO1 EDO EA . 20.49 48.78 -39.08
H21 EDO EA . 17.47 50.18 -37.17
H22 EDO EA . 17.62 48.59 -37.22
HO2 EDO EA . 17.09 50.18 -39.28
C1 EDO FA . 21.99 44.13 -42.07
O1 EDO FA . 21.45 42.85 -42.40
C2 EDO FA . 21.22 45.26 -42.64
O2 EDO FA . 19.88 44.92 -42.94
H11 EDO FA . 22.92 44.16 -42.41
H12 EDO FA . 22.03 44.22 -41.10
HO1 EDO FA . 21.91 42.22 -42.05
H21 EDO FA . 21.67 45.57 -43.46
H22 EDO FA . 21.23 46.00 -42.00
HO2 EDO FA . 19.87 44.35 -43.56
C1 EDO GA . 9.91 42.47 -18.03
O1 EDO GA . 10.18 43.17 -16.81
C2 EDO GA . 10.02 41.00 -17.96
O2 EDO GA . 10.96 40.48 -17.04
H11 EDO GA . 10.54 42.79 -18.71
H12 EDO GA . 9.02 42.71 -18.33
HO1 EDO GA . 10.08 44.00 -16.95
H21 EDO GA . 10.24 40.65 -18.85
H22 EDO GA . 9.14 40.64 -17.72
HO2 EDO GA . 11.73 40.80 -17.21
#